data_5W1A
#
_entry.id   5W1A
#
_cell.length_a   108.554
_cell.length_b   148.582
_cell.length_c   148.734
_cell.angle_alpha   90.00
_cell.angle_beta   90.00
_cell.angle_gamma   90.00
#
_symmetry.space_group_name_H-M   'P 21 21 21'
#
loop_
_entity.id
_entity.type
_entity.pdbx_description
1 polymer 'Myosin heavy chain, muscle'
2 polymer 'Myosin light chain alkali'
3 non-polymer 'CITRATE ANION'
4 non-polymer GLYCEROL
5 non-polymer 1,2-ETHANEDIOL
6 water water
#
loop_
_entity_poly.entity_id
_entity_poly.type
_entity_poly.pdbx_seq_one_letter_code
_entity_poly.pdbx_strand_id
1 'polypeptide(L)'
;MPKPVANQEDEDPTPYLFVSLEQRRIDQSKPYDSKKSCWIPDEKEGYLLGEIKATKGDIVSVGLQGGEVRDIKSEKVEKV
NPPKFEKIEDMADMTVLNTPCVLHNLRQRYYAKLIYTYSGLFCVAINPYKRYPVYTNRCAKMYRGKRRNEVPPHIFAISD
GAYVDMLTNHVNQSMLITGESGAGKTENTKKVIAYFATVGASKKTDEAAKSKGSLEDQVVQTNPVLEAFGNAKTVRNDNS
SRFGKFIRIHFGPTGKLAGADIETYLLEKARVISQQSLERSYHIFYQIMSGSVPGVKDICLLTDNIYDYHIVSQGKVTVA
SIDDAEEFSLTDQAFDILGFTKQEKEDVYRITAAVMHMGGMKFKQRGREEQAEQDGEEEGGRVSKLFGCDTAELYKNLLK
PRIKVGNEFVTQGRNVQQVTNSIGALCKGVFDRLFKWLVKKCNETLDTQQKRQHFIGVLDIAGFEIFEYNGFEQLCINFT
NEKLQQFFNHHMFVLEQEEYKREGIDWAFIDFGMDLLACIDLIEKPMGILSILEEESMFPKATDQTFSEKLTNTHLGKSA
PFQKPKPPKPGQQAAHFAIAHYAGCVSYNITGWLEKNKDPLNDTVVDQFKKSQNKLLIEIFADHAGQSGGGEQAKGGRGK
KGGGFATVSSAYKEQLNSLMTTLRSTQPHFVRCIIPNEMKQPGVVDAHLVMHQLTCNGVLEGIRICRKGFPNRMMYPDFK
MRYQILNPKGIKGIEDPKKCTKVLIESTELNDDQYRLGNTKVFFRAGVLGQMEEFRDERLGKIMSWMQAWARGYLSRKGF
KKLQEQRVAL
;
A,C
2 'polypeptide(L)'
;MADVPKREVENVEFVFEVMGSPGEGIDAVDLGDALRALNLNPTLALIEKLGGTKKRNEKKIKLDEFLPIYSQVKKEKEQG
CYEDFIECLKLYDKEENGTMLLAELQHALLALGESLDDEQVETLFADCMDPEDDEGFIPYSPFLARMCDRPDQLK
;
B,D
#
# COMPACT_ATOMS: atom_id res chain seq x y z
N GLN A 8 -10.99 9.30 52.87
CA GLN A 8 -9.67 8.82 52.49
C GLN A 8 -9.06 9.69 51.39
N GLU A 9 -7.78 9.47 51.11
CA GLU A 9 -7.09 10.11 50.01
C GLU A 9 -6.71 9.04 48.99
N ASP A 10 -6.95 9.32 47.72
CA ASP A 10 -6.65 8.37 46.65
C ASP A 10 -5.15 8.37 46.38
N GLU A 11 -4.54 7.20 46.48
CA GLU A 11 -3.13 7.06 46.15
C GLU A 11 -2.87 7.50 44.71
N ASP A 12 -1.66 8.01 44.47
CA ASP A 12 -1.28 8.42 43.13
C ASP A 12 -1.25 7.18 42.22
N PRO A 13 -2.03 7.13 41.14
CA PRO A 13 -1.99 5.96 40.26
C PRO A 13 -0.81 5.93 39.31
N THR A 14 -0.05 7.02 39.20
CA THR A 14 1.06 7.09 38.26
C THR A 14 1.96 5.85 38.30
N PRO A 15 2.42 5.39 39.46
CA PRO A 15 3.34 4.23 39.46
C PRO A 15 2.72 2.96 38.91
N TYR A 16 1.41 2.91 38.72
CA TYR A 16 0.72 1.72 38.23
C TYR A 16 0.18 1.90 36.82
N LEU A 17 0.54 2.99 36.15
CA LEU A 17 0.03 3.25 34.81
C LEU A 17 1.13 3.72 33.87
N PHE A 18 2.09 4.49 34.38
CA PHE A 18 3.16 5.07 33.58
C PHE A 18 4.48 4.33 33.81
N VAL A 19 5.30 4.30 32.77
CA VAL A 19 6.73 4.07 32.91
C VAL A 19 7.40 5.43 33.04
N SER A 20 8.18 5.61 34.11
CA SER A 20 8.77 6.91 34.38
C SER A 20 9.78 7.28 33.31
N LEU A 21 10.04 8.59 33.20
CA LEU A 21 11.08 9.07 32.29
C LEU A 21 12.43 8.44 32.63
N GLU A 22 12.76 8.39 33.92
CA GLU A 22 14.03 7.79 34.33
C GLU A 22 14.10 6.33 33.90
N GLN A 23 13.05 5.55 34.20
CA GLN A 23 13.07 4.14 33.84
C GLN A 23 13.11 3.97 32.33
N ARG A 24 12.45 4.86 31.59
CA ARG A 24 12.38 4.71 30.14
C ARG A 24 13.74 4.92 29.49
N ARG A 25 14.53 5.87 30.00
CA ARG A 25 15.86 6.08 29.44
C ARG A 25 16.83 4.98 29.87
N ILE A 26 16.59 4.34 31.01
CA ILE A 26 17.38 3.16 31.37
C ILE A 26 17.08 2.01 30.41
N ASP A 27 15.80 1.74 30.16
CA ASP A 27 15.43 0.66 29.25
C ASP A 27 16.05 0.86 27.88
N GLN A 28 15.94 2.07 27.34
CA GLN A 28 16.29 2.36 25.95
C GLN A 28 17.78 2.45 25.70
N SER A 29 18.60 2.58 26.73
CA SER A 29 20.05 2.61 26.58
C SER A 29 20.70 1.30 26.98
N LYS A 30 19.91 0.25 27.22
CA LYS A 30 20.46 -1.02 27.64
C LYS A 30 21.26 -1.66 26.51
N PRO A 31 22.41 -2.28 26.81
CA PRO A 31 23.14 -3.00 25.76
C PRO A 31 22.27 -4.05 25.09
N TYR A 32 22.46 -4.21 23.78
CA TYR A 32 21.60 -5.05 22.98
C TYR A 32 22.28 -5.34 21.65
N ASP A 33 22.32 -6.62 21.27
CA ASP A 33 22.91 -7.05 20.00
C ASP A 33 21.80 -7.61 19.13
N SER A 34 21.48 -6.90 18.05
CA SER A 34 20.40 -7.33 17.16
C SER A 34 20.71 -8.67 16.51
N LYS A 35 22.00 -8.98 16.30
CA LYS A 35 22.38 -10.18 15.56
C LYS A 35 22.36 -11.43 16.45
N LYS A 36 22.61 -11.28 17.74
CA LYS A 36 22.77 -12.43 18.62
C LYS A 36 21.56 -12.69 19.51
N SER A 37 20.82 -11.66 19.91
CA SER A 37 19.66 -11.87 20.76
C SER A 37 18.61 -12.71 20.06
N CYS A 38 17.94 -13.56 20.82
CA CYS A 38 16.92 -14.43 20.26
C CYS A 38 16.05 -14.99 21.38
N TRP A 39 14.88 -15.48 20.99
CA TRP A 39 14.00 -16.26 21.84
C TRP A 39 14.01 -17.70 21.34
N ILE A 40 14.14 -18.66 22.25
CA ILE A 40 13.99 -20.07 21.91
C ILE A 40 12.89 -20.66 22.77
N PRO A 41 12.21 -21.70 22.32
CA PRO A 41 11.19 -22.33 23.16
C PRO A 41 11.83 -23.13 24.28
N ASP A 42 11.09 -23.24 25.39
CA ASP A 42 11.54 -23.97 26.58
C ASP A 42 10.34 -24.66 27.21
N GLU A 43 10.54 -25.92 27.62
CA GLU A 43 9.44 -26.69 28.19
C GLU A 43 8.93 -26.08 29.48
N LYS A 44 9.83 -25.51 30.29
CA LYS A 44 9.47 -25.03 31.61
C LYS A 44 9.00 -23.58 31.59
N GLU A 45 9.78 -22.70 30.96
CA GLU A 45 9.51 -21.26 30.98
C GLU A 45 8.80 -20.78 29.71
N GLY A 46 8.45 -21.67 28.79
CA GLY A 46 7.79 -21.26 27.55
C GLY A 46 8.78 -20.75 26.52
N TYR A 47 9.46 -19.66 26.84
CA TYR A 47 10.54 -19.13 26.01
C TYR A 47 11.66 -18.62 26.91
N LEU A 48 12.89 -18.71 26.42
CA LEU A 48 14.06 -18.20 27.12
C LEU A 48 14.79 -17.22 26.21
N LEU A 49 15.33 -16.15 26.81
CA LEU A 49 16.17 -15.22 26.10
C LEU A 49 17.57 -15.82 25.96
N GLY A 50 18.10 -15.81 24.74
CA GLY A 50 19.39 -16.42 24.49
C GLY A 50 20.27 -15.53 23.62
N GLU A 51 21.52 -15.96 23.49
CA GLU A 51 22.50 -15.33 22.62
C GLU A 51 23.10 -16.39 21.70
N ILE A 52 23.01 -16.16 20.39
CA ILE A 52 23.59 -17.09 19.42
C ILE A 52 25.11 -17.09 19.59
N LYS A 53 25.67 -18.25 19.92
CA LYS A 53 27.12 -18.40 20.05
C LYS A 53 27.75 -18.88 18.75
N ALA A 54 27.02 -19.65 17.96
CA ALA A 54 27.56 -20.20 16.72
C ALA A 54 26.40 -20.80 15.93
N THR A 55 26.61 -20.97 14.63
CA THR A 55 25.65 -21.60 13.75
C THR A 55 26.38 -22.60 12.89
N LYS A 56 25.90 -23.84 12.90
CA LYS A 56 26.44 -24.92 12.07
C LYS A 56 25.31 -25.39 11.17
N GLY A 57 25.31 -24.89 9.94
CA GLY A 57 24.23 -25.20 9.02
C GLY A 57 22.91 -24.68 9.57
N ASP A 58 21.95 -25.58 9.72
CA ASP A 58 20.64 -25.24 10.23
C ASP A 58 20.56 -25.32 11.76
N ILE A 59 21.64 -25.69 12.44
CA ILE A 59 21.65 -25.85 13.89
C ILE A 59 22.27 -24.62 14.52
N VAL A 60 21.55 -24.01 15.46
CA VAL A 60 22.00 -22.80 16.13
C VAL A 60 22.40 -23.15 17.57
N SER A 61 23.56 -22.67 18.00
CA SER A 61 24.03 -22.86 19.37
C SER A 61 23.70 -21.59 20.16
N VAL A 62 22.78 -21.70 21.10
CA VAL A 62 22.25 -20.55 21.82
C VAL A 62 22.71 -20.61 23.26
N GLY A 63 23.41 -19.58 23.71
CA GLY A 63 23.77 -19.47 25.10
C GLY A 63 22.60 -18.92 25.90
N LEU A 64 22.39 -19.52 27.08
CA LEU A 64 21.32 -19.14 27.97
C LEU A 64 21.89 -18.53 29.24
N GLN A 65 21.01 -17.92 30.04
CA GLN A 65 21.40 -17.40 31.34
C GLN A 65 21.84 -18.56 32.23
N GLY A 66 23.06 -18.48 32.73
CA GLY A 66 23.64 -19.52 33.55
C GLY A 66 24.81 -20.24 32.92
N GLY A 67 24.96 -20.15 31.59
CA GLY A 67 26.07 -20.76 30.89
C GLY A 67 25.69 -21.91 29.99
N GLU A 68 24.46 -22.41 30.06
CA GLU A 68 24.05 -23.50 29.19
C GLU A 68 24.11 -23.08 27.73
N VAL A 69 24.46 -24.03 26.87
CA VAL A 69 24.44 -23.83 25.42
C VAL A 69 23.56 -24.92 24.84
N ARG A 70 22.53 -24.53 24.11
CA ARG A 70 21.54 -25.46 23.59
C ARG A 70 21.51 -25.37 22.07
N ASP A 71 21.62 -26.52 21.41
CA ASP A 71 21.51 -26.60 19.96
C ASP A 71 20.05 -26.74 19.58
N ILE A 72 19.56 -25.83 18.74
CA ILE A 72 18.16 -25.82 18.35
C ILE A 72 18.07 -25.46 16.87
N LYS A 73 17.14 -26.10 16.17
CA LYS A 73 16.94 -25.83 14.75
C LYS A 73 16.59 -24.36 14.55
N SER A 74 17.12 -23.79 13.46
CA SER A 74 16.98 -22.35 13.24
C SER A 74 15.53 -21.92 13.20
N GLU A 75 14.64 -22.76 12.67
CA GLU A 75 13.24 -22.38 12.56
C GLU A 75 12.60 -22.07 13.92
N LYS A 76 13.20 -22.54 15.01
CA LYS A 76 12.69 -22.28 16.35
C LYS A 76 13.36 -21.09 17.02
N VAL A 77 14.32 -20.46 16.35
CA VAL A 77 14.98 -19.27 16.87
C VAL A 77 14.22 -18.06 16.34
N GLU A 78 13.72 -17.23 17.25
CA GLU A 78 12.86 -16.10 16.90
C GLU A 78 13.51 -14.80 17.32
N LYS A 79 13.15 -13.72 16.62
CA LYS A 79 13.78 -12.43 16.82
C LYS A 79 13.25 -11.74 18.08
N VAL A 80 14.02 -10.77 18.54
CA VAL A 80 13.76 -10.01 19.76
C VAL A 80 13.50 -8.56 19.39
N ASN A 81 12.67 -7.88 20.19
CA ASN A 81 12.45 -6.47 19.99
C ASN A 81 13.62 -5.66 20.57
N PRO A 82 14.05 -4.59 19.91
CA PRO A 82 15.12 -3.76 20.48
C PRO A 82 14.62 -2.95 21.66
N PRO A 83 15.52 -2.30 22.41
CA PRO A 83 15.12 -1.67 23.67
C PRO A 83 14.10 -0.55 23.53
N LYS A 84 13.99 0.08 22.37
CA LYS A 84 13.02 1.16 22.21
C LYS A 84 11.60 0.70 22.53
N PHE A 85 11.31 -0.58 22.31
CA PHE A 85 9.96 -1.12 22.44
C PHE A 85 9.75 -1.82 23.78
N GLU A 86 10.59 -1.53 24.77
CA GLU A 86 10.48 -2.19 26.06
C GLU A 86 9.27 -1.65 26.81
N LYS A 87 8.44 -2.56 27.33
CA LYS A 87 7.24 -2.18 28.08
C LYS A 87 6.36 -1.21 27.28
N ILE A 88 6.30 -1.42 25.96
CA ILE A 88 5.56 -0.51 25.10
C ILE A 88 4.06 -0.62 25.39
N GLU A 89 3.36 0.50 25.30
CA GLU A 89 1.98 0.57 25.73
C GLU A 89 1.02 -0.10 24.75
N ASP A 90 1.31 -0.02 23.45
CA ASP A 90 0.52 -0.69 22.43
C ASP A 90 1.44 -1.62 21.65
N MET A 91 1.28 -2.92 21.83
CA MET A 91 2.17 -3.88 21.20
C MET A 91 2.05 -3.88 19.68
N ALA A 92 1.02 -3.27 19.13
CA ALA A 92 0.95 -3.07 17.68
C ALA A 92 2.07 -2.16 17.18
N ASP A 93 2.77 -1.47 18.07
CA ASP A 93 3.89 -0.63 17.71
C ASP A 93 5.24 -1.34 17.76
N MET A 94 5.27 -2.62 18.16
CA MET A 94 6.51 -3.37 18.17
C MET A 94 6.93 -3.73 16.75
N THR A 95 8.23 -3.61 16.47
CA THR A 95 8.73 -3.97 15.14
C THR A 95 8.79 -5.48 14.95
N VAL A 96 9.00 -6.24 16.03
CA VAL A 96 8.93 -7.70 15.98
C VAL A 96 7.61 -8.13 16.62
N LEU A 97 6.78 -8.80 15.85
CA LEU A 97 5.42 -9.20 16.25
C LEU A 97 5.34 -10.72 16.22
N ASN A 98 5.74 -11.36 17.32
CA ASN A 98 5.64 -12.80 17.45
C ASN A 98 5.30 -13.14 18.90
N THR A 99 5.00 -14.42 19.13
CA THR A 99 4.48 -14.84 20.44
C THR A 99 5.45 -14.55 21.57
N PRO A 100 6.73 -14.92 21.50
CA PRO A 100 7.64 -14.58 22.62
C PRO A 100 7.78 -13.09 22.85
N CYS A 101 7.69 -12.26 21.81
CA CYS A 101 7.80 -10.82 22.01
C CYS A 101 6.55 -10.26 22.69
N VAL A 102 5.37 -10.81 22.38
CA VAL A 102 4.16 -10.39 23.07
C VAL A 102 4.23 -10.79 24.54
N LEU A 103 4.60 -12.05 24.81
CA LEU A 103 4.71 -12.50 26.19
C LEU A 103 5.71 -11.64 26.96
N HIS A 104 6.84 -11.31 26.34
CA HIS A 104 7.88 -10.55 27.02
C HIS A 104 7.38 -9.16 27.39
N ASN A 105 6.76 -8.46 26.44
CA ASN A 105 6.27 -7.12 26.74
C ASN A 105 5.22 -7.15 27.84
N LEU A 106 4.28 -8.09 27.78
CA LEU A 106 3.29 -8.23 28.84
C LEU A 106 3.96 -8.53 30.18
N ARG A 107 4.91 -9.46 30.17
CA ARG A 107 5.59 -9.85 31.40
C ARG A 107 6.33 -8.66 32.01
N GLN A 108 7.07 -7.92 31.18
CA GLN A 108 7.87 -6.82 31.71
C GLN A 108 6.99 -5.71 32.28
N ARG A 109 5.86 -5.41 31.64
CA ARG A 109 4.94 -4.45 32.21
C ARG A 109 4.38 -4.96 33.53
N TYR A 110 3.98 -6.24 33.56
CA TYR A 110 3.46 -6.83 34.78
C TYR A 110 4.48 -6.78 35.92
N TYR A 111 5.75 -7.09 35.63
CA TYR A 111 6.78 -7.01 36.65
C TYR A 111 6.97 -5.58 37.16
N ALA A 112 6.60 -4.59 36.37
CA ALA A 112 6.68 -3.19 36.78
C ALA A 112 5.37 -2.68 37.35
N LYS A 113 4.48 -3.58 37.79
CA LYS A 113 3.20 -3.23 38.38
C LYS A 113 2.25 -2.56 37.39
N LEU A 114 2.45 -2.79 36.10
CA LEU A 114 1.58 -2.25 35.05
C LEU A 114 0.77 -3.40 34.47
N ILE A 115 -0.52 -3.44 34.81
CA ILE A 115 -1.37 -4.56 34.42
C ILE A 115 -2.05 -4.37 33.08
N TYR A 116 -2.10 -3.15 32.56
CA TYR A 116 -2.81 -2.84 31.33
C TYR A 116 -1.84 -2.71 30.16
N THR A 117 -2.20 -3.31 29.04
CA THR A 117 -1.42 -3.22 27.81
C THR A 117 -2.37 -3.33 26.62
N TYR A 118 -2.16 -2.48 25.62
CA TYR A 118 -2.92 -2.59 24.38
C TYR A 118 -2.21 -3.52 23.42
N SER A 119 -3.03 -4.17 22.58
CA SER A 119 -2.55 -5.00 21.47
C SER A 119 -3.50 -4.67 20.31
N GLY A 120 -3.22 -3.58 19.62
CA GLY A 120 -4.17 -3.09 18.65
C GLY A 120 -5.44 -2.71 19.37
N LEU A 121 -6.57 -3.26 18.93
CA LEU A 121 -7.85 -2.95 19.57
C LEU A 121 -7.94 -3.54 20.98
N PHE A 122 -7.31 -4.69 21.22
CA PHE A 122 -7.44 -5.36 22.51
C PHE A 122 -6.83 -4.53 23.63
N CYS A 123 -7.51 -4.50 24.77
CA CYS A 123 -6.95 -4.03 26.04
C CYS A 123 -6.76 -5.24 26.93
N VAL A 124 -5.49 -5.54 27.26
CA VAL A 124 -5.15 -6.72 28.05
C VAL A 124 -5.00 -6.29 29.51
N ALA A 125 -5.67 -7.02 30.40
CA ALA A 125 -5.64 -6.76 31.84
C ALA A 125 -5.19 -8.03 32.56
N ILE A 126 -3.97 -8.01 33.08
CA ILE A 126 -3.40 -9.16 33.76
C ILE A 126 -3.63 -8.97 35.26
N ASN A 127 -4.36 -9.90 35.87
CA ASN A 127 -4.74 -9.82 37.27
C ASN A 127 -3.49 -9.72 38.15
N PRO A 128 -3.32 -8.64 38.92
CA PRO A 128 -2.12 -8.53 39.77
C PRO A 128 -2.22 -9.27 41.09
N TYR A 129 -3.42 -9.68 41.51
CA TYR A 129 -3.64 -10.27 42.83
C TYR A 129 -3.10 -9.33 43.92
N LYS A 130 -3.14 -8.03 43.62
CA LYS A 130 -2.85 -6.97 44.55
C LYS A 130 -3.91 -5.89 44.36
N ARG A 131 -4.05 -5.03 45.38
CA ARG A 131 -5.01 -3.94 45.32
C ARG A 131 -4.26 -2.69 44.84
N TYR A 132 -4.16 -2.54 43.52
CA TYR A 132 -3.57 -1.33 42.96
C TYR A 132 -4.64 -0.22 42.90
N PRO A 133 -4.24 1.05 43.13
CA PRO A 133 -5.18 2.16 43.11
C PRO A 133 -5.58 2.63 41.72
N VAL A 134 -6.04 1.68 40.89
CA VAL A 134 -6.36 1.98 39.49
C VAL A 134 -7.84 2.18 39.24
N TYR A 135 -8.69 1.93 40.24
CA TYR A 135 -10.14 2.09 40.09
C TYR A 135 -10.68 3.31 40.82
N THR A 136 -9.81 4.18 41.34
CA THR A 136 -10.26 5.30 42.15
C THR A 136 -10.86 6.40 41.27
N ASN A 137 -11.59 7.31 41.92
CA ASN A 137 -12.07 8.50 41.23
C ASN A 137 -10.91 9.34 40.71
N ARG A 138 -9.84 9.46 41.50
CA ARG A 138 -8.66 10.17 41.04
C ARG A 138 -8.18 9.63 39.70
N CYS A 139 -8.05 8.30 39.60
CA CYS A 139 -7.64 7.68 38.35
C CYS A 139 -8.69 7.91 37.26
N ALA A 140 -9.96 7.63 37.56
CA ALA A 140 -11.01 7.76 36.56
C ALA A 140 -11.00 9.14 35.91
N LYS A 141 -10.76 10.19 36.69
CA LYS A 141 -10.74 11.54 36.13
C LYS A 141 -9.64 11.73 35.10
N MET A 142 -8.58 10.92 35.16
CA MET A 142 -7.52 11.02 34.14
C MET A 142 -8.07 10.73 32.75
N TYR A 143 -9.12 9.92 32.65
CA TYR A 143 -9.54 9.34 31.38
C TYR A 143 -10.79 9.97 30.80
N ARG A 144 -11.38 10.96 31.46
CA ARG A 144 -12.62 11.55 30.96
C ARG A 144 -12.35 12.37 29.71
N GLY A 145 -12.94 11.97 28.60
CA GLY A 145 -12.80 12.70 27.35
C GLY A 145 -11.45 12.63 26.70
N LYS A 146 -10.58 11.70 27.13
CA LYS A 146 -9.24 11.59 26.58
C LYS A 146 -9.17 10.51 25.51
N ARG A 147 -8.46 10.79 24.43
CA ARG A 147 -8.23 9.78 23.40
C ARG A 147 -7.27 8.71 23.92
N ARG A 148 -7.42 7.50 23.38
CA ARG A 148 -6.70 6.35 23.93
C ARG A 148 -5.20 6.60 23.99
N ASN A 149 -4.65 7.31 23.01
CA ASN A 149 -3.22 7.55 22.95
C ASN A 149 -2.78 8.77 23.73
N GLU A 150 -3.70 9.46 24.41
CA GLU A 150 -3.35 10.58 25.28
C GLU A 150 -3.09 10.15 26.72
N VAL A 151 -3.36 8.91 27.06
CA VAL A 151 -3.28 8.44 28.44
C VAL A 151 -2.78 7.00 28.46
N PRO A 152 -2.20 6.53 29.55
CA PRO A 152 -1.71 5.14 29.59
C PRO A 152 -2.83 4.15 29.41
N PRO A 153 -2.51 2.89 29.07
CA PRO A 153 -3.55 1.89 28.90
C PRO A 153 -4.38 1.70 30.16
N HIS A 154 -5.68 1.49 29.97
CA HIS A 154 -6.63 1.32 31.06
C HIS A 154 -7.97 0.89 30.48
N ILE A 155 -8.67 0.00 31.19
CA ILE A 155 -10.03 -0.34 30.81
C ILE A 155 -10.92 0.90 30.85
N PHE A 156 -10.55 1.90 31.66
CA PHE A 156 -11.30 3.15 31.68
C PHE A 156 -11.16 3.90 30.36
N ALA A 157 -10.01 3.77 29.69
CA ALA A 157 -9.85 4.41 28.39
C ALA A 157 -10.77 3.77 27.36
N ILE A 158 -10.88 2.44 27.38
CA ILE A 158 -11.82 1.76 26.48
C ILE A 158 -13.25 2.14 26.84
N SER A 159 -13.58 2.17 28.12
CA SER A 159 -14.94 2.49 28.54
C SER A 159 -15.32 3.90 28.11
N ASP A 160 -14.46 4.88 28.41
CA ASP A 160 -14.74 6.25 28.02
C ASP A 160 -14.85 6.39 26.51
N GLY A 161 -14.01 5.64 25.78
CA GLY A 161 -14.07 5.70 24.32
C GLY A 161 -15.39 5.20 23.77
N ALA A 162 -15.91 4.12 24.33
CA ALA A 162 -17.23 3.66 23.92
C ALA A 162 -18.29 4.71 24.25
N TYR A 163 -18.15 5.37 25.40
CA TYR A 163 -19.10 6.41 25.79
C TYR A 163 -19.06 7.57 24.79
N VAL A 164 -17.87 8.09 24.48
CA VAL A 164 -17.76 9.18 23.52
C VAL A 164 -18.29 8.74 22.16
N ASP A 165 -17.86 7.57 21.69
CA ASP A 165 -18.32 7.09 20.39
C ASP A 165 -19.84 6.99 20.33
N MET A 166 -20.47 6.53 21.42
CA MET A 166 -21.93 6.48 21.47
C MET A 166 -22.51 7.87 21.28
N LEU A 167 -22.02 8.87 22.03
CA LEU A 167 -22.54 10.23 21.92
C LEU A 167 -22.19 10.85 20.58
N THR A 168 -21.06 10.48 19.98
CA THR A 168 -20.62 11.10 18.74
C THR A 168 -21.25 10.43 17.52
N ASN A 169 -21.26 9.09 17.49
CA ASN A 169 -21.78 8.35 16.36
C ASN A 169 -23.27 8.07 16.45
N HIS A 170 -23.87 8.22 17.63
CA HIS A 170 -25.29 7.90 17.83
C HIS A 170 -25.57 6.45 17.44
N VAL A 171 -24.71 5.56 17.91
CA VAL A 171 -24.83 4.13 17.65
C VAL A 171 -24.50 3.38 18.93
N ASN A 172 -25.25 2.33 19.21
CA ASN A 172 -25.03 1.53 20.41
C ASN A 172 -23.64 0.88 20.35
N GLN A 173 -23.07 0.67 21.53
CA GLN A 173 -21.73 0.11 21.67
C GLN A 173 -21.81 -1.22 22.41
N SER A 174 -20.77 -2.04 22.24
CA SER A 174 -20.64 -3.29 22.98
C SER A 174 -19.23 -3.42 23.50
N MET A 175 -19.09 -4.03 24.68
CA MET A 175 -17.80 -4.31 25.29
C MET A 175 -17.74 -5.81 25.57
N LEU A 176 -16.89 -6.51 24.83
CA LEU A 176 -16.72 -7.95 24.98
C LEU A 176 -15.53 -8.20 25.90
N ILE A 177 -15.79 -8.77 27.07
CA ILE A 177 -14.78 -9.02 28.09
C ILE A 177 -14.60 -10.52 28.21
N THR A 178 -13.38 -11.00 27.98
CA THR A 178 -13.04 -12.40 28.14
C THR A 178 -12.18 -12.59 29.38
N GLY A 179 -12.14 -13.82 29.87
CA GLY A 179 -11.33 -14.15 31.03
C GLY A 179 -11.76 -15.44 31.70
N GLU A 180 -10.81 -16.34 31.92
CA GLU A 180 -11.08 -17.60 32.59
CA GLU A 180 -11.08 -17.60 32.59
C GLU A 180 -11.11 -17.38 34.10
N SER A 181 -11.38 -18.46 34.84
CA SER A 181 -11.42 -18.38 36.30
C SER A 181 -10.10 -17.87 36.85
N GLY A 182 -10.17 -16.85 37.70
CA GLY A 182 -9.00 -16.25 38.29
C GLY A 182 -8.46 -15.05 37.53
N ALA A 183 -9.02 -14.73 36.36
CA ALA A 183 -8.50 -13.63 35.56
C ALA A 183 -9.01 -12.27 36.01
N GLY A 184 -9.98 -12.22 36.91
CA GLY A 184 -10.53 -10.95 37.35
C GLY A 184 -11.62 -10.39 36.45
N LYS A 185 -12.26 -11.23 35.64
CA LYS A 185 -13.29 -10.73 34.74
C LYS A 185 -14.44 -10.09 35.51
N THR A 186 -14.86 -10.69 36.62
CA THR A 186 -15.96 -10.14 37.40
C THR A 186 -15.62 -8.76 37.92
N GLU A 187 -14.45 -8.62 38.56
CA GLU A 187 -14.04 -7.32 39.08
C GLU A 187 -13.99 -6.28 37.98
N ASN A 188 -13.42 -6.64 36.82
CA ASN A 188 -13.32 -5.69 35.72
C ASN A 188 -14.70 -5.28 35.21
N THR A 189 -15.63 -6.23 35.16
CA THR A 189 -16.99 -5.91 34.72
C THR A 189 -17.67 -4.96 35.69
N LYS A 190 -17.53 -5.21 37.00
CA LYS A 190 -18.13 -4.32 37.99
C LYS A 190 -17.59 -2.89 37.84
N LYS A 191 -16.29 -2.75 37.59
CA LYS A 191 -15.69 -1.43 37.52
C LYS A 191 -16.01 -0.71 36.21
N VAL A 192 -16.24 -1.46 35.13
CA VAL A 192 -16.74 -0.84 33.90
C VAL A 192 -18.14 -0.27 34.15
N ILE A 193 -19.01 -1.06 34.77
CA ILE A 193 -20.34 -0.57 35.10
C ILE A 193 -20.25 0.67 35.98
N ALA A 194 -19.40 0.61 37.01
CA ALA A 194 -19.21 1.76 37.89
C ALA A 194 -18.70 2.97 37.11
N TYR A 195 -17.81 2.74 36.14
CA TYR A 195 -17.27 3.86 35.37
C TYR A 195 -18.38 4.54 34.57
N PHE A 196 -19.24 3.76 33.92
CA PHE A 196 -20.37 4.34 33.21
C PHE A 196 -21.33 5.04 34.17
N ALA A 197 -21.49 4.47 35.37
CA ALA A 197 -22.30 5.15 36.38
C ALA A 197 -21.68 6.48 36.79
N THR A 198 -20.38 6.65 36.60
CA THR A 198 -19.73 7.92 36.93
C THR A 198 -19.95 8.95 35.83
N VAL A 199 -19.47 8.64 34.62
CA VAL A 199 -19.58 9.59 33.51
C VAL A 199 -21.04 9.83 33.11
N GLY A 200 -21.96 8.96 33.51
CA GLY A 200 -23.37 9.12 33.18
C GLY A 200 -24.24 9.47 34.37
N ALA A 201 -23.63 9.97 35.44
CA ALA A 201 -24.38 10.32 36.64
C ALA A 201 -25.16 11.61 36.43
N SER A 202 -26.26 11.73 37.17
CA SER A 202 -27.13 12.89 37.05
C SER A 202 -27.71 13.21 38.42
N LYS A 203 -28.44 14.34 38.47
CA LYS A 203 -29.17 14.70 39.68
C LYS A 203 -30.19 13.63 40.03
N LYS A 204 -30.75 12.96 39.02
CA LYS A 204 -31.76 11.94 39.26
C LYS A 204 -31.13 10.62 39.72
N THR A 205 -29.98 10.26 39.15
CA THR A 205 -29.30 9.04 39.58
C THR A 205 -28.74 9.19 40.98
N ASP A 206 -28.13 10.35 41.29
CA ASP A 206 -27.65 10.60 42.64
C ASP A 206 -28.81 10.65 43.63
N GLU A 207 -30.00 11.01 43.17
CA GLU A 207 -31.18 11.04 44.02
C GLU A 207 -31.56 9.62 44.47
N ALA A 208 -31.81 8.74 43.50
CA ALA A 208 -32.22 7.37 43.79
C ALA A 208 -31.07 6.48 44.22
N ALA A 209 -29.84 7.02 44.32
CA ALA A 209 -28.69 6.20 44.67
C ALA A 209 -28.64 5.85 46.15
N LYS A 210 -29.35 6.59 47.01
CA LYS A 210 -29.40 6.25 48.43
C LYS A 210 -30.53 5.29 48.74
N SER A 211 -31.62 5.33 47.98
CA SER A 211 -32.73 4.40 48.16
C SER A 211 -32.48 3.11 47.37
N LYS A 212 -32.30 3.24 46.05
CA LYS A 212 -32.11 2.06 45.21
C LYS A 212 -30.67 1.57 45.20
N GLY A 213 -29.71 2.47 45.43
CA GLY A 213 -28.30 2.14 45.32
C GLY A 213 -27.74 2.52 43.96
N SER A 214 -26.42 2.35 43.84
CA SER A 214 -25.75 2.63 42.58
C SER A 214 -26.11 1.56 41.55
N LEU A 215 -25.84 1.89 40.28
CA LEU A 215 -26.12 0.92 39.21
C LEU A 215 -25.37 -0.38 39.44
N GLU A 216 -24.10 -0.30 39.86
CA GLU A 216 -23.33 -1.51 40.16
C GLU A 216 -24.05 -2.36 41.19
N ASP A 217 -24.50 -1.75 42.29
CA ASP A 217 -25.15 -2.49 43.35
C ASP A 217 -26.46 -3.12 42.86
N GLN A 218 -27.23 -2.39 42.05
CA GLN A 218 -28.48 -2.92 41.55
C GLN A 218 -28.25 -4.15 40.68
N VAL A 219 -27.20 -4.12 39.84
CA VAL A 219 -26.91 -5.28 39.00
C VAL A 219 -26.38 -6.43 39.84
N VAL A 220 -25.46 -6.14 40.77
CA VAL A 220 -24.91 -7.19 41.61
C VAL A 220 -25.99 -7.85 42.45
N GLN A 221 -26.99 -7.08 42.86
CA GLN A 221 -28.06 -7.65 43.70
C GLN A 221 -28.79 -8.78 42.99
N THR A 222 -28.69 -8.89 41.66
CA THR A 222 -29.30 -9.99 40.93
C THR A 222 -28.41 -11.23 40.89
N ASN A 223 -27.14 -11.13 41.29
CA ASN A 223 -26.24 -12.27 41.18
C ASN A 223 -26.74 -13.50 41.92
N PRO A 224 -27.20 -13.42 43.16
CA PRO A 224 -27.55 -14.67 43.87
C PRO A 224 -28.62 -15.47 43.15
N VAL A 225 -29.58 -14.80 42.53
CA VAL A 225 -30.64 -15.51 41.80
C VAL A 225 -30.10 -16.07 40.50
N LEU A 226 -29.51 -15.20 39.66
CA LEU A 226 -29.08 -15.66 38.35
C LEU A 226 -27.96 -16.69 38.44
N GLU A 227 -27.10 -16.58 39.45
CA GLU A 227 -26.00 -17.54 39.57
C GLU A 227 -26.45 -18.82 40.25
N ALA A 228 -27.44 -18.76 41.14
CA ALA A 228 -27.98 -19.98 41.71
C ALA A 228 -28.55 -20.88 40.62
N PHE A 229 -29.22 -20.28 39.63
CA PHE A 229 -29.86 -21.03 38.57
C PHE A 229 -29.02 -21.14 37.31
N GLY A 230 -27.98 -20.32 37.16
CA GLY A 230 -27.21 -20.29 35.93
C GLY A 230 -25.75 -20.68 36.07
N ASN A 231 -25.26 -20.80 37.30
CA ASN A 231 -23.88 -21.20 37.54
C ASN A 231 -23.80 -22.61 38.10
N ALA A 232 -22.66 -23.26 37.87
CA ALA A 232 -22.45 -24.61 38.35
C ALA A 232 -20.96 -24.85 38.52
N LYS A 233 -20.63 -25.84 39.33
CA LYS A 233 -19.23 -26.23 39.54
C LYS A 233 -18.79 -27.12 38.39
N THR A 234 -17.82 -26.65 37.60
CA THR A 234 -17.23 -27.43 36.54
C THR A 234 -15.87 -27.97 37.01
N VAL A 235 -15.20 -28.70 36.11
CA VAL A 235 -13.88 -29.25 36.44
C VAL A 235 -12.90 -28.13 36.75
N ARG A 236 -13.00 -27.01 36.03
CA ARG A 236 -11.99 -25.96 36.08
C ARG A 236 -12.46 -24.71 36.83
N ASN A 237 -13.64 -24.74 37.44
CA ASN A 237 -14.18 -23.55 38.10
C ASN A 237 -15.32 -23.91 39.03
N ASP A 238 -15.18 -23.59 40.31
CA ASP A 238 -16.20 -23.93 41.29
C ASP A 238 -17.48 -23.14 41.09
N ASN A 239 -17.43 -22.01 40.38
CA ASN A 239 -18.59 -21.13 40.19
C ASN A 239 -18.57 -20.62 38.74
N SER A 240 -18.79 -21.53 37.80
CA SER A 240 -18.75 -21.20 36.38
C SER A 240 -20.12 -20.78 35.88
N SER A 241 -20.17 -19.67 35.14
CA SER A 241 -21.39 -19.24 34.47
C SER A 241 -21.63 -20.13 33.26
N ARG A 242 -22.83 -20.70 33.18
CA ARG A 242 -23.21 -21.61 32.11
C ARG A 242 -24.09 -20.93 31.06
N PHE A 243 -24.01 -19.60 30.96
CA PHE A 243 -24.83 -18.86 30.03
C PHE A 243 -24.10 -17.59 29.65
N GLY A 244 -24.38 -17.10 28.43
CA GLY A 244 -23.87 -15.80 28.03
C GLY A 244 -24.76 -14.68 28.56
N LYS A 245 -24.13 -13.63 29.05
CA LYS A 245 -24.83 -12.50 29.65
C LYS A 245 -24.47 -11.22 28.90
N PHE A 246 -25.50 -10.47 28.50
CA PHE A 246 -25.35 -9.19 27.82
C PHE A 246 -26.04 -8.14 28.68
N ILE A 247 -25.25 -7.32 29.37
CA ILE A 247 -25.76 -6.29 30.26
C ILE A 247 -25.79 -4.98 29.49
N ARG A 248 -27.00 -4.55 29.09
CA ARG A 248 -27.18 -3.31 28.36
C ARG A 248 -27.33 -2.16 29.35
N ILE A 249 -26.41 -1.20 29.29
CA ILE A 249 -26.46 0.00 30.11
C ILE A 249 -27.02 1.11 29.23
N HIS A 250 -28.24 1.56 29.51
CA HIS A 250 -28.94 2.51 28.67
C HIS A 250 -28.62 3.94 29.08
N PHE A 251 -28.58 4.82 28.08
CA PHE A 251 -28.35 6.25 28.28
C PHE A 251 -29.45 7.06 27.61
N GLY A 252 -29.75 8.21 28.19
CA GLY A 252 -30.80 9.08 27.69
C GLY A 252 -30.29 10.01 26.60
N PRO A 253 -31.17 10.89 26.12
CA PRO A 253 -30.77 11.81 25.04
C PRO A 253 -29.63 12.74 25.42
N THR A 254 -29.36 12.91 26.72
CA THR A 254 -28.27 13.79 27.16
C THR A 254 -27.08 13.02 27.71
N GLY A 255 -26.99 11.72 27.46
CA GLY A 255 -25.83 10.95 27.88
C GLY A 255 -25.79 10.59 29.34
N LYS A 256 -26.92 10.65 30.03
CA LYS A 256 -27.02 10.24 31.41
C LYS A 256 -27.64 8.85 31.50
N LEU A 257 -27.40 8.17 32.62
CA LEU A 257 -27.93 6.83 32.83
C LEU A 257 -29.43 6.80 32.58
N ALA A 258 -29.91 5.69 32.00
CA ALA A 258 -31.33 5.51 31.72
C ALA A 258 -31.78 4.09 32.08
N GLY A 259 -31.17 3.49 33.09
CA GLY A 259 -31.49 2.13 33.48
C GLY A 259 -30.59 1.11 32.84
N ALA A 260 -31.03 -0.15 32.92
CA ALA A 260 -30.25 -1.26 32.40
C ALA A 260 -31.16 -2.47 32.29
N ASP A 261 -30.73 -3.45 31.49
CA ASP A 261 -31.39 -4.73 31.41
C ASP A 261 -30.38 -5.81 31.06
N ILE A 262 -30.76 -7.05 31.37
CA ILE A 262 -29.89 -8.21 31.17
C ILE A 262 -30.55 -9.12 30.14
N GLU A 263 -29.77 -9.58 29.17
CA GLU A 263 -30.17 -10.60 28.22
C GLU A 263 -29.27 -11.81 28.39
N THR A 264 -29.86 -13.00 28.37
CA THR A 264 -29.12 -14.24 28.52
C THR A 264 -29.25 -15.08 27.26
N TYR A 265 -28.22 -15.88 27.00
CA TYR A 265 -28.13 -16.70 25.80
C TYR A 265 -27.51 -18.05 26.14
N LEU A 266 -27.98 -19.10 25.49
CA LEU A 266 -27.29 -20.39 25.46
C LEU A 266 -27.03 -20.94 26.86
N LEU A 267 -28.09 -21.02 27.67
CA LEU A 267 -27.98 -21.73 28.94
C LEU A 267 -27.70 -23.20 28.67
N GLU A 268 -26.76 -23.77 29.41
CA GLU A 268 -26.36 -25.17 29.22
C GLU A 268 -27.44 -26.08 29.79
N LYS A 269 -28.48 -26.30 28.97
CA LYS A 269 -29.62 -27.07 29.42
C LYS A 269 -29.24 -28.50 29.81
N ALA A 270 -28.29 -29.08 29.08
CA ALA A 270 -27.92 -30.48 29.32
C ALA A 270 -27.51 -30.71 30.77
N ARG A 271 -26.96 -29.69 31.42
CA ARG A 271 -26.49 -29.83 32.79
C ARG A 271 -27.63 -30.04 33.78
N VAL A 272 -28.87 -29.74 33.39
CA VAL A 272 -30.01 -29.96 34.27
C VAL A 272 -30.20 -31.43 34.56
N ILE A 273 -29.86 -32.30 33.61
CA ILE A 273 -30.14 -33.73 33.71
C ILE A 273 -28.89 -34.59 33.58
N SER A 274 -27.72 -33.99 33.47
CA SER A 274 -26.51 -34.76 33.23
C SER A 274 -25.30 -34.03 33.81
N GLN A 275 -24.42 -34.78 34.46
CA GLN A 275 -23.20 -34.23 35.02
C GLN A 275 -22.05 -35.19 34.77
N GLN A 276 -20.89 -34.63 34.44
CA GLN A 276 -19.65 -35.39 34.43
C GLN A 276 -19.21 -35.66 35.87
N SER A 277 -18.30 -36.62 36.03
CA SER A 277 -18.05 -37.20 37.34
C SER A 277 -17.52 -36.19 38.35
N LEU A 278 -16.83 -35.13 37.88
CA LEU A 278 -16.23 -34.16 38.79
C LEU A 278 -16.99 -32.83 38.81
N GLU A 279 -18.21 -32.80 38.28
CA GLU A 279 -18.97 -31.55 38.18
C GLU A 279 -20.33 -31.69 38.88
N ARG A 280 -20.93 -30.54 39.17
CA ARG A 280 -22.27 -30.48 39.72
C ARG A 280 -23.24 -29.92 38.68
N SER A 281 -24.53 -30.07 38.97
CA SER A 281 -25.55 -29.32 38.26
C SER A 281 -25.59 -27.91 38.82
N TYR A 282 -26.62 -27.14 38.46
CA TYR A 282 -26.70 -25.76 38.91
C TYR A 282 -26.80 -25.68 40.42
N HIS A 283 -26.23 -24.61 40.99
CA HIS A 283 -26.13 -24.48 42.44
C HIS A 283 -27.48 -24.61 43.12
N ILE A 284 -28.57 -24.16 42.47
CA ILE A 284 -29.85 -24.03 43.16
C ILE A 284 -30.30 -25.36 43.74
N PHE A 285 -30.09 -26.45 43.01
CA PHE A 285 -30.58 -27.75 43.47
C PHE A 285 -30.00 -28.10 44.84
N TYR A 286 -28.71 -27.83 45.04
CA TYR A 286 -28.07 -28.16 46.31
C TYR A 286 -28.35 -27.07 47.35
N GLN A 287 -28.59 -25.84 46.91
CA GLN A 287 -29.01 -24.79 47.82
C GLN A 287 -30.34 -25.14 48.48
N ILE A 288 -31.35 -25.46 47.68
CA ILE A 288 -32.67 -25.80 48.22
C ILE A 288 -32.55 -27.00 49.15
N MET A 289 -31.74 -27.98 48.78
CA MET A 289 -31.60 -29.20 49.57
C MET A 289 -30.84 -28.98 50.87
N SER A 290 -30.18 -27.83 51.05
CA SER A 290 -29.44 -27.57 52.27
C SER A 290 -30.35 -27.44 53.49
N GLY A 291 -31.61 -27.07 53.30
CA GLY A 291 -32.53 -26.93 54.40
C GLY A 291 -32.32 -25.69 55.25
N SER A 292 -31.53 -24.71 54.76
CA SER A 292 -31.19 -23.54 55.55
C SER A 292 -32.32 -22.52 55.64
N VAL A 293 -33.36 -22.65 54.83
CA VAL A 293 -34.50 -21.73 54.84
C VAL A 293 -35.71 -22.50 55.33
N PRO A 294 -36.30 -22.15 56.48
CA PRO A 294 -37.41 -22.94 57.02
C PRO A 294 -38.59 -23.03 56.06
N GLY A 295 -39.14 -24.23 55.93
CA GLY A 295 -40.35 -24.45 55.18
C GLY A 295 -40.16 -24.82 53.73
N VAL A 296 -39.01 -24.48 53.13
CA VAL A 296 -38.84 -24.67 51.69
C VAL A 296 -38.91 -26.15 51.33
N LYS A 297 -38.11 -26.98 52.01
CA LYS A 297 -38.06 -28.38 51.66
C LYS A 297 -39.42 -29.07 51.86
N ASP A 298 -40.18 -28.63 52.87
CA ASP A 298 -41.53 -29.17 53.04
C ASP A 298 -42.43 -28.78 51.87
N ILE A 299 -42.41 -27.49 51.50
CA ILE A 299 -43.17 -27.04 50.34
C ILE A 299 -42.78 -27.85 49.11
N CYS A 300 -41.49 -28.18 48.99
CA CYS A 300 -40.97 -28.86 47.81
C CYS A 300 -41.06 -30.38 47.89
N LEU A 301 -41.48 -30.95 49.02
CA LEU A 301 -41.63 -32.40 49.14
C LEU A 301 -40.30 -33.10 48.94
N LEU A 302 -39.22 -32.49 49.41
CA LEU A 302 -37.88 -33.00 49.19
C LEU A 302 -37.38 -33.75 50.42
N THR A 303 -36.57 -34.78 50.17
CA THR A 303 -35.94 -35.53 51.23
C THR A 303 -34.62 -34.88 51.61
N ASP A 304 -33.88 -35.52 52.52
CA ASP A 304 -32.55 -35.08 52.90
C ASP A 304 -31.46 -35.85 52.18
N ASN A 305 -31.80 -36.56 51.10
CA ASN A 305 -30.87 -37.42 50.37
C ASN A 305 -30.80 -36.96 48.91
N ILE A 306 -29.72 -36.25 48.56
CA ILE A 306 -29.58 -35.74 47.20
C ILE A 306 -29.63 -36.87 46.18
N TYR A 307 -29.17 -38.07 46.54
CA TYR A 307 -29.13 -39.17 45.58
C TYR A 307 -30.52 -39.74 45.28
N ASP A 308 -31.57 -39.29 45.97
CA ASP A 308 -32.93 -39.59 45.53
C ASP A 308 -33.28 -38.93 44.21
N TYR A 309 -32.45 -38.01 43.72
CA TYR A 309 -32.73 -37.21 42.54
C TYR A 309 -31.58 -37.40 41.55
N HIS A 310 -31.76 -38.40 40.66
CA HIS A 310 -30.68 -38.85 39.80
C HIS A 310 -30.20 -37.74 38.86
N ILE A 311 -31.10 -36.88 38.39
CA ILE A 311 -30.75 -35.95 37.32
C ILE A 311 -29.70 -34.94 37.75
N VAL A 312 -29.50 -34.73 39.05
CA VAL A 312 -28.53 -33.76 39.55
C VAL A 312 -27.53 -34.40 40.51
N SER A 313 -27.44 -35.73 40.51
CA SER A 313 -26.56 -36.44 41.45
C SER A 313 -25.66 -37.44 40.74
N GLN A 314 -25.32 -37.17 39.47
CA GLN A 314 -24.49 -38.08 38.70
C GLN A 314 -23.01 -37.83 38.88
N GLY A 315 -22.61 -36.62 39.26
CA GLY A 315 -21.22 -36.31 39.51
C GLY A 315 -20.99 -35.97 40.97
N LYS A 316 -20.40 -34.80 41.22
CA LYS A 316 -20.23 -34.32 42.58
C LYS A 316 -21.52 -33.65 43.06
N VAL A 317 -21.74 -33.70 44.36
CA VAL A 317 -22.90 -33.06 44.97
C VAL A 317 -22.51 -32.00 46.00
N THR A 318 -21.27 -31.98 46.48
CA THR A 318 -20.79 -30.92 47.35
C THR A 318 -19.48 -30.36 46.80
N VAL A 319 -19.16 -29.15 47.23
CA VAL A 319 -17.95 -28.45 46.80
C VAL A 319 -17.33 -27.80 48.02
N ALA A 320 -16.05 -28.09 48.26
CA ALA A 320 -15.40 -27.67 49.50
C ALA A 320 -15.48 -26.16 49.67
N SER A 321 -15.38 -25.39 48.59
CA SER A 321 -15.34 -23.95 48.66
C SER A 321 -16.73 -23.30 48.66
N ILE A 322 -17.80 -24.08 48.79
CA ILE A 322 -19.15 -23.55 48.71
C ILE A 322 -19.95 -24.06 49.90
N ASP A 323 -20.48 -23.13 50.69
CA ASP A 323 -21.45 -23.46 51.74
C ASP A 323 -22.83 -23.26 51.16
N ASP A 324 -23.41 -24.36 50.66
CA ASP A 324 -24.72 -24.28 49.99
C ASP A 324 -25.81 -23.79 50.95
N ALA A 325 -25.64 -24.04 52.26
CA ALA A 325 -26.62 -23.57 53.22
C ALA A 325 -26.62 -22.05 53.31
N GLU A 326 -25.44 -21.45 53.40
CA GLU A 326 -25.34 -19.99 53.48
C GLU A 326 -25.76 -19.34 52.17
N GLU A 327 -25.43 -19.96 51.03
CA GLU A 327 -25.80 -19.40 49.74
C GLU A 327 -27.31 -19.35 49.58
N PHE A 328 -28.00 -20.42 49.95
CA PHE A 328 -29.45 -20.44 49.77
C PHE A 328 -30.12 -19.36 50.61
N SER A 329 -29.62 -19.15 51.82
CA SER A 329 -30.12 -18.05 52.65
C SER A 329 -29.95 -16.71 51.93
N LEU A 330 -28.80 -16.52 51.27
CA LEU A 330 -28.59 -15.30 50.50
C LEU A 330 -29.46 -15.26 49.26
N THR A 331 -29.67 -16.41 48.62
CA THR A 331 -30.53 -16.46 47.45
C THR A 331 -31.98 -16.13 47.82
N ASP A 332 -32.46 -16.69 48.93
CA ASP A 332 -33.82 -16.42 49.39
C ASP A 332 -33.98 -14.95 49.74
N GLN A 333 -32.97 -14.35 50.37
CA GLN A 333 -33.01 -12.92 50.66
C GLN A 333 -33.04 -12.10 49.38
N ALA A 334 -32.27 -12.52 48.38
CA ALA A 334 -32.23 -11.76 47.12
C ALA A 334 -33.58 -11.77 46.43
N PHE A 335 -34.30 -12.90 46.49
CA PHE A 335 -35.66 -12.93 45.96
C PHE A 335 -36.52 -11.87 46.64
N ASP A 336 -36.40 -11.72 47.95
CA ASP A 336 -37.17 -10.70 48.66
C ASP A 336 -36.74 -9.31 48.22
N ILE A 337 -35.43 -9.05 48.24
CA ILE A 337 -34.92 -7.72 47.87
C ILE A 337 -35.31 -7.36 46.45
N LEU A 338 -35.37 -8.35 45.55
CA LEU A 338 -35.63 -8.09 44.15
C LEU A 338 -37.11 -7.98 43.81
N GLY A 339 -37.99 -8.02 44.81
CA GLY A 339 -39.40 -7.76 44.57
C GLY A 339 -40.24 -8.96 44.20
N PHE A 340 -39.72 -10.17 44.36
CA PHE A 340 -40.53 -11.36 44.16
C PHE A 340 -41.52 -11.48 45.32
N THR A 341 -42.78 -11.73 45.00
CA THR A 341 -43.75 -11.98 46.07
C THR A 341 -43.43 -13.32 46.75
N LYS A 342 -43.98 -13.49 47.95
CA LYS A 342 -43.83 -14.76 48.64
C LYS A 342 -44.34 -15.91 47.77
N GLN A 343 -45.48 -15.72 47.12
CA GLN A 343 -46.05 -16.76 46.27
C GLN A 343 -45.14 -17.05 45.06
N GLU A 344 -44.62 -16.00 44.42
CA GLU A 344 -43.74 -16.22 43.28
C GLU A 344 -42.48 -16.97 43.71
N LYS A 345 -41.85 -16.52 44.80
CA LYS A 345 -40.66 -17.17 45.29
C LYS A 345 -40.91 -18.65 45.56
N GLU A 346 -41.99 -18.97 46.28
CA GLU A 346 -42.26 -20.35 46.63
C GLU A 346 -42.65 -21.18 45.40
N ASP A 347 -43.26 -20.55 44.39
CA ASP A 347 -43.52 -21.26 43.15
C ASP A 347 -42.23 -21.54 42.39
N VAL A 348 -41.24 -20.63 42.45
CA VAL A 348 -39.93 -20.91 41.87
C VAL A 348 -39.33 -22.15 42.51
N TYR A 349 -39.38 -22.23 43.85
CA TYR A 349 -38.89 -23.41 44.53
C TYR A 349 -39.69 -24.65 44.13
N ARG A 350 -41.01 -24.55 44.08
CA ARG A 350 -41.85 -25.69 43.70
C ARG A 350 -41.46 -26.22 42.32
N ILE A 351 -41.28 -25.32 41.35
CA ILE A 351 -40.97 -25.76 39.99
C ILE A 351 -39.56 -26.35 39.94
N THR A 352 -38.60 -25.73 40.63
CA THR A 352 -37.25 -26.29 40.68
C THR A 352 -37.28 -27.70 41.24
N ALA A 353 -38.02 -27.91 42.33
CA ALA A 353 -38.10 -29.23 42.94
C ALA A 353 -38.89 -30.20 42.06
N ALA A 354 -39.90 -29.71 41.36
CA ALA A 354 -40.66 -30.57 40.47
C ALA A 354 -39.78 -31.13 39.36
N VAL A 355 -38.80 -30.35 38.90
CA VAL A 355 -37.84 -30.86 37.92
C VAL A 355 -37.06 -32.03 38.50
N MET A 356 -36.62 -31.89 39.76
CA MET A 356 -35.92 -32.99 40.42
C MET A 356 -36.82 -34.22 40.54
N HIS A 357 -38.09 -34.02 40.87
CA HIS A 357 -39.02 -35.14 41.03
C HIS A 357 -39.32 -35.79 39.69
N MET A 358 -39.49 -34.99 38.64
CA MET A 358 -39.78 -35.55 37.32
C MET A 358 -38.69 -36.54 36.90
N GLY A 359 -37.43 -36.22 37.21
CA GLY A 359 -36.33 -37.10 36.87
C GLY A 359 -36.42 -38.46 37.53
N GLY A 360 -37.13 -38.56 38.64
CA GLY A 360 -37.31 -39.82 39.33
C GLY A 360 -38.49 -40.64 38.88
N MET A 361 -39.27 -40.14 37.92
CA MET A 361 -40.41 -40.91 37.40
C MET A 361 -39.89 -42.06 36.55
N LYS A 362 -40.16 -43.28 36.99
CA LYS A 362 -39.64 -44.49 36.37
C LYS A 362 -40.69 -45.15 35.50
N PHE A 363 -40.22 -45.89 34.49
CA PHE A 363 -41.09 -46.60 33.57
C PHE A 363 -40.49 -47.97 33.26
N LYS A 364 -41.34 -48.88 32.80
CA LYS A 364 -40.91 -50.25 32.54
C LYS A 364 -41.69 -50.80 31.35
N GLN A 365 -41.23 -51.94 30.85
CA GLN A 365 -41.83 -52.64 29.73
C GLN A 365 -42.31 -54.01 30.20
N ARG A 366 -43.54 -54.36 29.86
CA ARG A 366 -44.13 -55.64 30.22
C ARG A 366 -44.06 -56.57 29.01
N GLY A 367 -43.29 -57.64 29.13
CA GLY A 367 -43.13 -58.56 28.01
C GLY A 367 -42.47 -57.87 26.84
N ARG A 368 -42.87 -58.28 25.64
CA ARG A 368 -42.38 -57.69 24.41
C ARG A 368 -43.29 -56.60 23.87
N GLU A 369 -44.33 -56.21 24.62
CA GLU A 369 -45.15 -55.08 24.24
C GLU A 369 -44.31 -53.82 24.20
N GLU A 370 -44.28 -53.15 23.03
CA GLU A 370 -43.44 -51.97 22.87
C GLU A 370 -43.88 -50.85 23.80
N GLN A 371 -45.18 -50.76 24.10
CA GLN A 371 -45.67 -49.68 24.94
C GLN A 371 -45.06 -49.76 26.34
N ALA A 372 -44.86 -48.60 26.94
CA ALA A 372 -44.33 -48.49 28.29
C ALA A 372 -45.45 -48.15 29.26
N GLU A 373 -45.17 -48.35 30.55
CA GLU A 373 -46.12 -48.03 31.60
C GLU A 373 -45.36 -47.60 32.85
N GLN A 374 -46.11 -47.15 33.85
CA GLN A 374 -45.52 -46.64 35.07
C GLN A 374 -44.81 -47.75 35.84
N ASP A 375 -43.71 -47.39 36.49
CA ASP A 375 -43.02 -48.25 37.44
C ASP A 375 -43.03 -47.53 38.79
N GLY A 376 -44.22 -47.40 39.36
CA GLY A 376 -44.44 -46.57 40.51
C GLY A 376 -45.05 -45.23 40.14
N GLU A 377 -45.65 -44.58 41.13
CA GLU A 377 -46.29 -43.28 40.91
C GLU A 377 -45.97 -42.28 42.00
N GLU A 378 -45.11 -42.60 42.96
CA GLU A 378 -44.80 -41.67 44.02
C GLU A 378 -44.15 -40.39 43.47
N GLU A 379 -43.16 -40.55 42.59
CA GLU A 379 -42.48 -39.39 42.03
C GLU A 379 -43.43 -38.54 41.20
N GLY A 380 -44.24 -39.18 40.35
CA GLY A 380 -45.19 -38.44 39.55
C GLY A 380 -46.20 -37.68 40.39
N GLY A 381 -46.62 -38.27 41.51
CA GLY A 381 -47.56 -37.59 42.38
C GLY A 381 -47.00 -36.28 42.93
N ARG A 382 -45.73 -36.28 43.31
CA ARG A 382 -45.11 -35.06 43.82
C ARG A 382 -45.03 -33.99 42.72
N VAL A 383 -44.59 -34.38 41.53
CA VAL A 383 -44.62 -33.47 40.38
C VAL A 383 -46.01 -32.86 40.24
N SER A 384 -47.04 -33.71 40.30
CA SER A 384 -48.41 -33.23 40.11
C SER A 384 -48.82 -32.25 41.19
N LYS A 385 -48.50 -32.55 42.45
CA LYS A 385 -48.82 -31.63 43.53
C LYS A 385 -48.14 -30.28 43.31
N LEU A 386 -46.86 -30.29 42.93
CA LEU A 386 -46.11 -29.05 42.80
C LEU A 386 -46.55 -28.26 41.58
N PHE A 387 -46.79 -28.94 40.45
CA PHE A 387 -47.27 -28.27 39.25
C PHE A 387 -48.77 -27.98 39.29
N GLY A 388 -49.49 -28.51 40.27
CA GLY A 388 -50.92 -28.33 40.32
C GLY A 388 -51.64 -28.94 39.13
N CYS A 389 -51.37 -30.21 38.85
CA CYS A 389 -52.02 -30.92 37.76
C CYS A 389 -52.44 -32.31 38.25
N ASP A 390 -53.21 -33.00 37.42
CA ASP A 390 -53.70 -34.33 37.77
C ASP A 390 -52.64 -35.38 37.47
N THR A 391 -52.41 -36.29 38.41
CA THR A 391 -51.37 -37.30 38.24
C THR A 391 -51.73 -38.27 37.11
N ALA A 392 -52.92 -38.85 37.17
CA ALA A 392 -53.30 -39.84 36.16
C ALA A 392 -53.25 -39.26 34.76
N GLU A 393 -53.60 -37.97 34.61
CA GLU A 393 -53.52 -37.34 33.31
C GLU A 393 -52.08 -37.12 32.86
N LEU A 394 -51.18 -36.85 33.81
CA LEU A 394 -49.78 -36.62 33.44
C LEU A 394 -49.16 -37.87 32.82
N TYR A 395 -49.31 -39.02 33.49
CA TYR A 395 -48.79 -40.26 32.94
C TYR A 395 -49.44 -40.58 31.59
N LYS A 396 -50.76 -40.42 31.50
CA LYS A 396 -51.45 -40.66 30.23
C LYS A 396 -50.85 -39.83 29.11
N ASN A 397 -50.56 -38.54 29.39
CA ASN A 397 -50.00 -37.68 28.36
C ASN A 397 -48.55 -38.03 28.07
N LEU A 398 -47.84 -38.62 29.03
CA LEU A 398 -46.47 -39.06 28.80
C LEU A 398 -46.43 -40.40 28.10
N LEU A 399 -47.28 -41.34 28.50
CA LEU A 399 -47.26 -42.68 27.93
C LEU A 399 -47.92 -42.73 26.57
N LYS A 400 -49.05 -42.03 26.40
CA LYS A 400 -49.80 -42.04 25.15
C LYS A 400 -50.18 -40.62 24.78
N PRO A 401 -49.23 -39.82 24.30
CA PRO A 401 -49.55 -38.47 23.84
C PRO A 401 -50.32 -38.50 22.53
N ARG A 402 -50.76 -37.32 22.12
CA ARG A 402 -51.46 -37.15 20.85
C ARG A 402 -50.69 -36.15 19.99
N ILE A 403 -50.65 -36.42 18.69
CA ILE A 403 -49.85 -35.63 17.76
C ILE A 403 -50.77 -34.98 16.73
N LYS A 404 -50.34 -33.85 16.19
CA LYS A 404 -51.13 -33.10 15.22
C LYS A 404 -50.93 -33.72 13.85
N VAL A 405 -51.99 -34.31 13.30
CA VAL A 405 -51.96 -35.04 12.03
C VAL A 405 -52.67 -34.29 10.93
N GLY A 406 -53.04 -33.03 11.16
CA GLY A 406 -53.93 -32.33 10.26
C GLY A 406 -55.35 -32.36 10.79
N ASN A 407 -55.79 -31.24 11.36
CA ASN A 407 -57.13 -31.13 11.95
C ASN A 407 -57.24 -31.96 13.22
N GLU A 408 -57.12 -33.28 13.09
CA GLU A 408 -57.41 -34.18 14.20
C GLU A 408 -56.19 -34.42 15.07
N PHE A 409 -56.45 -34.97 16.26
CA PHE A 409 -55.41 -35.45 17.17
C PHE A 409 -55.49 -36.96 17.23
N VAL A 410 -54.37 -37.63 16.96
CA VAL A 410 -54.29 -39.09 17.01
C VAL A 410 -53.40 -39.48 18.17
N THR A 411 -53.82 -40.49 18.92
CA THR A 411 -53.01 -41.02 20.00
C THR A 411 -51.78 -41.74 19.44
N GLN A 412 -50.66 -41.59 20.11
CA GLN A 412 -49.42 -42.27 19.74
C GLN A 412 -48.87 -43.03 20.93
N GLY A 413 -48.17 -44.13 20.63
CA GLY A 413 -47.55 -44.94 21.66
C GLY A 413 -46.09 -44.57 21.85
N ARG A 414 -45.58 -44.90 23.04
CA ARG A 414 -44.22 -44.58 23.41
C ARG A 414 -43.60 -45.76 24.17
N ASN A 415 -42.34 -46.07 23.86
CA ASN A 415 -41.61 -47.10 24.56
C ASN A 415 -40.87 -46.47 25.75
N VAL A 416 -40.13 -47.31 26.48
CA VAL A 416 -39.43 -46.83 27.67
C VAL A 416 -38.48 -45.71 27.30
N GLN A 417 -37.66 -45.92 26.28
CA GLN A 417 -36.65 -44.92 25.93
C GLN A 417 -37.30 -43.63 25.46
N GLN A 418 -38.39 -43.72 24.71
CA GLN A 418 -39.04 -42.52 24.21
C GLN A 418 -39.64 -41.70 25.35
N VAL A 419 -40.29 -42.36 26.31
CA VAL A 419 -40.82 -41.64 27.47
C VAL A 419 -39.69 -41.10 28.33
N THR A 420 -38.64 -41.89 28.52
CA THR A 420 -37.50 -41.43 29.31
C THR A 420 -36.87 -40.19 28.69
N ASN A 421 -36.70 -40.19 27.36
CA ASN A 421 -36.14 -39.03 26.70
C ASN A 421 -37.06 -37.82 26.82
N SER A 422 -38.37 -38.04 26.80
CA SER A 422 -39.30 -36.92 26.93
C SER A 422 -39.24 -36.31 28.32
N ILE A 423 -39.02 -37.14 29.34
CA ILE A 423 -38.83 -36.61 30.69
C ILE A 423 -37.63 -35.68 30.73
N GLY A 424 -36.49 -36.16 30.22
CA GLY A 424 -35.30 -35.32 30.20
C GLY A 424 -35.52 -34.01 29.48
N ALA A 425 -36.22 -34.05 28.34
CA ALA A 425 -36.50 -32.83 27.59
C ALA A 425 -37.41 -31.90 28.38
N LEU A 426 -38.35 -32.47 29.13
CA LEU A 426 -39.25 -31.65 29.94
C LEU A 426 -38.51 -31.04 31.12
N CYS A 427 -37.64 -31.82 31.76
CA CYS A 427 -36.83 -31.29 32.86
C CYS A 427 -35.99 -30.11 32.38
N LYS A 428 -35.33 -30.26 31.23
CA LYS A 428 -34.51 -29.17 30.71
C LYS A 428 -35.36 -28.00 30.25
N GLY A 429 -36.47 -28.29 29.56
CA GLY A 429 -37.32 -27.22 29.04
C GLY A 429 -37.89 -26.36 30.15
N VAL A 430 -38.44 -26.99 31.20
CA VAL A 430 -39.01 -26.23 32.31
C VAL A 430 -37.94 -25.35 32.94
N PHE A 431 -36.77 -25.92 33.21
CA PHE A 431 -35.71 -25.16 33.86
C PHE A 431 -35.28 -23.98 32.99
N ASP A 432 -35.10 -24.22 31.69
CA ASP A 432 -34.69 -23.15 30.78
C ASP A 432 -35.71 -22.02 30.78
N ARG A 433 -37.01 -22.35 30.74
CA ARG A 433 -38.03 -21.31 30.74
C ARG A 433 -38.12 -20.62 32.09
N LEU A 434 -37.87 -21.34 33.18
CA LEU A 434 -37.84 -20.71 34.49
C LEU A 434 -36.71 -19.69 34.57
N PHE A 435 -35.53 -20.03 34.04
CA PHE A 435 -34.41 -19.10 34.07
C PHE A 435 -34.71 -17.83 33.29
N LYS A 436 -35.33 -17.97 32.11
CA LYS A 436 -35.72 -16.80 31.34
C LYS A 436 -36.63 -15.89 32.15
N TRP A 437 -37.63 -16.47 32.83
CA TRP A 437 -38.54 -15.67 33.62
C TRP A 437 -37.80 -14.93 34.74
N LEU A 438 -36.85 -15.61 35.39
CA LEU A 438 -36.09 -14.98 36.47
C LEU A 438 -35.33 -13.76 35.97
N VAL A 439 -34.76 -13.85 34.77
CA VAL A 439 -34.08 -12.69 34.18
C VAL A 439 -35.06 -11.56 33.96
N LYS A 440 -36.21 -11.87 33.35
CA LYS A 440 -37.26 -10.87 33.16
C LYS A 440 -37.62 -10.16 34.47
N LYS A 441 -37.78 -10.94 35.54
CA LYS A 441 -38.13 -10.33 36.84
C LYS A 441 -36.99 -9.49 37.37
N CYS A 442 -35.75 -9.94 37.16
CA CYS A 442 -34.60 -9.14 37.60
C CYS A 442 -34.53 -7.81 36.85
N ASN A 443 -34.90 -7.82 35.57
CA ASN A 443 -34.84 -6.59 34.79
C ASN A 443 -35.86 -5.56 35.26
N GLU A 444 -36.96 -6.00 35.86
CA GLU A 444 -37.95 -5.05 36.38
C GLU A 444 -37.35 -4.18 37.47
N THR A 445 -36.37 -4.70 38.21
CA THR A 445 -35.71 -3.91 39.24
C THR A 445 -34.72 -2.92 38.65
N LEU A 446 -34.24 -3.15 37.43
CA LEU A 446 -33.31 -2.25 36.78
C LEU A 446 -34.01 -1.21 35.91
N ASP A 447 -35.33 -1.29 35.78
CA ASP A 447 -36.08 -0.38 34.93
C ASP A 447 -36.38 0.91 35.69
N THR A 448 -36.01 2.04 35.09
CA THR A 448 -36.27 3.36 35.68
C THR A 448 -37.34 4.13 34.92
N GLN A 449 -37.89 3.56 33.85
CA GLN A 449 -38.90 4.20 33.00
C GLN A 449 -38.39 5.46 32.32
N GLN A 450 -37.10 5.77 32.43
CA GLN A 450 -36.56 6.94 31.75
C GLN A 450 -36.47 6.69 30.24
N LYS A 451 -36.30 7.77 29.50
CA LYS A 451 -36.18 7.67 28.05
C LYS A 451 -34.85 7.04 27.68
N ARG A 452 -34.90 5.93 26.94
CA ARG A 452 -33.72 5.21 26.50
C ARG A 452 -33.36 5.64 25.09
N GLN A 453 -32.15 6.17 24.91
CA GLN A 453 -31.67 6.61 23.60
C GLN A 453 -30.68 5.61 23.02
N HIS A 454 -29.58 5.35 23.71
CA HIS A 454 -28.58 4.38 23.29
C HIS A 454 -28.14 3.56 24.50
N PHE A 455 -27.42 2.48 24.23
CA PHE A 455 -26.90 1.64 25.31
C PHE A 455 -25.48 1.24 24.99
N ILE A 456 -24.74 0.91 26.06
CA ILE A 456 -23.45 0.24 25.97
C ILE A 456 -23.63 -1.11 26.63
N GLY A 457 -23.44 -2.19 25.86
CA GLY A 457 -23.69 -3.54 26.34
C GLY A 457 -22.39 -4.25 26.64
N VAL A 458 -22.32 -4.85 27.83
CA VAL A 458 -21.17 -5.63 28.27
C VAL A 458 -21.50 -7.11 28.10
N LEU A 459 -20.68 -7.81 27.32
CA LEU A 459 -20.89 -9.22 27.01
C LEU A 459 -19.94 -10.09 27.81
N ASP A 460 -20.52 -11.05 28.53
CA ASP A 460 -19.76 -12.07 29.24
C ASP A 460 -20.27 -13.43 28.76
N ILE A 461 -19.45 -14.13 27.99
CA ILE A 461 -19.78 -15.48 27.55
C ILE A 461 -18.51 -16.31 27.54
N ALA A 462 -18.65 -17.60 27.82
CA ALA A 462 -17.50 -18.48 27.98
C ALA A 462 -16.61 -18.41 26.74
N GLY A 463 -15.32 -18.64 26.95
CA GLY A 463 -14.34 -18.58 25.90
C GLY A 463 -14.04 -19.94 25.27
N PHE A 464 -13.21 -19.87 24.23
CA PHE A 464 -12.77 -21.07 23.54
C PHE A 464 -12.11 -22.04 24.51
N GLU A 465 -12.40 -23.33 24.38
CA GLU A 465 -11.85 -24.31 25.31
C GLU A 465 -11.31 -25.52 24.56
N ILE A 466 -10.12 -25.95 24.93
CA ILE A 466 -9.47 -27.14 24.40
C ILE A 466 -9.10 -28.02 25.58
N PHE A 467 -9.75 -29.18 25.68
CA PHE A 467 -9.47 -30.15 26.73
C PHE A 467 -8.89 -31.42 26.12
N GLU A 468 -8.43 -32.33 26.99
CA GLU A 468 -7.99 -33.63 26.51
C GLU A 468 -9.13 -34.38 25.84
N TYR A 469 -10.35 -34.20 26.34
CA TYR A 469 -11.55 -34.74 25.73
C TYR A 469 -12.42 -33.57 25.33
N ASN A 470 -12.78 -33.50 24.04
CA ASN A 470 -13.62 -32.42 23.52
C ASN A 470 -14.88 -33.03 22.94
N GLY A 471 -16.02 -32.78 23.59
CA GLY A 471 -17.29 -33.34 23.22
C GLY A 471 -18.20 -32.34 22.54
N PHE A 472 -19.49 -32.65 22.57
CA PHE A 472 -20.49 -31.82 21.89
C PHE A 472 -20.50 -30.40 22.45
N GLU A 473 -20.33 -30.26 23.77
CA GLU A 473 -20.34 -28.95 24.39
C GLU A 473 -19.11 -28.13 23.98
N GLN A 474 -17.97 -28.79 23.76
CA GLN A 474 -16.80 -28.06 23.30
C GLN A 474 -17.02 -27.51 21.89
N LEU A 475 -17.56 -28.33 20.99
CA LEU A 475 -17.82 -27.86 19.64
C LEU A 475 -18.76 -26.66 19.65
N CYS A 476 -19.78 -26.71 20.49
CA CYS A 476 -20.76 -25.63 20.53
C CYS A 476 -20.12 -24.31 20.93
N ILE A 477 -19.37 -24.30 22.04
CA ILE A 477 -18.79 -23.04 22.52
C ILE A 477 -17.63 -22.60 21.63
N ASN A 478 -16.91 -23.55 21.02
CA ASN A 478 -15.87 -23.17 20.07
C ASN A 478 -16.48 -22.65 18.78
N PHE A 479 -17.58 -23.25 18.34
CA PHE A 479 -18.37 -22.69 17.26
C PHE A 479 -18.76 -21.24 17.58
N THR A 480 -19.23 -21.00 18.80
CA THR A 480 -19.62 -19.65 19.21
C THR A 480 -18.43 -18.69 19.15
N ASN A 481 -17.28 -19.11 19.67
CA ASN A 481 -16.15 -18.20 19.75
C ASN A 481 -15.49 -17.99 18.38
N GLU A 482 -15.61 -18.96 17.47
CA GLU A 482 -15.20 -18.72 16.10
C GLU A 482 -15.97 -17.54 15.51
N LYS A 483 -17.29 -17.54 15.70
CA LYS A 483 -18.10 -16.43 15.22
C LYS A 483 -17.73 -15.13 15.93
N LEU A 484 -17.48 -15.20 17.24
CA LEU A 484 -17.08 -14.00 17.98
C LEU A 484 -15.74 -13.47 17.48
N GLN A 485 -14.79 -14.37 17.20
CA GLN A 485 -13.49 -13.93 16.71
C GLN A 485 -13.60 -13.37 15.29
N GLN A 486 -14.39 -14.01 14.45
CA GLN A 486 -14.67 -13.45 13.12
C GLN A 486 -15.25 -12.05 13.24
N PHE A 487 -16.18 -11.87 14.19
CA PHE A 487 -16.70 -10.54 14.49
C PHE A 487 -15.57 -9.57 14.78
N PHE A 488 -14.59 -9.99 15.59
CA PHE A 488 -13.44 -9.12 15.86
C PHE A 488 -12.64 -8.85 14.60
N ASN A 489 -12.33 -9.91 13.83
CA ASN A 489 -11.51 -9.74 12.63
C ASN A 489 -12.17 -8.77 11.66
N HIS A 490 -13.48 -8.86 11.49
CA HIS A 490 -14.16 -7.96 10.57
C HIS A 490 -14.07 -6.52 11.05
N HIS A 491 -14.27 -6.29 12.35
CA HIS A 491 -14.20 -4.94 12.88
C HIS A 491 -12.82 -4.35 12.69
N MET A 492 -11.78 -5.11 13.03
CA MET A 492 -10.42 -4.66 12.76
C MET A 492 -10.23 -4.35 11.28
N PHE A 493 -10.79 -5.19 10.41
CA PHE A 493 -10.69 -4.96 8.97
C PHE A 493 -11.30 -3.63 8.58
N VAL A 494 -12.50 -3.35 9.07
CA VAL A 494 -13.18 -2.10 8.72
C VAL A 494 -12.32 -0.91 9.15
N LEU A 495 -11.82 -0.93 10.38
CA LEU A 495 -11.04 0.19 10.88
C LEU A 495 -9.74 0.35 10.09
N GLU A 496 -9.05 -0.76 9.79
CA GLU A 496 -7.83 -0.67 8.99
C GLU A 496 -8.12 -0.10 7.61
N GLN A 497 -9.21 -0.54 6.98
CA GLN A 497 -9.61 0.01 5.69
C GLN A 497 -9.82 1.52 5.80
N GLU A 498 -10.52 1.97 6.84
CA GLU A 498 -10.74 3.40 7.03
C GLU A 498 -9.43 4.14 7.28
N GLU A 499 -8.51 3.52 8.03
CA GLU A 499 -7.23 4.17 8.28
C GLU A 499 -6.45 4.37 6.99
N TYR A 500 -6.38 3.33 6.16
CA TYR A 500 -5.61 3.42 4.92
C TYR A 500 -6.21 4.44 3.96
N LYS A 501 -7.54 4.46 3.86
CA LYS A 501 -8.21 5.48 3.05
C LYS A 501 -7.90 6.88 3.58
N ARG A 502 -8.06 7.06 4.90
CA ARG A 502 -7.80 8.36 5.51
C ARG A 502 -6.38 8.82 5.26
N GLU A 503 -5.45 7.89 5.07
CA GLU A 503 -4.04 8.22 4.86
C GLU A 503 -3.64 8.21 3.39
N GLY A 504 -4.55 7.86 2.49
CA GLY A 504 -4.24 7.86 1.07
C GLY A 504 -3.25 6.79 0.66
N ILE A 505 -3.39 5.58 1.20
CA ILE A 505 -2.54 4.46 0.85
C ILE A 505 -3.41 3.36 0.26
N ASP A 506 -2.88 2.65 -0.74
CA ASP A 506 -3.65 1.63 -1.43
C ASP A 506 -3.91 0.44 -0.53
N TRP A 507 -5.17 -0.03 -0.55
CA TRP A 507 -5.63 -1.12 0.30
C TRP A 507 -6.31 -2.17 -0.56
N ALA A 508 -5.81 -3.40 -0.47
CA ALA A 508 -6.36 -4.50 -1.26
C ALA A 508 -6.73 -5.72 -0.44
N PHE A 509 -6.49 -5.70 0.87
CA PHE A 509 -6.72 -6.89 1.69
C PHE A 509 -8.20 -7.28 1.70
N ILE A 510 -8.44 -8.57 1.71
CA ILE A 510 -9.78 -9.11 1.87
C ILE A 510 -10.16 -9.06 3.34
N ASP A 511 -11.46 -9.01 3.60
CA ASP A 511 -12.00 -9.03 4.96
C ASP A 511 -11.32 -10.11 5.80
N PHE A 512 -10.68 -9.68 6.90
CA PHE A 512 -9.99 -10.62 7.78
C PHE A 512 -10.94 -11.66 8.37
N GLY A 513 -12.24 -11.37 8.41
CA GLY A 513 -13.20 -12.36 8.86
C GLY A 513 -13.34 -13.56 7.93
N MET A 514 -13.00 -13.38 6.65
CA MET A 514 -13.03 -14.50 5.70
C MET A 514 -12.11 -15.63 6.15
N ASP A 515 -11.04 -15.31 6.87
CA ASP A 515 -10.10 -16.35 7.29
C ASP A 515 -10.77 -17.39 8.17
N LEU A 516 -11.84 -17.02 8.87
CA LEU A 516 -12.53 -17.95 9.78
C LEU A 516 -13.78 -18.55 9.15
N LEU A 517 -14.12 -18.16 7.92
CA LEU A 517 -15.41 -18.55 7.35
C LEU A 517 -15.45 -20.04 7.01
N ALA A 518 -14.35 -20.60 6.52
CA ALA A 518 -14.33 -22.01 6.15
C ALA A 518 -14.62 -22.90 7.35
N CYS A 519 -14.10 -22.51 8.52
CA CYS A 519 -14.38 -23.27 9.74
C CYS A 519 -15.82 -23.07 10.19
N ILE A 520 -16.32 -21.84 10.13
CA ILE A 520 -17.70 -21.59 10.51
C ILE A 520 -18.64 -22.35 9.58
N ASP A 521 -18.37 -22.32 8.27
CA ASP A 521 -19.24 -22.99 7.32
C ASP A 521 -19.20 -24.51 7.50
N LEU A 522 -18.03 -25.07 7.77
CA LEU A 522 -17.93 -26.50 8.03
C LEU A 522 -18.88 -26.92 9.14
N ILE A 523 -19.10 -26.06 10.12
CA ILE A 523 -19.93 -26.41 11.27
C ILE A 523 -21.41 -26.20 10.98
N GLU A 524 -21.79 -25.08 10.35
CA GLU A 524 -23.18 -24.66 10.33
C GLU A 524 -23.91 -24.85 9.00
N LYS A 525 -23.20 -24.90 7.87
CA LYS A 525 -23.85 -24.95 6.57
C LYS A 525 -24.44 -26.33 6.30
N PRO A 526 -25.32 -26.45 5.31
CA PRO A 526 -25.88 -27.76 4.97
C PRO A 526 -24.79 -28.75 4.61
N MET A 527 -25.01 -30.01 4.98
CA MET A 527 -24.02 -31.08 4.89
C MET A 527 -22.81 -30.83 5.79
N GLY A 528 -22.84 -29.78 6.60
CA GLY A 528 -21.82 -29.56 7.59
C GLY A 528 -21.97 -30.51 8.76
N ILE A 529 -21.21 -30.22 9.81
CA ILE A 529 -21.19 -31.12 10.98
C ILE A 529 -22.56 -31.14 11.65
N LEU A 530 -23.06 -29.97 12.04
CA LEU A 530 -24.33 -29.92 12.76
C LEU A 530 -25.48 -30.42 11.87
N SER A 531 -25.42 -30.11 10.57
CA SER A 531 -26.47 -30.55 9.65
C SER A 531 -26.49 -32.07 9.54
N ILE A 532 -25.32 -32.69 9.40
CA ILE A 532 -25.25 -34.14 9.32
C ILE A 532 -25.77 -34.76 10.61
N LEU A 533 -25.40 -34.20 11.76
CA LEU A 533 -25.89 -34.69 13.03
C LEU A 533 -27.41 -34.66 13.07
N GLU A 534 -28.00 -33.50 12.70
CA GLU A 534 -29.46 -33.39 12.70
C GLU A 534 -30.09 -34.39 11.74
N GLU A 535 -29.47 -34.58 10.57
CA GLU A 535 -30.06 -35.46 9.57
C GLU A 535 -29.94 -36.93 9.96
N GLU A 536 -28.95 -37.28 10.78
CA GLU A 536 -28.79 -38.66 11.23
C GLU A 536 -30.00 -39.14 12.03
N SER A 537 -30.75 -38.23 12.64
CA SER A 537 -31.92 -38.61 13.41
C SER A 537 -33.07 -39.10 12.54
N MET A 538 -33.01 -38.87 11.22
CA MET A 538 -33.99 -39.44 10.30
C MET A 538 -33.67 -40.89 9.95
N PHE A 539 -32.62 -41.46 10.53
CA PHE A 539 -32.23 -42.85 10.28
C PHE A 539 -32.22 -43.59 11.61
N PRO A 540 -33.26 -44.36 11.93
CA PRO A 540 -33.25 -45.09 13.22
C PRO A 540 -32.09 -46.06 13.35
N LYS A 541 -31.52 -46.52 12.23
CA LYS A 541 -30.35 -47.40 12.26
C LYS A 541 -29.06 -46.66 12.60
N ALA A 542 -29.12 -45.35 12.79
CA ALA A 542 -27.89 -44.57 12.98
C ALA A 542 -27.26 -44.87 14.33
N THR A 543 -25.93 -44.93 14.33
CA THR A 543 -25.13 -45.12 15.53
C THR A 543 -24.03 -44.07 15.55
N ASP A 544 -23.22 -44.11 16.62
CA ASP A 544 -22.08 -43.19 16.70
C ASP A 544 -21.09 -43.43 15.57
N GLN A 545 -20.98 -44.67 15.08
CA GLN A 545 -20.04 -44.96 14.00
C GLN A 545 -20.60 -44.52 12.66
N THR A 546 -21.88 -44.78 12.40
CA THR A 546 -22.52 -44.27 11.18
C THR A 546 -22.36 -42.77 11.07
N PHE A 547 -22.55 -42.05 12.17
CA PHE A 547 -22.40 -40.61 12.16
C PHE A 547 -20.95 -40.21 11.89
N SER A 548 -20.02 -40.84 12.60
CA SER A 548 -18.61 -40.54 12.41
C SER A 548 -18.17 -40.84 10.98
N GLU A 549 -18.70 -41.92 10.39
CA GLU A 549 -18.29 -42.27 9.04
C GLU A 549 -18.82 -41.28 8.02
N LYS A 550 -20.03 -40.76 8.22
CA LYS A 550 -20.58 -39.79 7.29
C LYS A 550 -19.85 -38.47 7.36
N LEU A 551 -19.40 -38.06 8.55
CA LEU A 551 -18.59 -36.85 8.66
C LEU A 551 -17.32 -36.98 7.82
N THR A 552 -16.57 -38.08 8.01
CA THR A 552 -15.33 -38.27 7.28
C THR A 552 -15.58 -38.40 5.79
N ASN A 553 -16.57 -39.22 5.40
CA ASN A 553 -16.84 -39.43 3.99
C ASN A 553 -17.22 -38.13 3.29
N THR A 554 -17.86 -37.21 4.00
CA THR A 554 -18.34 -35.98 3.38
C THR A 554 -17.29 -34.88 3.37
N HIS A 555 -16.36 -34.87 4.32
CA HIS A 555 -15.52 -33.70 4.54
C HIS A 555 -14.02 -33.96 4.50
N LEU A 556 -13.56 -35.17 4.80
CA LEU A 556 -12.12 -35.40 4.83
C LEU A 556 -11.55 -35.31 3.42
N GLY A 557 -10.54 -34.46 3.25
CA GLY A 557 -9.98 -34.19 1.94
C GLY A 557 -10.84 -33.29 1.07
N LYS A 558 -12.01 -32.88 1.54
CA LYS A 558 -12.91 -32.02 0.79
C LYS A 558 -13.21 -30.69 1.46
N SER A 559 -13.21 -30.64 2.79
CA SER A 559 -13.34 -29.40 3.55
C SER A 559 -12.02 -29.17 4.28
N ALA A 560 -11.30 -28.12 3.87
CA ALA A 560 -9.97 -27.89 4.40
C ALA A 560 -9.90 -27.88 5.93
N PRO A 561 -10.83 -27.26 6.66
CA PRO A 561 -10.73 -27.25 8.12
C PRO A 561 -10.98 -28.61 8.76
N PHE A 562 -11.55 -29.57 8.04
CA PHE A 562 -11.83 -30.90 8.57
C PHE A 562 -10.58 -31.77 8.43
N GLN A 563 -10.12 -32.32 9.54
CA GLN A 563 -8.87 -33.07 9.56
C GLN A 563 -9.02 -34.35 10.35
N LYS A 564 -8.13 -35.30 10.09
CA LYS A 564 -8.05 -36.49 10.90
C LYS A 564 -7.78 -36.12 12.36
N PRO A 565 -8.30 -36.88 13.31
CA PRO A 565 -8.03 -36.58 14.72
C PRO A 565 -6.63 -36.97 15.13
N LYS A 566 -6.10 -36.25 16.11
CA LYS A 566 -4.78 -36.55 16.64
C LYS A 566 -4.74 -38.00 17.12
N PRO A 567 -3.63 -38.70 16.96
CA PRO A 567 -3.52 -40.05 17.52
C PRO A 567 -3.68 -40.01 19.03
N PRO A 568 -4.37 -40.98 19.61
CA PRO A 568 -4.72 -40.89 21.04
C PRO A 568 -3.61 -41.36 21.96
N LYS A 569 -3.68 -40.87 23.19
CA LYS A 569 -3.04 -41.53 24.30
C LYS A 569 -3.83 -42.80 24.61
N PRO A 570 -3.16 -43.94 24.83
CA PRO A 570 -3.86 -45.23 24.75
C PRO A 570 -5.13 -45.23 23.90
N GLY A 571 -6.11 -46.06 24.26
CA GLY A 571 -7.35 -46.11 23.50
C GLY A 571 -8.38 -45.08 23.88
N GLN A 572 -8.25 -44.50 25.07
CA GLN A 572 -9.28 -43.58 25.57
C GLN A 572 -9.33 -42.31 24.73
N GLN A 573 -8.19 -41.68 24.50
CA GLN A 573 -8.14 -40.37 23.85
C GLN A 573 -8.62 -40.41 22.41
N ALA A 574 -8.97 -41.59 21.90
CA ALA A 574 -9.34 -41.73 20.49
C ALA A 574 -10.52 -40.84 20.15
N ALA A 575 -10.28 -39.89 19.23
CA ALA A 575 -11.31 -38.99 18.73
C ALA A 575 -11.66 -39.39 17.30
N HIS A 576 -12.59 -38.64 16.71
CA HIS A 576 -13.16 -39.00 15.42
C HIS A 576 -12.87 -38.00 14.30
N PHE A 577 -12.58 -36.75 14.63
CA PHE A 577 -12.21 -35.77 13.62
C PHE A 577 -11.67 -34.54 14.35
N ALA A 578 -11.02 -33.67 13.58
CA ALA A 578 -10.47 -32.44 14.13
C ALA A 578 -10.87 -31.27 13.25
N ILE A 579 -10.88 -30.07 13.85
CA ILE A 579 -11.21 -28.85 13.15
C ILE A 579 -10.06 -27.87 13.32
N ALA A 580 -9.70 -27.18 12.24
CA ALA A 580 -8.69 -26.12 12.30
C ALA A 580 -9.39 -24.82 12.68
N HIS A 581 -9.50 -24.58 13.98
CA HIS A 581 -10.02 -23.33 14.51
C HIS A 581 -8.92 -22.27 14.52
N TYR A 582 -9.34 -21.01 14.67
CA TYR A 582 -8.36 -19.93 14.82
C TYR A 582 -7.49 -20.17 16.05
N ALA A 583 -8.03 -20.82 17.08
CA ALA A 583 -7.31 -21.05 18.32
C ALA A 583 -6.53 -22.36 18.33
N GLY A 584 -6.56 -23.11 17.23
CA GLY A 584 -5.76 -24.31 17.08
C GLY A 584 -6.57 -25.46 16.56
N CYS A 585 -5.88 -26.58 16.33
CA CYS A 585 -6.52 -27.81 15.90
C CYS A 585 -7.13 -28.50 17.10
N VAL A 586 -8.42 -28.83 17.01
CA VAL A 586 -9.18 -29.41 18.10
C VAL A 586 -9.75 -30.74 17.62
N SER A 587 -9.46 -31.81 18.35
CA SER A 587 -9.97 -33.14 18.05
C SER A 587 -11.22 -33.39 18.88
N TYR A 588 -12.29 -33.87 18.24
CA TYR A 588 -13.59 -34.02 18.85
C TYR A 588 -14.00 -35.50 18.89
N ASN A 589 -14.51 -35.93 20.03
CA ASN A 589 -15.04 -37.27 20.21
C ASN A 589 -16.56 -37.20 20.15
N ILE A 590 -17.15 -37.92 19.20
CA ILE A 590 -18.56 -37.78 18.87
C ILE A 590 -19.43 -38.79 19.62
N THR A 591 -18.86 -39.46 20.61
CA THR A 591 -19.61 -40.46 21.36
C THR A 591 -20.83 -39.81 22.02
N GLY A 592 -22.02 -40.32 21.71
CA GLY A 592 -23.24 -39.87 22.35
C GLY A 592 -23.88 -38.66 21.73
N TRP A 593 -23.27 -38.05 20.71
CA TRP A 593 -23.83 -36.83 20.14
C TRP A 593 -25.25 -37.04 19.62
N LEU A 594 -25.50 -38.20 18.99
CA LEU A 594 -26.85 -38.48 18.50
C LEU A 594 -27.86 -38.44 19.63
N GLU A 595 -27.53 -39.03 20.78
CA GLU A 595 -28.45 -39.01 21.92
C GLU A 595 -28.58 -37.62 22.51
N LYS A 596 -27.44 -36.94 22.74
CA LYS A 596 -27.46 -35.63 23.38
C LYS A 596 -28.27 -34.62 22.57
N ASN A 597 -28.29 -34.76 21.24
CA ASN A 597 -28.90 -33.75 20.40
C ASN A 597 -30.42 -33.87 20.33
N LYS A 598 -30.98 -35.00 20.73
CA LYS A 598 -32.43 -35.17 20.72
C LYS A 598 -33.06 -34.26 21.77
N ASP A 599 -34.17 -33.63 21.41
CA ASP A 599 -34.87 -32.73 22.32
C ASP A 599 -36.36 -32.80 22.07
N PRO A 600 -37.00 -33.96 22.25
CA PRO A 600 -38.43 -34.07 21.96
C PRO A 600 -39.29 -33.57 23.11
N LEU A 601 -39.87 -32.38 22.96
CA LEU A 601 -40.77 -31.84 23.97
C LEU A 601 -42.19 -32.35 23.71
N ASN A 602 -42.82 -32.89 24.75
CA ASN A 602 -44.17 -33.46 24.65
C ASN A 602 -45.17 -32.31 24.68
N ASP A 603 -45.71 -31.97 23.52
CA ASP A 603 -46.66 -30.86 23.44
C ASP A 603 -47.93 -31.13 24.23
N THR A 604 -48.35 -32.39 24.31
CA THR A 604 -49.54 -32.72 25.09
C THR A 604 -49.32 -32.41 26.57
N VAL A 605 -48.16 -32.78 27.11
CA VAL A 605 -47.86 -32.47 28.50
C VAL A 605 -47.76 -30.97 28.71
N VAL A 606 -47.12 -30.25 27.78
CA VAL A 606 -47.02 -28.80 27.91
C VAL A 606 -48.40 -28.17 27.95
N ASP A 607 -49.32 -28.68 27.13
CA ASP A 607 -50.70 -28.18 27.16
C ASP A 607 -51.31 -28.39 28.54
N GLN A 608 -51.03 -29.53 29.17
CA GLN A 608 -51.50 -29.76 30.53
C GLN A 608 -50.88 -28.75 31.49
N PHE A 609 -49.56 -28.53 31.38
CA PHE A 609 -48.90 -27.53 32.22
C PHE A 609 -49.56 -26.17 32.09
N LYS A 610 -49.93 -25.79 30.86
CA LYS A 610 -50.51 -24.49 30.61
C LYS A 610 -51.89 -24.31 31.23
N LYS A 611 -52.56 -25.41 31.59
CA LYS A 611 -53.86 -25.36 32.23
C LYS A 611 -53.82 -25.88 33.68
N SER A 612 -52.64 -25.91 34.28
CA SER A 612 -52.48 -26.39 35.65
C SER A 612 -52.79 -25.27 36.64
N GLN A 613 -52.65 -25.57 37.92
CA GLN A 613 -52.94 -24.61 38.97
C GLN A 613 -51.72 -23.81 39.41
N ASN A 614 -50.50 -24.23 39.05
CA ASN A 614 -49.31 -23.45 39.37
C ASN A 614 -49.24 -22.28 38.40
N LYS A 615 -49.47 -21.07 38.91
CA LYS A 615 -49.55 -19.90 38.04
C LYS A 615 -48.20 -19.59 37.40
N LEU A 616 -47.10 -19.82 38.10
CA LEU A 616 -45.79 -19.57 37.52
C LEU A 616 -45.52 -20.52 36.37
N LEU A 617 -45.92 -21.79 36.50
CA LEU A 617 -45.75 -22.73 35.40
C LEU A 617 -46.47 -22.23 34.15
N ILE A 618 -47.70 -21.75 34.31
CA ILE A 618 -48.44 -21.18 33.18
C ILE A 618 -47.62 -20.06 32.55
N GLU A 619 -47.15 -19.12 33.37
CA GLU A 619 -46.45 -17.94 32.85
C GLU A 619 -45.22 -18.34 32.03
N ILE A 620 -44.38 -19.22 32.57
CA ILE A 620 -43.10 -19.51 31.91
C ILE A 620 -43.30 -20.28 30.61
N PHE A 621 -44.48 -20.86 30.41
CA PHE A 621 -44.85 -21.49 29.15
C PHE A 621 -45.80 -20.63 28.32
N ALA A 622 -45.89 -19.33 28.64
CA ALA A 622 -46.89 -18.48 27.99
C ALA A 622 -46.71 -18.46 26.48
N ASP A 623 -45.47 -18.33 26.01
CA ASP A 623 -45.21 -18.23 24.58
C ASP A 623 -45.26 -19.58 23.86
N HIS A 624 -45.65 -20.64 24.54
CA HIS A 624 -45.80 -21.95 23.93
C HIS A 624 -47.28 -22.20 23.64
N ALA A 625 -47.58 -22.68 22.43
CA ALA A 625 -48.96 -22.88 22.01
C ALA A 625 -49.25 -24.37 21.83
N GLY A 626 -48.97 -25.18 22.84
CA GLY A 626 -49.14 -26.61 22.72
C GLY A 626 -50.59 -27.03 22.84
N GLN A 627 -50.92 -28.10 22.13
CA GLN A 627 -52.27 -28.65 22.15
C GLN A 627 -52.27 -30.11 21.66
N GLY A 642 -34.22 -23.65 10.66
CA GLY A 642 -32.78 -23.55 10.55
C GLY A 642 -32.13 -24.86 10.14
N GLY A 643 -32.68 -25.97 10.63
CA GLY A 643 -32.15 -27.28 10.32
C GLY A 643 -33.07 -28.41 10.73
N GLY A 644 -32.63 -29.23 11.69
CA GLY A 644 -33.42 -30.34 12.17
C GLY A 644 -34.37 -29.91 13.27
N PHE A 645 -35.66 -30.19 13.07
CA PHE A 645 -36.67 -29.77 14.03
C PHE A 645 -36.50 -30.52 15.35
N ALA A 646 -36.51 -29.76 16.46
CA ALA A 646 -36.51 -30.32 17.80
C ALA A 646 -35.17 -30.98 18.14
N THR A 647 -34.08 -30.28 17.85
CA THR A 647 -32.74 -30.71 18.22
C THR A 647 -32.06 -29.63 19.05
N VAL A 648 -31.09 -30.06 19.86
CA VAL A 648 -30.31 -29.13 20.65
C VAL A 648 -29.48 -28.24 19.73
N SER A 649 -28.92 -28.82 18.66
CA SER A 649 -28.07 -28.05 17.76
C SER A 649 -28.82 -26.91 17.10
N SER A 650 -30.04 -27.18 16.63
CA SER A 650 -30.81 -26.14 15.95
C SER A 650 -31.17 -25.00 16.89
N ALA A 651 -31.54 -25.33 18.12
CA ALA A 651 -31.81 -24.28 19.11
C ALA A 651 -30.53 -23.51 19.42
N TYR A 652 -29.39 -24.19 19.49
CA TYR A 652 -28.13 -23.51 19.76
C TYR A 652 -27.80 -22.53 18.64
N LYS A 653 -27.93 -22.96 17.38
CA LYS A 653 -27.67 -22.07 16.25
C LYS A 653 -28.59 -20.85 16.28
N GLU A 654 -29.84 -21.05 16.68
CA GLU A 654 -30.81 -19.96 16.65
C GLU A 654 -30.42 -18.86 17.64
N GLN A 655 -30.07 -19.24 18.87
CA GLN A 655 -29.69 -18.25 19.86
C GLN A 655 -28.35 -17.61 19.55
N LEU A 656 -27.39 -18.40 19.04
CA LEU A 656 -26.13 -17.84 18.62
C LEU A 656 -26.32 -16.78 17.55
N ASN A 657 -27.16 -17.07 16.55
CA ASN A 657 -27.45 -16.08 15.51
C ASN A 657 -28.14 -14.86 16.10
N SER A 658 -29.05 -15.06 17.04
CA SER A 658 -29.68 -13.93 17.71
C SER A 658 -28.64 -13.08 18.43
N LEU A 659 -27.68 -13.72 19.12
CA LEU A 659 -26.62 -12.98 19.77
C LEU A 659 -25.78 -12.20 18.77
N MET A 660 -25.34 -12.87 17.69
CA MET A 660 -24.47 -12.19 16.73
C MET A 660 -25.17 -11.04 16.05
N THR A 661 -26.48 -11.18 15.77
CA THR A 661 -27.23 -10.07 15.19
C THR A 661 -27.24 -8.86 16.11
N THR A 662 -27.46 -9.09 17.41
CA THR A 662 -27.38 -7.99 18.37
C THR A 662 -26.01 -7.33 18.33
N LEU A 663 -24.94 -8.13 18.35
CA LEU A 663 -23.61 -7.56 18.38
C LEU A 663 -23.30 -6.80 17.09
N ARG A 664 -23.70 -7.34 15.95
CA ARG A 664 -23.42 -6.71 14.67
C ARG A 664 -24.16 -5.40 14.48
N SER A 665 -25.09 -5.05 15.36
CA SER A 665 -25.75 -3.76 15.34
C SER A 665 -25.09 -2.76 16.30
N THR A 666 -23.97 -3.13 16.90
CA THR A 666 -23.24 -2.26 17.81
C THR A 666 -21.84 -2.03 17.26
N GLN A 667 -21.16 -1.05 17.84
CA GLN A 667 -19.75 -0.83 17.58
C GLN A 667 -18.96 -1.43 18.75
N PRO A 668 -18.15 -2.46 18.54
CA PRO A 668 -17.60 -3.21 19.67
C PRO A 668 -16.25 -2.70 20.17
N HIS A 669 -15.95 -3.12 21.40
CA HIS A 669 -14.67 -2.90 22.04
C HIS A 669 -14.32 -4.18 22.78
N PHE A 670 -13.02 -4.42 22.99
CA PHE A 670 -12.55 -5.75 23.37
C PHE A 670 -11.57 -5.65 24.52
N VAL A 671 -11.91 -6.28 25.65
CA VAL A 671 -11.08 -6.34 26.84
C VAL A 671 -10.75 -7.81 27.10
N ARG A 672 -9.47 -8.11 27.35
CA ARG A 672 -9.02 -9.46 27.60
C ARG A 672 -8.39 -9.54 28.99
N CYS A 673 -9.07 -10.22 29.90
CA CYS A 673 -8.55 -10.44 31.24
C CYS A 673 -7.73 -11.73 31.27
N ILE A 674 -6.57 -11.67 31.93
CA ILE A 674 -5.59 -12.75 31.93
C ILE A 674 -5.36 -13.20 33.35
N ILE A 675 -5.34 -14.52 33.56
CA ILE A 675 -4.84 -15.11 34.80
C ILE A 675 -3.35 -15.42 34.58
N PRO A 676 -2.44 -14.76 35.31
CA PRO A 676 -1.01 -14.93 35.02
C PRO A 676 -0.42 -16.24 35.53
N ASN A 677 -1.01 -16.79 36.58
CA ASN A 677 -0.54 -18.05 37.15
C ASN A 677 -1.68 -18.71 37.92
N GLU A 678 -1.58 -20.01 38.11
CA GLU A 678 -2.65 -20.81 38.71
C GLU A 678 -2.62 -20.81 40.23
N MET A 679 -1.67 -20.08 40.85
CA MET A 679 -1.56 -20.05 42.30
C MET A 679 -1.99 -18.71 42.89
N LYS A 680 -2.49 -17.78 42.06
CA LYS A 680 -2.88 -16.45 42.52
C LYS A 680 -1.70 -15.66 43.07
N GLN A 681 -0.48 -16.03 42.70
CA GLN A 681 0.70 -15.36 43.24
C GLN A 681 0.93 -14.05 42.49
N PRO A 682 1.07 -12.92 43.17
CA PRO A 682 1.43 -11.69 42.48
C PRO A 682 2.83 -11.78 41.87
N GLY A 683 2.99 -11.14 40.72
CA GLY A 683 4.28 -10.98 40.10
C GLY A 683 4.83 -12.21 39.40
N VAL A 684 4.03 -13.26 39.25
CA VAL A 684 4.46 -14.49 38.59
C VAL A 684 3.66 -14.66 37.31
N VAL A 685 4.35 -14.94 36.22
CA VAL A 685 3.76 -15.15 34.90
C VAL A 685 4.11 -16.55 34.44
N ASP A 686 3.10 -17.41 34.35
CA ASP A 686 3.25 -18.76 33.78
C ASP A 686 3.14 -18.65 32.27
N ALA A 687 4.27 -18.76 31.57
CA ALA A 687 4.31 -18.48 30.13
C ALA A 687 3.33 -19.36 29.36
N HIS A 688 3.33 -20.66 29.63
CA HIS A 688 2.47 -21.56 28.87
C HIS A 688 0.99 -21.27 29.14
N LEU A 689 0.66 -20.90 30.38
CA LEU A 689 -0.73 -20.60 30.72
C LEU A 689 -1.19 -19.33 30.01
N VAL A 690 -0.35 -18.31 29.99
CA VAL A 690 -0.72 -17.04 29.34
C VAL A 690 -0.76 -17.21 27.83
N MET A 691 0.19 -17.95 27.27
CA MET A 691 0.17 -18.20 25.83
C MET A 691 -1.13 -18.86 25.39
N HIS A 692 -1.60 -19.83 26.17
CA HIS A 692 -2.83 -20.53 25.82
C HIS A 692 -4.02 -19.57 25.81
N GLN A 693 -4.05 -18.63 26.76
CA GLN A 693 -5.14 -17.66 26.83
C GLN A 693 -5.08 -16.71 25.64
N LEU A 694 -3.89 -16.21 25.30
CA LEU A 694 -3.76 -15.30 24.17
C LEU A 694 -4.11 -15.97 22.84
N THR A 695 -4.01 -17.30 22.77
CA THR A 695 -4.46 -18.01 21.60
C THR A 695 -5.98 -18.16 21.59
N CYS A 696 -6.57 -18.46 22.75
CA CYS A 696 -8.02 -18.67 22.83
C CYS A 696 -8.81 -17.36 22.78
N ASN A 697 -8.24 -16.25 23.25
CA ASN A 697 -8.97 -15.00 23.34
C ASN A 697 -8.71 -14.06 22.16
N GLY A 698 -8.02 -14.54 21.13
CA GLY A 698 -7.88 -13.81 19.89
C GLY A 698 -6.71 -12.84 19.80
N VAL A 699 -5.96 -12.64 20.88
CA VAL A 699 -4.86 -11.67 20.83
C VAL A 699 -3.84 -12.07 19.77
N LEU A 700 -3.48 -13.36 19.74
CA LEU A 700 -2.49 -13.81 18.77
C LEU A 700 -3.03 -13.83 17.35
N GLU A 701 -4.33 -14.09 17.19
CA GLU A 701 -4.97 -13.91 15.89
C GLU A 701 -4.86 -12.46 15.44
N GLY A 702 -5.06 -11.52 16.37
CA GLY A 702 -4.87 -10.11 16.04
C GLY A 702 -3.45 -9.80 15.62
N ILE A 703 -2.46 -10.36 16.33
CA ILE A 703 -1.07 -10.20 15.94
C ILE A 703 -0.85 -10.75 14.53
N ARG A 704 -1.40 -11.94 14.25
CA ARG A 704 -1.20 -12.57 12.96
C ARG A 704 -1.70 -11.68 11.83
N ILE A 705 -2.80 -10.96 12.04
CA ILE A 705 -3.38 -10.15 10.98
C ILE A 705 -2.57 -8.87 10.79
N CYS A 706 -2.23 -8.18 11.88
CA CYS A 706 -1.64 -6.85 11.74
C CYS A 706 -0.23 -6.93 11.15
N ARG A 707 0.50 -8.01 11.39
CA ARG A 707 1.84 -8.13 10.86
C ARG A 707 1.88 -8.48 9.38
N LYS A 708 0.72 -8.74 8.76
CA LYS A 708 0.69 -9.11 7.35
C LYS A 708 0.99 -7.93 6.44
N GLY A 709 0.67 -6.71 6.87
CA GLY A 709 0.86 -5.55 6.02
C GLY A 709 1.95 -4.60 6.50
N PHE A 710 1.54 -3.46 7.03
CA PHE A 710 2.44 -2.44 7.56
C PHE A 710 1.97 -2.09 8.96
N PRO A 711 2.34 -2.90 9.96
CA PRO A 711 1.75 -2.72 11.29
C PRO A 711 2.19 -1.45 12.01
N ASN A 712 3.44 -1.03 11.83
CA ASN A 712 3.99 0.07 12.60
C ASN A 712 3.82 1.39 11.84
N ARG A 713 3.43 2.43 12.58
CA ARG A 713 3.13 3.73 12.00
C ARG A 713 3.68 4.83 12.89
N MET A 714 4.36 5.80 12.30
CA MET A 714 4.89 6.95 13.02
C MET A 714 4.41 8.23 12.38
N MET A 715 3.92 9.15 13.20
CA MET A 715 3.67 10.51 12.73
C MET A 715 4.97 11.10 12.20
N TYR A 716 4.87 11.92 11.16
CA TYR A 716 6.07 12.48 10.54
C TYR A 716 6.92 13.28 11.52
N PRO A 717 6.37 14.12 12.39
CA PRO A 717 7.24 14.82 13.35
C PRO A 717 8.02 13.88 14.25
N ASP A 718 7.42 12.77 14.65
CA ASP A 718 8.12 11.80 15.48
C ASP A 718 9.27 11.16 14.72
N PHE A 719 9.02 10.75 13.47
CA PHE A 719 10.06 10.11 12.69
C PHE A 719 11.24 11.04 12.49
N LYS A 720 10.97 12.28 12.04
CA LYS A 720 12.05 13.25 11.85
C LYS A 720 12.84 13.46 13.13
N MET A 721 12.13 13.63 14.24
CA MET A 721 12.78 13.81 15.53
C MET A 721 13.72 12.65 15.83
N ARG A 722 13.32 11.42 15.48
CA ARG A 722 14.05 10.23 15.89
C ARG A 722 15.24 9.94 14.99
N TYR A 723 15.07 10.06 13.68
CA TYR A 723 16.06 9.59 12.72
C TYR A 723 16.71 10.73 11.94
N GLN A 724 16.52 11.97 12.38
CA GLN A 724 17.16 13.12 11.74
C GLN A 724 18.67 12.95 11.68
N ILE A 725 19.26 12.23 12.65
CA ILE A 725 20.71 12.11 12.71
C ILE A 725 21.28 11.26 11.58
N LEU A 726 20.45 10.52 10.85
CA LEU A 726 20.95 9.69 9.76
C LEU A 726 21.32 10.51 8.52
N ASN A 727 20.82 11.74 8.41
CA ASN A 727 21.21 12.61 7.32
C ASN A 727 20.88 14.06 7.66
N PRO A 728 21.60 14.66 8.62
CA PRO A 728 21.30 16.07 8.96
C PRO A 728 21.47 17.02 7.79
N LYS A 729 22.53 16.82 6.99
CA LYS A 729 22.74 17.69 5.84
C LYS A 729 21.58 17.59 4.84
N GLY A 730 21.07 16.37 4.63
CA GLY A 730 20.06 16.18 3.60
C GLY A 730 18.76 16.90 3.87
N ILE A 731 18.42 17.11 5.14
CA ILE A 731 17.16 17.75 5.50
C ILE A 731 17.37 19.19 5.98
N LYS A 732 18.59 19.70 5.89
CA LYS A 732 18.88 21.06 6.34
C LYS A 732 17.92 22.06 5.70
N GLY A 733 17.22 22.81 6.55
CA GLY A 733 16.34 23.86 6.08
C GLY A 733 14.96 23.40 5.62
N ILE A 734 14.70 22.11 5.60
CA ILE A 734 13.40 21.59 5.18
C ILE A 734 12.46 21.62 6.38
N GLU A 735 11.41 22.43 6.29
CA GLU A 735 10.48 22.61 7.41
C GLU A 735 9.48 21.47 7.50
N ASP A 736 9.00 20.98 6.36
CA ASP A 736 7.95 19.96 6.35
C ASP A 736 8.49 18.63 6.88
N PRO A 737 7.94 18.09 7.96
CA PRO A 737 8.46 16.80 8.47
C PRO A 737 8.17 15.63 7.55
N LYS A 738 7.15 15.71 6.69
CA LYS A 738 6.91 14.65 5.72
C LYS A 738 8.04 14.58 4.71
N LYS A 739 8.44 15.74 4.18
CA LYS A 739 9.57 15.76 3.24
C LYS A 739 10.85 15.29 3.91
N CYS A 740 11.09 15.71 5.15
CA CYS A 740 12.26 15.24 5.89
C CYS A 740 12.26 13.72 5.99
N THR A 741 11.11 13.14 6.35
CA THR A 741 11.00 11.69 6.45
C THR A 741 11.33 11.02 5.13
N LYS A 742 10.81 11.55 4.02
CA LYS A 742 11.11 11.00 2.72
C LYS A 742 12.61 11.04 2.45
N VAL A 743 13.26 12.18 2.73
CA VAL A 743 14.70 12.31 2.52
C VAL A 743 15.46 11.32 3.39
N LEU A 744 15.10 11.24 4.67
CA LEU A 744 15.83 10.36 5.59
C LEU A 744 15.74 8.90 5.16
N ILE A 745 14.52 8.42 4.86
CA ILE A 745 14.35 7.03 4.47
C ILE A 745 15.12 6.74 3.19
N GLU A 746 14.98 7.62 2.19
CA GLU A 746 15.69 7.41 0.93
C GLU A 746 17.19 7.38 1.14
N SER A 747 17.71 8.07 2.14
CA SER A 747 19.14 8.04 2.41
C SER A 747 19.58 6.76 3.11
N THR A 748 18.64 5.93 3.56
CA THR A 748 18.99 4.64 4.14
C THR A 748 18.93 3.55 3.07
N GLU A 749 19.42 2.37 3.44
CA GLU A 749 19.41 1.21 2.55
C GLU A 749 18.07 0.49 2.56
N LEU A 750 17.02 1.09 3.11
CA LEU A 750 15.72 0.42 3.15
C LEU A 750 15.20 0.17 1.75
N ASN A 751 14.62 -1.01 1.55
CA ASN A 751 13.97 -1.33 0.29
C ASN A 751 12.79 -0.38 0.05
N ASP A 752 12.52 -0.13 -1.23
CA ASP A 752 11.44 0.80 -1.59
C ASP A 752 10.08 0.32 -1.10
N ASP A 753 9.88 -1.00 -0.98
CA ASP A 753 8.58 -1.56 -0.63
C ASP A 753 8.46 -1.90 0.84
N GLN A 754 9.40 -1.45 1.68
CA GLN A 754 9.34 -1.73 3.10
C GLN A 754 8.56 -0.68 3.89
N TYR A 755 8.01 0.32 3.22
CA TYR A 755 7.28 1.38 3.91
C TYR A 755 6.24 1.97 2.95
N ARG A 756 5.35 2.77 3.52
CA ARG A 756 4.36 3.53 2.77
C ARG A 756 4.25 4.91 3.38
N LEU A 757 4.21 5.94 2.54
CA LEU A 757 4.11 7.33 2.98
C LEU A 757 2.64 7.74 2.94
N GLY A 758 2.07 8.00 4.12
CA GLY A 758 0.70 8.45 4.23
C GLY A 758 0.59 9.96 4.32
N ASN A 759 -0.66 10.43 4.43
CA ASN A 759 -0.90 11.87 4.48
C ASN A 759 -0.28 12.48 5.73
N THR A 760 -0.39 11.79 6.87
CA THR A 760 0.12 12.31 8.14
C THR A 760 1.12 11.39 8.83
N LYS A 761 1.32 10.17 8.34
CA LYS A 761 2.23 9.24 9.00
C LYS A 761 2.84 8.31 7.96
N VAL A 762 3.96 7.71 8.33
CA VAL A 762 4.65 6.72 7.50
C VAL A 762 4.37 5.34 8.07
N PHE A 763 4.11 4.38 7.19
CA PHE A 763 3.82 2.99 7.55
C PHE A 763 5.04 2.12 7.29
N PHE A 764 5.22 1.10 8.12
CA PHE A 764 6.39 0.22 8.03
C PHE A 764 5.97 -1.24 8.15
N ARG A 765 6.62 -2.09 7.35
CA ARG A 765 6.49 -3.52 7.53
C ARG A 765 7.19 -3.96 8.80
N ALA A 766 6.82 -5.15 9.29
CA ALA A 766 7.45 -5.69 10.48
C ALA A 766 8.96 -5.73 10.33
N GLY A 767 9.66 -5.47 11.42
CA GLY A 767 11.11 -5.55 11.45
C GLY A 767 11.84 -4.37 10.88
N VAL A 768 11.17 -3.50 10.12
CA VAL A 768 11.87 -2.40 9.46
C VAL A 768 12.35 -1.36 10.46
N LEU A 769 11.50 -1.01 11.43
CA LEU A 769 11.92 -0.04 12.44
C LEU A 769 13.06 -0.59 13.28
N GLY A 770 13.14 -1.91 13.44
CA GLY A 770 14.30 -2.50 14.08
C GLY A 770 15.59 -2.21 13.34
N GLN A 771 15.51 -2.18 12.01
CA GLN A 771 16.67 -1.81 11.20
C GLN A 771 16.99 -0.33 11.32
N MET A 772 15.95 0.52 11.36
CA MET A 772 16.17 1.94 11.59
C MET A 772 16.85 2.18 12.94
N GLU A 773 16.44 1.43 13.96
CA GLU A 773 17.05 1.58 15.28
C GLU A 773 18.52 1.18 15.26
N GLU A 774 18.89 0.20 14.42
CA GLU A 774 20.29 -0.16 14.28
C GLU A 774 21.09 1.00 13.68
N PHE A 775 20.57 1.60 12.60
CA PHE A 775 21.21 2.78 12.02
C PHE A 775 21.38 3.88 13.06
N ARG A 776 20.32 4.16 13.82
CA ARG A 776 20.37 5.22 14.81
C ARG A 776 21.40 4.91 15.89
N ASP A 777 21.33 3.71 16.46
CA ASP A 777 22.26 3.33 17.53
C ASP A 777 23.72 3.52 17.08
N GLU A 778 24.04 3.03 15.88
CA GLU A 778 25.43 3.09 15.41
C GLU A 778 25.89 4.53 15.26
N ARG A 779 25.05 5.40 14.69
CA ARG A 779 25.44 6.78 14.49
C ARG A 779 25.48 7.56 15.81
N LEU A 780 24.50 7.32 16.68
CA LEU A 780 24.48 7.99 17.98
C LEU A 780 25.67 7.57 18.84
N GLY A 781 25.98 6.27 18.86
CA GLY A 781 27.10 5.81 19.64
C GLY A 781 28.42 6.39 19.17
N LYS A 782 28.58 6.53 17.86
CA LYS A 782 29.81 7.08 17.31
C LYS A 782 29.97 8.56 17.67
N ILE A 783 28.92 9.34 17.45
CA ILE A 783 29.02 10.78 17.72
C ILE A 783 29.18 11.04 19.21
N MET A 784 28.48 10.27 20.05
CA MET A 784 28.66 10.42 21.49
C MET A 784 30.10 10.14 21.90
N SER A 785 30.72 9.11 21.31
CA SER A 785 32.11 8.82 21.62
C SER A 785 33.00 10.01 21.23
N TRP A 786 32.71 10.64 20.10
CA TRP A 786 33.40 11.87 19.74
C TRP A 786 33.16 12.95 20.78
N MET A 787 31.88 13.18 21.13
CA MET A 787 31.54 14.20 22.11
C MET A 787 32.24 13.96 23.43
N GLN A 788 32.31 12.70 23.86
CA GLN A 788 33.01 12.36 25.09
C GLN A 788 34.51 12.49 24.92
N ALA A 789 35.03 12.24 23.73
CA ALA A 789 36.46 12.45 23.48
C ALA A 789 36.81 13.92 23.59
N TRP A 790 35.93 14.80 23.10
CA TRP A 790 36.14 16.23 23.26
C TRP A 790 35.97 16.65 24.71
N ALA A 791 35.09 15.99 25.45
CA ALA A 791 34.95 16.27 26.88
C ALA A 791 36.23 15.90 27.62
N ARG A 792 36.79 14.73 27.31
CA ARG A 792 38.06 14.35 27.94
C ARG A 792 39.19 15.27 27.51
N GLY A 793 39.14 15.79 26.28
CA GLY A 793 40.14 16.75 25.85
C GLY A 793 40.05 18.06 26.59
N TYR A 794 38.83 18.53 26.85
CA TYR A 794 38.62 19.75 27.61
C TYR A 794 39.16 19.61 29.03
N LEU A 795 38.75 18.54 29.72
CA LEU A 795 39.22 18.32 31.08
C LEU A 795 40.72 18.07 31.12
N SER A 796 41.26 17.46 30.06
CA SER A 796 42.70 17.18 30.03
C SER A 796 43.51 18.45 29.82
N ARG A 797 43.11 19.27 28.84
CA ARG A 797 43.80 20.54 28.61
C ARG A 797 43.67 21.46 29.82
N LYS A 798 42.58 21.34 30.57
CA LYS A 798 42.44 22.09 31.81
C LYS A 798 43.52 21.67 32.82
N GLY A 799 43.71 20.36 32.98
CA GLY A 799 44.76 19.87 33.87
C GLY A 799 46.16 20.08 33.35
N PHE A 800 46.32 20.20 32.03
CA PHE A 800 47.64 20.47 31.47
C PHE A 800 48.10 21.89 31.77
N LYS A 801 47.16 22.84 31.81
CA LYS A 801 47.49 24.20 32.18
C LYS A 801 47.89 24.29 33.65
N LYS A 802 47.32 23.46 34.51
CA LYS A 802 47.74 23.44 35.90
C LYS A 802 49.18 22.94 36.01
N LEU A 803 49.53 21.89 35.27
CA LEU A 803 50.91 21.40 35.27
C LEU A 803 51.86 22.42 34.65
N GLN A 804 51.43 23.09 33.58
CA GLN A 804 52.30 24.04 32.91
C GLN A 804 52.71 25.19 33.82
N GLU A 805 51.85 25.57 34.76
CA GLU A 805 52.17 26.66 35.67
C GLU A 805 53.01 26.18 36.84
N GLN A 806 52.71 25.01 37.39
CA GLN A 806 53.45 24.48 38.52
C GLN A 806 54.82 23.96 38.14
N ARG A 807 55.03 23.60 36.87
CA ARG A 807 56.31 23.07 36.42
C ARG A 807 57.35 24.18 36.33
N MET B 1 57.15 11.45 11.66
CA MET B 1 58.48 11.80 12.24
C MET B 1 58.99 13.13 11.68
N ALA B 2 59.70 13.07 10.56
CA ALA B 2 60.36 14.24 10.00
C ALA B 2 59.47 15.04 9.05
N ASP B 3 58.19 14.67 8.92
CA ASP B 3 57.27 15.35 8.01
C ASP B 3 56.24 16.19 8.77
N VAL B 4 56.63 16.71 9.93
CA VAL B 4 55.78 17.58 10.73
C VAL B 4 56.38 18.98 10.70
N PRO B 5 55.59 20.03 10.46
CA PRO B 5 56.16 21.39 10.47
C PRO B 5 56.91 21.67 11.75
N LYS B 6 57.96 22.50 11.64
CA LYS B 6 58.85 22.72 12.77
C LYS B 6 58.13 23.35 13.95
N ARG B 7 57.20 24.26 13.69
CA ARG B 7 56.46 24.89 14.78
C ARG B 7 55.66 23.85 15.56
N GLU B 8 55.07 22.89 14.86
CA GLU B 8 54.32 21.84 15.54
C GLU B 8 55.24 20.96 16.38
N VAL B 9 56.45 20.70 15.90
CA VAL B 9 57.41 19.93 16.68
C VAL B 9 57.69 20.62 18.00
N GLU B 10 57.82 21.95 18.00
CA GLU B 10 58.15 22.68 19.22
C GLU B 10 57.03 22.55 20.25
N ASN B 11 55.77 22.56 19.80
CA ASN B 11 54.67 22.32 20.73
C ASN B 11 54.77 20.93 21.35
N VAL B 12 55.06 19.91 20.54
CA VAL B 12 55.24 18.56 21.07
C VAL B 12 56.36 18.55 22.09
N GLU B 13 57.51 19.13 21.74
CA GLU B 13 58.64 19.19 22.67
C GLU B 13 58.22 19.83 23.98
N PHE B 14 57.39 20.87 23.92
CA PHE B 14 56.95 21.52 25.15
C PHE B 14 56.04 20.60 25.98
N VAL B 15 55.22 19.78 25.31
CA VAL B 15 54.41 18.82 26.04
C VAL B 15 55.29 17.76 26.70
N PHE B 16 56.27 17.25 25.96
CA PHE B 16 57.18 16.24 26.52
C PHE B 16 57.97 16.80 27.69
N GLU B 17 58.31 18.10 27.65
CA GLU B 17 59.00 18.72 28.78
C GLU B 17 58.11 18.72 30.02
N VAL B 18 56.84 19.08 29.85
CA VAL B 18 55.94 19.17 31.00
C VAL B 18 55.55 17.78 31.49
N MET B 19 55.29 16.85 30.56
CA MET B 19 54.69 15.56 30.90
C MET B 19 55.72 14.44 31.00
N GLY B 20 56.71 14.41 30.11
CA GLY B 20 57.64 13.32 30.03
C GLY B 20 58.99 13.64 30.67
N SER B 21 59.94 12.73 30.44
CA SER B 21 61.31 12.88 30.90
C SER B 21 62.26 13.06 29.73
N PRO B 22 63.39 13.74 29.92
CA PRO B 22 64.31 13.96 28.79
C PRO B 22 64.77 12.68 28.13
N GLY B 23 65.04 11.63 28.90
CA GLY B 23 65.55 10.39 28.35
C GLY B 23 64.47 9.45 27.84
N GLU B 24 63.49 9.15 28.69
CA GLU B 24 62.50 8.14 28.35
C GLU B 24 61.38 8.68 27.46
N GLY B 25 61.07 9.97 27.56
CA GLY B 25 59.93 10.53 26.88
C GLY B 25 58.70 10.52 27.77
N ILE B 26 57.54 10.17 27.22
CA ILE B 26 56.30 10.13 27.99
C ILE B 26 55.92 8.67 28.21
N ASP B 27 55.19 8.43 29.28
CA ASP B 27 54.63 7.11 29.56
C ASP B 27 53.40 6.87 28.70
N ALA B 28 53.29 5.66 28.17
CA ALA B 28 52.19 5.33 27.25
C ALA B 28 50.82 5.51 27.90
N VAL B 29 50.74 5.50 29.23
CA VAL B 29 49.47 5.77 29.89
C VAL B 29 49.04 7.23 29.75
N ASP B 30 49.95 8.10 29.33
CA ASP B 30 49.67 9.51 29.12
C ASP B 30 49.57 9.87 27.64
N LEU B 31 49.53 8.88 26.75
CA LEU B 31 49.42 9.17 25.33
C LEU B 31 48.17 9.98 25.03
N GLY B 32 47.04 9.61 25.63
CA GLY B 32 45.81 10.35 25.39
C GLY B 32 45.91 11.79 25.83
N ASP B 33 46.38 12.00 27.06
CA ASP B 33 46.51 13.37 27.58
C ASP B 33 47.55 14.17 26.80
N ALA B 34 48.61 13.53 26.33
CA ALA B 34 49.60 14.24 25.52
C ALA B 34 49.02 14.70 24.19
N LEU B 35 48.18 13.87 23.57
CA LEU B 35 47.52 14.27 22.33
C LEU B 35 46.51 15.39 22.59
N ARG B 36 45.82 15.33 23.73
CA ARG B 36 44.85 16.36 24.07
C ARG B 36 45.55 17.69 24.36
N ALA B 37 46.71 17.64 25.01
CA ALA B 37 47.46 18.88 25.27
C ALA B 37 47.79 19.60 23.97
N LEU B 38 47.90 18.86 22.87
CA LEU B 38 48.14 19.43 21.55
C LEU B 38 46.84 19.76 20.81
N ASN B 39 45.74 19.93 21.55
CA ASN B 39 44.45 20.33 20.99
C ASN B 39 43.86 19.28 20.04
N LEU B 40 44.15 18.01 20.29
CA LEU B 40 43.49 16.91 19.61
C LEU B 40 42.50 16.26 20.58
N ASN B 41 41.54 15.51 20.03
CA ASN B 41 40.48 14.90 20.82
C ASN B 41 40.23 13.47 20.35
N PRO B 42 41.23 12.61 20.46
CA PRO B 42 41.04 11.22 20.05
C PRO B 42 40.14 10.46 21.00
N THR B 43 39.38 9.53 20.44
CA THR B 43 38.61 8.60 21.26
C THR B 43 39.54 7.67 22.03
N LEU B 44 38.97 7.01 23.04
CA LEU B 44 39.72 5.97 23.75
C LEU B 44 40.12 4.85 22.79
N ALA B 45 39.23 4.51 21.84
CA ALA B 45 39.55 3.46 20.89
C ALA B 45 40.73 3.84 20.02
N LEU B 46 40.81 5.10 19.60
CA LEU B 46 41.92 5.53 18.76
C LEU B 46 43.22 5.53 19.56
N ILE B 47 43.17 5.99 20.82
CA ILE B 47 44.36 5.94 21.67
C ILE B 47 44.86 4.51 21.80
N GLU B 48 43.97 3.58 22.15
CA GLU B 48 44.37 2.19 22.31
C GLU B 48 44.94 1.62 21.02
N LYS B 49 44.35 1.98 19.87
CA LYS B 49 44.81 1.49 18.60
C LYS B 49 46.21 1.99 18.26
N LEU B 50 46.64 3.10 18.86
CA LEU B 50 47.94 3.69 18.55
C LEU B 50 48.99 3.37 19.61
N GLY B 51 48.68 2.53 20.59
CA GLY B 51 49.65 2.08 21.56
C GLY B 51 49.44 2.55 22.97
N GLY B 52 48.35 3.28 23.25
CA GLY B 52 48.08 3.70 24.61
C GLY B 52 47.94 2.51 25.55
N THR B 53 48.32 2.74 26.80
CA THR B 53 48.29 1.73 27.85
C THR B 53 47.43 2.23 29.01
N LYS B 54 47.15 1.33 29.95
CA LYS B 54 46.31 1.64 31.09
C LYS B 54 47.03 1.57 32.43
N LYS B 55 48.22 0.97 32.48
CA LYS B 55 49.06 1.01 33.67
C LYS B 55 50.34 1.75 33.36
N ARG B 56 50.85 2.49 34.35
CA ARG B 56 52.05 3.29 34.16
C ARG B 56 53.29 2.40 34.18
N ASN B 57 54.32 2.84 33.47
CA ASN B 57 55.65 2.21 33.41
C ASN B 57 55.66 0.92 32.60
N GLU B 58 54.58 0.60 31.88
CA GLU B 58 54.59 -0.56 31.00
C GLU B 58 55.25 -0.25 29.66
N LYS B 59 55.17 1.01 29.22
CA LYS B 59 55.73 1.40 27.93
C LYS B 59 56.07 2.88 27.97
N LYS B 60 57.14 3.24 27.27
CA LYS B 60 57.55 4.62 27.10
C LYS B 60 57.56 4.96 25.61
N ILE B 61 57.28 6.22 25.30
CA ILE B 61 57.20 6.69 23.90
C ILE B 61 58.15 7.87 23.75
N LYS B 62 59.17 7.70 22.92
CA LYS B 62 60.10 8.77 22.64
C LYS B 62 59.46 9.79 21.69
N LEU B 63 60.05 10.99 21.68
CA LEU B 63 59.56 12.05 20.79
C LEU B 63 59.46 11.56 19.35
N ASP B 64 60.55 11.01 18.82
CA ASP B 64 60.55 10.55 17.43
C ASP B 64 59.57 9.40 17.20
N GLU B 65 59.19 8.69 18.26
CA GLU B 65 58.13 7.68 18.15
C GLU B 65 56.74 8.29 18.27
N PHE B 66 56.63 9.44 18.94
CA PHE B 66 55.34 10.09 19.14
C PHE B 66 54.90 10.89 17.92
N LEU B 67 55.84 11.44 17.16
CA LEU B 67 55.48 12.32 16.05
C LEU B 67 54.61 11.64 15.01
N PRO B 68 54.91 10.42 14.54
CA PRO B 68 54.01 9.79 13.56
C PRO B 68 52.65 9.44 14.12
N ILE B 69 52.56 9.18 15.44
CA ILE B 69 51.27 9.01 16.08
C ILE B 69 50.49 10.32 16.05
N TYR B 70 51.12 11.40 16.52
CA TYR B 70 50.51 12.73 16.45
C TYR B 70 50.07 13.05 15.04
N SER B 71 50.91 12.74 14.05
CA SER B 71 50.56 13.06 12.66
C SER B 71 49.34 12.29 12.21
N GLN B 72 49.25 11.01 12.56
CA GLN B 72 48.12 10.19 12.13
C GLN B 72 46.82 10.66 12.76
N VAL B 73 46.86 11.04 14.04
CA VAL B 73 45.66 11.54 14.71
C VAL B 73 45.24 12.87 14.09
N LYS B 74 46.20 13.75 13.82
CA LYS B 74 45.87 15.05 13.25
C LYS B 74 45.30 14.91 11.85
N LYS B 75 45.78 13.92 11.08
CA LYS B 75 45.26 13.71 9.74
C LYS B 75 43.91 12.99 9.75
N GLU B 76 43.67 12.13 10.74
CA GLU B 76 42.35 11.52 10.87
C GLU B 76 41.30 12.61 11.02
N LYS B 77 40.21 12.47 10.29
CA LYS B 77 39.32 13.60 10.01
C LYS B 77 37.94 13.45 10.63
N GLU B 78 37.36 12.24 10.62
CA GLU B 78 36.05 12.01 11.24
C GLU B 78 36.25 11.77 12.73
N GLN B 79 36.47 12.88 13.47
CA GLN B 79 36.67 12.83 14.91
C GLN B 79 35.74 13.75 15.67
N GLY B 80 34.71 14.28 15.03
CA GLY B 80 33.72 15.08 15.70
C GLY B 80 34.07 16.55 15.75
N CYS B 81 33.05 17.37 15.96
CA CYS B 81 33.21 18.82 16.07
C CYS B 81 31.91 19.37 16.62
N TYR B 82 31.94 20.68 16.92
CA TYR B 82 30.76 21.35 17.46
C TYR B 82 29.53 21.09 16.61
N GLU B 83 29.65 21.23 15.29
CA GLU B 83 28.49 21.11 14.42
C GLU B 83 27.90 19.71 14.48
N ASP B 84 28.75 18.68 14.57
CA ASP B 84 28.22 17.32 14.71
C ASP B 84 27.49 17.15 16.03
N PHE B 85 27.98 17.78 17.09
CA PHE B 85 27.35 17.64 18.40
C PHE B 85 26.02 18.37 18.48
N ILE B 86 25.89 19.49 17.77
CA ILE B 86 24.61 20.18 17.67
C ILE B 86 23.56 19.23 17.09
N GLU B 87 23.87 18.64 15.95
CA GLU B 87 22.92 17.74 15.30
C GLU B 87 22.58 16.54 16.17
N CYS B 88 23.55 16.06 16.95
CA CYS B 88 23.30 14.91 17.81
C CYS B 88 22.29 15.24 18.90
N LEU B 89 22.47 16.38 19.57
CA LEU B 89 21.58 16.74 20.67
C LEU B 89 20.23 17.25 20.21
N LYS B 90 20.05 17.52 18.91
CA LYS B 90 18.71 17.78 18.40
C LYS B 90 17.80 16.57 18.57
N LEU B 91 18.38 15.37 18.73
CA LEU B 91 17.58 14.19 19.00
C LEU B 91 16.83 14.29 20.32
N TYR B 92 17.23 15.19 21.21
CA TYR B 92 16.58 15.41 22.49
C TYR B 92 15.88 16.75 22.57
N ASP B 93 15.71 17.42 21.43
CA ASP B 93 15.17 18.78 21.38
C ASP B 93 13.78 18.70 20.76
N LYS B 94 12.82 18.27 21.57
CA LYS B 94 11.46 18.06 21.09
C LYS B 94 10.87 19.33 20.49
N GLU B 95 11.15 20.47 21.11
CA GLU B 95 10.56 21.74 20.71
C GLU B 95 11.35 22.46 19.62
N GLU B 96 12.47 21.88 19.18
CA GLU B 96 13.29 22.49 18.12
C GLU B 96 13.67 23.92 18.46
N ASN B 97 13.94 24.16 19.76
CA ASN B 97 14.29 25.48 20.25
C ASN B 97 15.71 25.54 20.83
N GLY B 98 16.51 24.51 20.62
CA GLY B 98 17.88 24.52 21.11
C GLY B 98 18.03 24.17 22.57
N THR B 99 17.03 23.55 23.18
CA THR B 99 17.10 23.14 24.57
C THR B 99 16.84 21.64 24.67
N MET B 100 17.29 21.08 25.79
CA MET B 100 17.04 19.67 26.11
C MET B 100 17.01 19.53 27.61
N LEU B 101 16.46 18.41 28.08
CA LEU B 101 16.49 18.10 29.50
C LEU B 101 17.92 17.84 29.95
N LEU B 102 18.34 18.50 31.03
CA LEU B 102 19.67 18.26 31.57
C LEU B 102 19.84 16.79 31.93
N ALA B 103 18.79 16.15 32.46
CA ALA B 103 18.89 14.75 32.84
C ALA B 103 19.13 13.85 31.63
N GLU B 104 18.60 14.24 30.46
CA GLU B 104 18.82 13.45 29.25
C GLU B 104 20.28 13.50 28.83
N LEU B 105 20.91 14.68 28.89
CA LEU B 105 22.30 14.80 28.50
C LEU B 105 23.21 14.07 29.48
N GLN B 106 22.93 14.20 30.79
CA GLN B 106 23.74 13.52 31.79
C GLN B 106 23.68 12.00 31.59
N HIS B 107 22.49 11.47 31.35
CA HIS B 107 22.36 10.03 31.11
C HIS B 107 23.13 9.62 29.87
N ALA B 108 22.99 10.38 28.77
CA ALA B 108 23.67 10.03 27.53
C ALA B 108 25.18 9.98 27.72
N LEU B 109 25.74 10.99 28.38
CA LEU B 109 27.18 11.03 28.61
C LEU B 109 27.65 9.92 29.53
N LEU B 110 26.76 9.40 30.39
CA LEU B 110 27.12 8.36 31.34
C LEU B 110 26.79 6.95 30.87
N ALA B 111 26.00 6.81 29.81
CA ALA B 111 25.50 5.50 29.41
C ALA B 111 25.79 5.12 27.96
N LEU B 112 26.07 6.06 27.07
CA LEU B 112 26.32 5.77 25.67
C LEU B 112 27.80 5.92 25.34
N GLY B 113 28.15 5.48 24.13
CA GLY B 113 29.49 5.71 23.59
C GLY B 113 30.59 5.19 24.49
N GLU B 114 31.62 6.02 24.68
CA GLU B 114 32.69 5.76 25.64
C GLU B 114 32.37 6.57 26.90
N SER B 115 31.48 6.00 27.72
CA SER B 115 30.85 6.76 28.79
C SER B 115 31.87 7.36 29.74
N LEU B 116 31.56 8.56 30.23
CA LEU B 116 32.32 9.22 31.29
C LEU B 116 31.84 8.74 32.66
N ASP B 117 32.51 9.19 33.71
CA ASP B 117 32.07 8.94 35.08
C ASP B 117 31.34 10.17 35.62
N ASP B 118 30.74 9.99 36.81
CA ASP B 118 29.97 11.07 37.42
C ASP B 118 30.82 12.31 37.66
N GLU B 119 32.05 12.11 38.13
CA GLU B 119 32.91 13.25 38.47
C GLU B 119 33.26 14.07 37.24
N GLN B 120 33.52 13.42 36.11
CA GLN B 120 33.86 14.15 34.89
C GLN B 120 32.68 14.97 34.41
N VAL B 121 31.49 14.38 34.38
CA VAL B 121 30.30 15.13 33.98
C VAL B 121 30.08 16.31 34.93
N GLU B 122 30.22 16.08 36.23
CA GLU B 122 30.05 17.15 37.21
C GLU B 122 30.98 18.32 36.91
N THR B 123 32.28 18.04 36.73
CA THR B 123 33.21 19.10 36.38
C THR B 123 32.84 19.73 35.04
N LEU B 124 32.53 18.90 34.05
CA LEU B 124 32.17 19.41 32.73
C LEU B 124 30.98 20.36 32.81
N PHE B 125 29.93 19.96 33.54
CA PHE B 125 28.76 20.81 33.66
C PHE B 125 29.06 22.08 34.44
N ALA B 126 29.79 21.97 35.54
CA ALA B 126 30.08 23.15 36.35
C ALA B 126 30.83 24.21 35.54
N ASP B 127 31.68 23.80 34.62
CA ASP B 127 32.49 24.73 33.85
C ASP B 127 31.80 25.25 32.60
N CYS B 128 30.90 24.47 32.00
CA CYS B 128 30.38 24.79 30.68
C CYS B 128 28.85 24.85 30.61
N MET B 129 28.12 24.35 31.59
CA MET B 129 26.67 24.23 31.51
C MET B 129 25.99 25.40 32.22
N ASP B 130 25.03 26.02 31.55
CA ASP B 130 24.22 27.07 32.16
C ASP B 130 23.19 26.47 33.10
N PRO B 131 22.63 27.28 34.01
CA PRO B 131 21.64 26.74 34.95
C PRO B 131 20.40 26.22 34.24
N GLU B 132 19.75 25.25 34.85
CA GLU B 132 18.58 24.61 34.29
C GLU B 132 17.30 25.33 34.69
N ASP B 133 16.25 25.12 33.90
CA ASP B 133 14.94 25.70 34.17
C ASP B 133 14.29 24.99 35.36
N ASP B 134 13.09 25.47 35.72
CA ASP B 134 12.24 24.73 36.63
C ASP B 134 11.72 23.46 35.96
N GLU B 135 11.55 23.49 34.64
CA GLU B 135 11.14 22.31 33.88
C GLU B 135 12.29 21.31 33.72
N GLY B 136 13.53 21.73 33.94
CA GLY B 136 14.68 20.87 33.80
C GLY B 136 15.43 21.02 32.49
N PHE B 137 15.15 22.06 31.72
CA PHE B 137 15.78 22.24 30.41
C PHE B 137 17.02 23.11 30.50
N ILE B 138 17.91 22.92 29.54
CA ILE B 138 19.11 23.74 29.39
C ILE B 138 19.34 24.01 27.91
N PRO B 139 20.01 25.11 27.59
CA PRO B 139 20.47 25.32 26.20
C PRO B 139 21.79 24.59 25.98
N TYR B 140 21.80 23.67 25.01
CA TYR B 140 22.98 22.84 24.79
C TYR B 140 23.98 23.47 23.82
N SER B 141 23.58 24.50 23.07
CA SER B 141 24.53 25.16 22.18
C SER B 141 25.61 25.90 22.94
N PRO B 142 25.31 26.70 23.98
CA PRO B 142 26.40 27.33 24.73
C PRO B 142 27.29 26.33 25.44
N PHE B 143 26.71 25.26 25.98
CA PHE B 143 27.50 24.23 26.64
C PHE B 143 28.52 23.63 25.67
N LEU B 144 28.11 23.32 24.44
CA LEU B 144 29.03 22.74 23.48
C LEU B 144 30.06 23.74 23.00
N ALA B 145 29.67 25.00 22.85
CA ALA B 145 30.61 26.02 22.41
C ALA B 145 31.77 26.15 23.40
N ARG B 146 31.45 26.14 24.70
CA ARG B 146 32.49 26.23 25.72
C ARG B 146 33.32 24.96 25.78
N MET B 147 32.68 23.79 25.70
CA MET B 147 33.42 22.54 25.75
C MET B 147 34.38 22.41 24.58
N CYS B 148 33.94 22.80 23.39
CA CYS B 148 34.74 22.70 22.17
C CYS B 148 35.60 23.93 21.92
N ASP B 149 35.59 24.91 22.83
CA ASP B 149 36.37 26.12 22.67
C ASP B 149 36.01 26.83 21.36
N ARG B 150 34.71 27.03 21.15
CA ARG B 150 34.18 27.70 19.96
C ARG B 150 33.50 29.00 20.40
N PRO B 151 34.26 30.00 20.81
CA PRO B 151 33.64 31.27 21.24
C PRO B 151 32.86 31.94 20.13
N ASP B 152 33.19 31.69 18.87
CA ASP B 152 32.45 32.28 17.76
C ASP B 152 30.97 31.91 17.81
N GLN B 153 30.62 30.82 18.48
CA GLN B 153 29.24 30.38 18.61
C GLN B 153 28.57 30.88 19.88
N LEU B 154 29.02 32.01 20.42
CA LEU B 154 28.45 32.58 21.63
C LEU B 154 28.00 34.02 21.39
N GLU C 9 1.33 22.61 3.00
CA GLU C 9 2.06 23.54 2.13
C GLU C 9 2.64 22.79 0.93
N ASP C 10 2.42 23.33 -0.26
CA ASP C 10 2.80 22.64 -1.49
C ASP C 10 4.30 22.74 -1.74
N GLU C 11 4.92 21.59 -1.97
CA GLU C 11 6.34 21.56 -2.32
C GLU C 11 6.56 22.23 -3.67
N ASP C 12 7.76 22.81 -3.82
CA ASP C 12 8.13 23.48 -5.06
C ASP C 12 8.25 22.44 -6.18
N PRO C 13 7.49 22.55 -7.27
CA PRO C 13 7.58 21.55 -8.34
C PRO C 13 8.74 21.78 -9.30
N THR C 14 9.44 22.90 -9.19
CA THR C 14 10.50 23.25 -10.14
C THR C 14 11.48 22.13 -10.41
N PRO C 15 12.03 21.43 -9.41
CA PRO C 15 13.02 20.39 -9.70
C PRO C 15 12.47 19.21 -10.49
N TYR C 16 11.16 19.10 -10.66
CA TYR C 16 10.56 18.01 -11.40
C TYR C 16 9.97 18.47 -12.73
N LEU C 17 10.17 19.74 -13.11
CA LEU C 17 9.62 20.27 -14.34
C LEU C 17 10.68 20.98 -15.18
N PHE C 18 11.65 21.61 -14.53
CA PHE C 18 12.67 22.40 -15.20
C PHE C 18 14.02 21.71 -15.16
N VAL C 19 14.82 21.92 -16.20
CA VAL C 19 16.26 21.70 -16.12
C VAL C 19 16.86 22.98 -15.55
N SER C 20 17.52 22.87 -14.39
CA SER C 20 18.08 24.05 -13.75
C SER C 20 19.07 24.74 -14.69
N LEU C 21 19.22 26.06 -14.51
CA LEU C 21 20.18 26.80 -15.31
C LEU C 21 21.58 26.22 -15.15
N GLU C 22 21.92 25.76 -13.94
CA GLU C 22 23.24 25.18 -13.71
C GLU C 22 23.43 23.90 -14.52
N GLN C 23 22.42 23.02 -14.52
CA GLN C 23 22.53 21.77 -15.28
C GLN C 23 22.56 22.04 -16.78
N ARG C 24 21.81 23.03 -17.24
CA ARG C 24 21.79 23.33 -18.67
C ARG C 24 23.13 23.86 -19.14
N ARG C 25 23.82 24.64 -18.32
CA ARG C 25 25.17 25.09 -18.67
C ARG C 25 26.11 23.91 -18.82
N ILE C 26 26.05 22.96 -17.88
CA ILE C 26 26.89 21.77 -17.96
C ILE C 26 26.60 21.00 -19.24
N ASP C 27 25.32 20.72 -19.50
CA ASP C 27 24.96 19.93 -20.67
C ASP C 27 25.51 20.55 -21.95
N GLN C 28 25.28 21.84 -22.13
CA GLN C 28 25.59 22.50 -23.39
C GLN C 28 27.08 22.75 -23.58
N SER C 29 27.91 22.53 -22.56
CA SER C 29 29.35 22.65 -22.68
C SER C 29 30.04 21.29 -22.63
N LYS C 30 29.28 20.19 -22.71
CA LYS C 30 29.87 18.87 -22.63
C LYS C 30 30.73 18.61 -23.88
N PRO C 31 31.85 17.89 -23.75
CA PRO C 31 32.63 17.54 -24.94
C PRO C 31 31.79 16.78 -25.95
N TYR C 32 31.94 17.14 -27.22
CA TYR C 32 31.14 16.57 -28.29
C TYR C 32 31.89 16.67 -29.60
N ASP C 33 31.94 15.58 -30.34
CA ASP C 33 32.60 15.52 -31.64
C ASP C 33 31.56 15.21 -32.70
N SER C 34 31.20 16.21 -33.51
CA SER C 34 30.17 16.03 -34.53
C SER C 34 30.56 14.95 -35.53
N LYS C 35 31.85 14.77 -35.78
CA LYS C 35 32.28 13.80 -36.78
C LYS C 35 32.38 12.39 -36.24
N LYS C 36 32.66 12.23 -34.95
CA LYS C 36 32.96 10.93 -34.37
C LYS C 36 31.80 10.34 -33.58
N SER C 37 31.04 11.16 -32.86
CA SER C 37 29.93 10.64 -32.06
C SER C 37 28.93 9.93 -32.94
N CYS C 38 28.36 8.84 -32.42
CA CYS C 38 27.40 8.06 -33.18
C CYS C 38 26.59 7.18 -32.22
N TRP C 39 25.41 6.77 -32.68
CA TRP C 39 24.63 5.73 -32.04
C TRP C 39 24.77 4.43 -32.84
N ILE C 40 24.91 3.32 -32.14
CA ILE C 40 24.93 2.00 -32.78
C ILE C 40 23.95 1.10 -32.06
N PRO C 41 23.37 0.11 -32.73
CA PRO C 41 22.45 -0.80 -32.04
C PRO C 41 23.17 -1.66 -31.02
N ASP C 42 22.39 -2.23 -30.10
CA ASP C 42 22.92 -3.09 -29.06
C ASP C 42 21.78 -3.89 -28.46
N GLU C 43 21.90 -5.22 -28.47
CA GLU C 43 20.82 -6.07 -27.97
C GLU C 43 20.46 -5.73 -26.53
N LYS C 44 21.44 -5.31 -25.74
CA LYS C 44 21.21 -5.12 -24.31
C LYS C 44 20.59 -3.75 -24.02
N GLU C 45 21.18 -2.68 -24.56
CA GLU C 45 20.76 -1.33 -24.25
C GLU C 45 20.00 -0.66 -25.39
N GLY C 46 19.64 -1.40 -26.44
CA GLY C 46 18.97 -0.82 -27.58
C GLY C 46 19.93 -0.08 -28.48
N TYR C 47 20.55 0.98 -27.96
CA TYR C 47 21.62 1.67 -28.65
C TYR C 47 22.70 2.05 -27.66
N LEU C 48 23.93 2.18 -28.15
CA LEU C 48 25.07 2.63 -27.36
C LEU C 48 25.67 3.86 -28.00
N LEU C 49 26.17 4.76 -27.16
CA LEU C 49 26.89 5.94 -27.62
C LEU C 49 28.34 5.56 -27.86
N GLY C 50 28.83 5.80 -29.08
CA GLY C 50 30.17 5.40 -29.46
C GLY C 50 30.93 6.53 -30.14
N GLU C 51 32.20 6.24 -30.43
CA GLU C 51 33.07 7.15 -31.15
C GLU C 51 33.70 6.39 -32.30
N ILE C 52 33.55 6.91 -33.52
CA ILE C 52 34.13 6.27 -34.69
C ILE C 52 35.64 6.35 -34.57
N LYS C 53 36.29 5.18 -34.48
CA LYS C 53 37.75 5.13 -34.44
C LYS C 53 38.35 5.04 -35.83
N ALA C 54 37.70 4.33 -36.75
CA ALA C 54 38.22 4.14 -38.09
C ALA C 54 37.10 3.61 -38.97
N THR C 55 37.29 3.74 -40.28
CA THR C 55 36.34 3.25 -41.26
C THR C 55 37.10 2.46 -42.32
N LYS C 56 36.57 1.30 -42.69
CA LYS C 56 37.14 0.45 -43.74
C LYS C 56 36.03 0.18 -44.75
N GLY C 57 35.98 1.01 -45.79
CA GLY C 57 34.92 0.92 -46.77
C GLY C 57 33.57 1.15 -46.14
N ASP C 58 32.76 0.11 -46.04
CA ASP C 58 31.44 0.17 -45.44
C ASP C 58 31.45 -0.25 -43.97
N ILE C 59 32.59 -0.70 -43.46
CA ILE C 59 32.70 -1.20 -42.10
C ILE C 59 33.24 -0.09 -41.22
N VAL C 60 32.52 0.22 -40.15
CA VAL C 60 32.88 1.31 -39.25
C VAL C 60 33.29 0.70 -37.92
N SER C 61 34.52 0.99 -37.49
CA SER C 61 35.01 0.57 -36.19
C SER C 61 34.62 1.63 -35.16
N VAL C 62 33.80 1.23 -34.18
CA VAL C 62 33.19 2.16 -33.23
C VAL C 62 33.71 1.84 -31.84
N GLY C 63 34.28 2.85 -31.18
CA GLY C 63 34.76 2.69 -29.83
C GLY C 63 33.66 3.00 -28.83
N LEU C 64 33.48 2.11 -27.87
CA LEU C 64 32.43 2.20 -26.87
C LEU C 64 33.02 2.48 -25.49
N GLN C 65 32.13 2.73 -24.53
CA GLN C 65 32.56 2.94 -23.15
C GLN C 65 32.99 1.61 -22.54
N GLY C 66 34.22 1.57 -22.03
CA GLY C 66 34.80 0.34 -21.52
C GLY C 66 35.91 -0.23 -22.37
N GLY C 67 36.22 0.37 -23.51
CA GLY C 67 37.31 -0.05 -24.36
C GLY C 67 36.91 -0.86 -25.56
N GLU C 68 35.72 -1.48 -25.55
CA GLU C 68 35.32 -2.34 -26.65
C GLU C 68 35.27 -1.56 -27.96
N VAL C 69 35.76 -2.19 -29.03
CA VAL C 69 35.62 -1.68 -30.39
C VAL C 69 34.80 -2.70 -31.16
N ARG C 70 33.82 -2.20 -31.92
CA ARG C 70 32.88 -3.06 -32.63
C ARG C 70 32.77 -2.58 -34.07
N ASP C 71 32.91 -3.51 -35.00
CA ASP C 71 32.77 -3.20 -36.42
C ASP C 71 31.31 -3.33 -36.82
N ILE C 72 30.81 -2.30 -37.52
CA ILE C 72 29.39 -2.17 -37.82
C ILE C 72 29.22 -1.57 -39.20
N LYS C 73 28.31 -2.14 -39.98
CA LYS C 73 28.00 -1.57 -41.29
C LYS C 73 27.51 -0.14 -41.14
N SER C 74 27.96 0.73 -42.05
CA SER C 74 27.71 2.17 -41.88
C SER C 74 26.22 2.49 -41.80
N GLU C 75 25.37 1.66 -42.41
CA GLU C 75 23.94 1.94 -42.38
C GLU C 75 23.37 1.85 -40.97
N LYS C 76 24.03 1.14 -40.06
CA LYS C 76 23.59 1.03 -38.68
C LYS C 76 24.21 2.08 -37.77
N VAL C 77 25.09 2.92 -38.29
CA VAL C 77 25.69 4.01 -37.52
C VAL C 77 24.85 5.26 -37.77
N GLU C 78 24.28 5.81 -36.69
CA GLU C 78 23.36 6.94 -36.80
C GLU C 78 23.93 8.15 -36.08
N LYS C 79 23.49 9.32 -36.51
CA LYS C 79 24.00 10.58 -36.00
C LYS C 79 23.41 10.89 -34.62
N VAL C 80 24.13 11.74 -33.90
CA VAL C 80 23.81 12.16 -32.55
C VAL C 80 23.45 13.64 -32.55
N ASN C 81 22.57 14.05 -31.64
CA ASN C 81 22.27 15.47 -31.48
C ASN C 81 23.40 16.17 -30.72
N PRO C 82 23.72 17.42 -31.08
CA PRO C 82 24.74 18.16 -30.33
C PRO C 82 24.23 18.54 -28.94
N PRO C 83 25.12 19.01 -28.07
CA PRO C 83 24.73 19.27 -26.67
C PRO C 83 23.60 20.28 -26.52
N LYS C 84 23.40 21.19 -27.46
CA LYS C 84 22.34 22.19 -27.33
C LYS C 84 20.99 21.55 -27.07
N PHE C 85 20.73 20.40 -27.70
CA PHE C 85 19.43 19.75 -27.64
C PHE C 85 19.33 18.71 -26.52
N GLU C 86 20.21 18.81 -25.52
CA GLU C 86 20.20 17.86 -24.41
C GLU C 86 18.96 18.08 -23.54
N LYS C 87 18.22 17.00 -23.29
CA LYS C 87 17.00 17.05 -22.47
C LYS C 87 16.04 18.12 -22.97
N ILE C 88 15.94 18.27 -24.29
CA ILE C 88 15.13 19.34 -24.85
C ILE C 88 13.65 19.06 -24.58
N GLU C 89 12.88 20.14 -24.42
CA GLU C 89 11.50 20.02 -23.97
C GLU C 89 10.57 19.55 -25.08
N ASP C 90 10.86 19.90 -26.33
CA ASP C 90 10.09 19.43 -27.48
C ASP C 90 11.06 18.83 -28.48
N MET C 91 10.99 17.52 -28.65
CA MET C 91 11.92 16.81 -29.53
C MET C 91 11.78 17.20 -30.99
N ALA C 92 10.68 17.86 -31.37
CA ALA C 92 10.57 18.39 -32.72
C ALA C 92 11.59 19.50 -32.98
N ASP C 93 12.24 20.02 -31.95
CA ASP C 93 13.29 21.01 -32.11
C ASP C 93 14.68 20.40 -32.29
N MET C 94 14.82 19.08 -32.18
CA MET C 94 16.12 18.43 -32.37
C MET C 94 16.50 18.43 -33.83
N THR C 95 17.78 18.67 -34.11
CA THR C 95 18.25 18.71 -35.49
C THR C 95 18.43 17.31 -36.07
N VAL C 96 18.68 16.31 -35.22
CA VAL C 96 18.73 14.91 -35.64
C VAL C 96 17.46 14.24 -35.13
N LEU C 97 16.70 13.65 -36.04
CA LEU C 97 15.39 13.07 -35.74
C LEU C 97 15.41 11.60 -36.14
N ASN C 98 15.94 10.75 -35.24
CA ASN C 98 15.96 9.32 -35.47
C ASN C 98 15.65 8.62 -34.15
N THR C 99 15.42 7.31 -34.23
CA THR C 99 15.00 6.56 -33.04
C THR C 99 15.98 6.69 -31.89
N PRO C 100 17.28 6.43 -32.05
CA PRO C 100 18.18 6.53 -30.89
C PRO C 100 18.21 7.92 -30.28
N CYS C 101 18.05 8.98 -31.08
CA CYS C 101 18.05 10.32 -30.53
C CYS C 101 16.79 10.59 -29.71
N VAL C 102 15.64 10.05 -30.16
CA VAL C 102 14.42 10.19 -29.37
C VAL C 102 14.56 9.46 -28.04
N LEU C 103 14.95 8.18 -28.11
CA LEU C 103 15.20 7.40 -26.90
C LEU C 103 16.14 8.13 -25.95
N HIS C 104 17.22 8.71 -26.49
CA HIS C 104 18.22 9.36 -25.65
C HIS C 104 17.62 10.56 -24.92
N ASN C 105 16.89 11.41 -25.63
CA ASN C 105 16.32 12.59 -24.99
C ASN C 105 15.31 12.22 -23.92
N LEU C 106 14.44 11.24 -24.20
CA LEU C 106 13.48 10.77 -23.20
C LEU C 106 14.19 10.16 -22.00
N ARG C 107 15.19 9.32 -22.27
CA ARG C 107 16.01 8.72 -21.22
C ARG C 107 16.58 9.79 -20.29
N GLN C 108 17.30 10.76 -20.87
CA GLN C 108 18.02 11.73 -20.06
C GLN C 108 17.05 12.55 -19.22
N ARG C 109 15.92 12.95 -19.79
CA ARG C 109 14.93 13.67 -19.00
C ARG C 109 14.39 12.80 -17.88
N TYR C 110 14.14 11.53 -18.16
CA TYR C 110 13.62 10.61 -17.14
C TYR C 110 14.61 10.47 -15.99
N TYR C 111 15.90 10.30 -16.28
CA TYR C 111 16.89 10.17 -15.22
C TYR C 111 16.97 11.44 -14.37
N ALA C 112 16.64 12.58 -14.94
CA ALA C 112 16.63 13.84 -14.21
C ALA C 112 15.29 14.12 -13.54
N LYS C 113 14.43 13.11 -13.43
CA LYS C 113 13.12 13.22 -12.77
C LYS C 113 12.13 14.06 -13.56
N LEU C 114 12.34 14.20 -14.86
CA LEU C 114 11.43 14.92 -15.74
C LEU C 114 10.69 13.89 -16.58
N ILE C 115 9.43 13.64 -16.23
CA ILE C 115 8.67 12.56 -16.88
C ILE C 115 7.92 13.02 -18.13
N TYR C 116 7.79 14.33 -18.34
CA TYR C 116 7.01 14.85 -19.46
C TYR C 116 7.94 15.39 -20.54
N THR C 117 7.64 15.05 -21.79
CA THR C 117 8.39 15.56 -22.93
C THR C 117 7.42 15.68 -24.10
N TYR C 118 7.53 16.75 -24.87
CA TYR C 118 6.75 16.88 -26.09
C TYR C 118 7.52 16.32 -27.27
N SER C 119 6.76 15.81 -28.25
CA SER C 119 7.32 15.36 -29.54
C SER C 119 6.36 15.90 -30.60
N GLY C 120 6.52 17.18 -30.92
CA GLY C 120 5.52 17.86 -31.72
C GLY C 120 4.21 17.92 -30.97
N LEU C 121 3.16 17.36 -31.55
CA LEU C 121 1.85 17.39 -30.90
C LEU C 121 1.79 16.50 -29.67
N PHE C 122 2.58 15.42 -29.64
CA PHE C 122 2.46 14.43 -28.56
C PHE C 122 3.00 14.97 -27.25
N CYS C 123 2.32 14.62 -26.15
CA CYS C 123 2.86 14.76 -24.80
C CYS C 123 3.21 13.37 -24.30
N VAL C 124 4.50 13.08 -24.19
CA VAL C 124 4.98 11.79 -23.72
C VAL C 124 5.17 11.87 -22.21
N ALA C 125 4.64 10.88 -21.49
CA ALA C 125 4.69 10.82 -20.04
C ALA C 125 5.19 9.44 -19.63
N ILE C 126 6.40 9.37 -19.06
CA ILE C 126 7.01 8.11 -18.66
C ILE C 126 6.76 7.90 -17.18
N ASN C 127 6.10 6.79 -16.86
CA ASN C 127 5.77 6.48 -15.48
C ASN C 127 7.03 6.47 -14.62
N PRO C 128 7.13 7.32 -13.60
CA PRO C 128 8.34 7.32 -12.75
C PRO C 128 8.33 6.25 -11.67
N TYR C 129 7.20 5.59 -11.43
CA TYR C 129 7.03 4.71 -10.27
C TYR C 129 7.46 5.42 -8.98
N LYS C 130 7.29 6.73 -8.97
CA LYS C 130 7.51 7.56 -7.80
C LYS C 130 6.40 8.60 -7.77
N ARG C 131 6.18 9.20 -6.59
CA ARG C 131 5.14 10.23 -6.42
C ARG C 131 5.83 11.58 -6.44
N TYR C 132 5.91 12.18 -7.63
CA TYR C 132 6.51 13.50 -7.75
C TYR C 132 5.46 14.57 -7.47
N PRO C 133 5.85 15.68 -6.83
CA PRO C 133 4.87 16.72 -6.46
C PRO C 133 4.52 17.64 -7.62
N VAL C 134 3.98 17.07 -8.69
CA VAL C 134 3.66 17.83 -9.90
C VAL C 134 2.16 17.93 -10.14
N TYR C 135 1.34 17.51 -9.18
CA TYR C 135 -0.12 17.56 -9.32
C TYR C 135 -0.77 18.45 -8.28
N THR C 136 0.01 19.24 -7.54
CA THR C 136 -0.53 20.10 -6.50
C THR C 136 -1.22 21.32 -7.11
N ASN C 137 -1.95 22.04 -6.25
CA ASN C 137 -2.55 23.30 -6.69
C ASN C 137 -1.47 24.30 -7.09
N ARG C 138 -0.35 24.31 -6.36
CA ARG C 138 0.76 25.18 -6.73
C ARG C 138 1.21 24.92 -8.17
N CYS C 139 1.37 23.64 -8.52
CA CYS C 139 1.78 23.32 -9.89
C CYS C 139 0.67 23.62 -10.89
N ALA C 140 -0.58 23.29 -10.54
CA ALA C 140 -1.69 23.57 -11.44
C ALA C 140 -1.77 25.05 -11.78
N LYS C 141 -1.54 25.91 -10.79
CA LYS C 141 -1.62 27.36 -11.02
C LYS C 141 -0.62 27.80 -12.10
N MET C 142 0.51 27.11 -12.23
CA MET C 142 1.50 27.48 -13.23
C MET C 142 0.92 27.44 -14.65
N TYR C 143 -0.02 26.54 -14.91
CA TYR C 143 -0.45 26.26 -16.28
C TYR C 143 -1.76 26.93 -16.65
N ARG C 144 -2.38 27.68 -15.75
CA ARG C 144 -3.69 28.27 -16.03
C ARG C 144 -3.54 29.38 -17.06
N GLY C 145 -4.07 29.15 -18.26
CA GLY C 145 -4.06 30.15 -19.32
C GLY C 145 -2.75 30.31 -20.05
N LYS C 146 -1.75 29.47 -19.79
CA LYS C 146 -0.44 29.61 -20.42
C LYS C 146 -0.40 28.84 -21.73
N ARG C 147 0.29 29.41 -22.71
CA ARG C 147 0.57 28.66 -23.93
C ARG C 147 1.59 27.57 -23.64
N ARG C 148 1.59 26.54 -24.49
CA ARG C 148 2.39 25.35 -24.22
C ARG C 148 3.87 25.67 -24.13
N ASN C 149 4.35 26.66 -24.89
CA ASN C 149 5.76 27.01 -24.90
C ASN C 149 6.13 28.03 -23.83
N GLU C 150 5.18 28.44 -22.98
CA GLU C 150 5.46 29.33 -21.86
C GLU C 150 5.82 28.59 -20.58
N VAL C 151 5.68 27.26 -20.56
CA VAL C 151 5.85 26.49 -19.34
C VAL C 151 6.42 25.13 -19.70
N PRO C 152 7.10 24.48 -18.75
CA PRO C 152 7.72 23.19 -19.03
C PRO C 152 6.67 22.16 -19.42
N PRO C 153 7.07 21.10 -20.12
CA PRO C 153 6.08 20.08 -20.51
C PRO C 153 5.35 19.49 -19.30
N HIS C 154 4.05 19.28 -19.47
CA HIS C 154 3.19 18.79 -18.40
C HIS C 154 1.85 18.41 -19.01
N ILE C 155 1.22 17.38 -18.44
CA ILE C 155 -0.11 17.00 -18.89
C ILE C 155 -1.10 18.13 -18.61
N PHE C 156 -0.83 18.95 -17.60
CA PHE C 156 -1.68 20.10 -17.31
C PHE C 156 -1.70 21.08 -18.49
N ALA C 157 -0.57 21.24 -19.17
CA ALA C 157 -0.52 22.15 -20.30
C ALA C 157 -1.44 21.69 -21.42
N ILE C 158 -1.45 20.38 -21.70
CA ILE C 158 -2.38 19.86 -22.70
C ILE C 158 -3.81 20.03 -22.23
N SER C 159 -4.07 19.76 -20.94
CA SER C 159 -5.42 19.87 -20.41
C SER C 159 -5.92 21.30 -20.45
N ASP C 160 -5.09 22.25 -19.99
CA ASP C 160 -5.50 23.65 -20.01
C ASP C 160 -5.74 24.13 -21.44
N GLY C 161 -4.88 23.72 -22.37
CA GLY C 161 -5.05 24.11 -23.76
C GLY C 161 -6.38 23.64 -24.33
N ALA C 162 -6.74 22.38 -24.06
CA ALA C 162 -8.03 21.88 -24.51
C ALA C 162 -9.17 22.68 -23.90
N TYR C 163 -9.04 23.03 -22.62
CA TYR C 163 -10.06 23.84 -21.96
C TYR C 163 -10.18 25.22 -22.62
N VAL C 164 -9.05 25.86 -22.92
CA VAL C 164 -9.08 27.17 -23.56
C VAL C 164 -9.64 27.06 -24.97
N ASP C 165 -9.23 26.02 -25.71
CA ASP C 165 -9.75 25.83 -27.07
C ASP C 165 -11.25 25.55 -27.06
N MET C 166 -11.72 24.79 -26.07
CA MET C 166 -13.15 24.53 -25.96
C MET C 166 -13.93 25.82 -25.80
N LEU C 167 -13.50 26.68 -24.86
CA LEU C 167 -14.22 27.93 -24.60
C LEU C 167 -14.08 28.92 -25.75
N THR C 168 -12.91 28.95 -26.40
CA THR C 168 -12.66 29.94 -27.44
C THR C 168 -13.29 29.53 -28.77
N ASN C 169 -13.23 28.24 -29.10
CA ASN C 169 -13.73 27.77 -30.40
C ASN C 169 -15.15 27.21 -30.32
N HIS C 170 -15.66 26.93 -29.13
CA HIS C 170 -16.99 26.34 -28.96
C HIS C 170 -17.11 25.01 -29.71
N VAL C 171 -16.09 24.19 -29.57
CA VAL C 171 -16.07 22.84 -30.15
C VAL C 171 -15.60 21.86 -29.08
N ASN C 172 -16.20 20.68 -29.06
CA ASN C 172 -15.79 19.65 -28.11
C ASN C 172 -14.36 19.21 -28.40
N GLN C 173 -13.65 18.82 -27.33
CA GLN C 173 -12.26 18.41 -27.42
C GLN C 173 -12.13 16.94 -27.05
N SER C 174 -11.10 16.30 -27.59
CA SER C 174 -10.76 14.92 -27.25
C SER C 174 -9.30 14.84 -26.86
N MET C 175 -9.01 14.05 -25.84
CA MET C 175 -7.64 13.74 -25.41
C MET C 175 -7.45 12.24 -25.56
N LEU C 176 -6.69 11.83 -26.57
CA LEU C 176 -6.40 10.43 -26.82
C LEU C 176 -5.14 10.03 -26.07
N ILE C 177 -5.28 9.10 -25.12
CA ILE C 177 -4.20 8.71 -24.22
C ILE C 177 -3.87 7.24 -24.45
N THR C 178 -2.66 6.96 -24.92
CA THR C 178 -2.19 5.60 -25.09
C THR C 178 -1.36 5.17 -23.89
N GLY C 179 -1.10 3.86 -23.82
CA GLY C 179 -0.32 3.30 -22.74
C GLY C 179 -0.92 2.02 -22.21
N GLU C 180 -0.11 0.98 -22.08
CA GLU C 180 -0.59 -0.31 -21.62
C GLU C 180 -0.39 -0.44 -20.10
N SER C 181 -0.59 -1.64 -19.57
CA SER C 181 -0.50 -1.84 -18.14
C SER C 181 0.90 -1.53 -17.65
N GLY C 182 1.00 -0.68 -16.63
CA GLY C 182 2.27 -0.22 -16.10
C GLY C 182 2.67 1.18 -16.53
N ALA C 183 1.97 1.76 -17.50
CA ALA C 183 2.33 3.08 -18.01
C ALA C 183 1.71 4.22 -17.22
N GLY C 184 0.93 3.90 -16.18
CA GLY C 184 0.33 4.93 -15.36
C GLY C 184 -0.83 5.67 -15.99
N LYS C 185 -1.55 5.02 -16.91
CA LYS C 185 -2.62 5.72 -17.63
C LYS C 185 -3.78 6.08 -16.71
N THR C 186 -4.07 5.24 -15.71
CA THR C 186 -5.18 5.53 -14.81
C THR C 186 -4.87 6.76 -13.96
N GLU C 187 -3.66 6.84 -13.41
CA GLU C 187 -3.28 8.00 -12.63
C GLU C 187 -3.32 9.27 -13.48
N ASN C 188 -2.82 9.20 -14.71
CA ASN C 188 -2.84 10.38 -15.57
C ASN C 188 -4.26 10.81 -15.88
N THR C 189 -5.15 9.86 -16.17
CA THR C 189 -6.56 10.20 -16.40
C THR C 189 -7.16 10.85 -15.16
N LYS C 190 -6.79 10.36 -13.98
CA LYS C 190 -7.32 10.91 -12.74
C LYS C 190 -6.90 12.37 -12.55
N LYS C 191 -5.66 12.69 -12.94
CA LYS C 191 -5.16 14.05 -12.74
C LYS C 191 -5.62 15.01 -13.82
N VAL C 192 -5.91 14.50 -15.02
CA VAL C 192 -6.54 15.34 -16.04
C VAL C 192 -7.94 15.76 -15.59
N ILE C 193 -8.73 14.79 -15.09
CA ILE C 193 -10.06 15.10 -14.60
C ILE C 193 -9.98 16.06 -13.42
N ALA C 194 -9.05 15.80 -12.49
CA ALA C 194 -8.88 16.69 -11.35
C ALA C 194 -8.51 18.10 -11.79
N TYR C 195 -7.71 18.21 -12.85
CA TYR C 195 -7.34 19.54 -13.33
C TYR C 195 -8.55 20.27 -13.90
N PHE C 196 -9.35 19.60 -14.73
CA PHE C 196 -10.57 20.21 -15.21
C PHE C 196 -11.50 20.58 -14.06
N ALA C 197 -11.55 19.74 -13.03
CA ALA C 197 -12.35 20.08 -11.86
C ALA C 197 -11.83 21.31 -11.15
N THR C 198 -10.55 21.63 -11.31
CA THR C 198 -9.99 22.84 -10.70
C THR C 198 -10.35 24.07 -11.50
N VAL C 199 -10.03 24.10 -12.79
CA VAL C 199 -10.25 25.28 -13.61
C VAL C 199 -11.74 25.52 -13.82
N GLY C 200 -12.55 24.45 -13.78
CA GLY C 200 -13.98 24.57 -13.98
C GLY C 200 -14.77 24.52 -12.69
N ALA C 201 -14.12 24.81 -11.57
CA ALA C 201 -14.78 24.79 -10.28
C ALA C 201 -15.73 25.98 -10.13
N SER C 202 -16.63 25.87 -9.16
CA SER C 202 -17.60 26.91 -8.87
C SER C 202 -18.06 26.73 -7.43
N LYS C 203 -18.94 27.64 -6.98
CA LYS C 203 -19.51 27.51 -5.65
C LYS C 203 -20.40 26.27 -5.57
N LYS C 204 -21.10 25.95 -6.65
CA LYS C 204 -21.99 24.79 -6.66
C LYS C 204 -21.21 23.49 -6.87
N THR C 205 -20.08 23.55 -7.56
CA THR C 205 -19.24 22.36 -7.71
C THR C 205 -18.56 22.01 -6.38
N ASP C 206 -18.07 23.01 -5.67
CA ASP C 206 -17.33 22.75 -4.43
C ASP C 206 -18.25 22.30 -3.31
N GLU C 207 -19.51 22.77 -3.29
CA GLU C 207 -20.44 22.36 -2.24
C GLU C 207 -20.93 20.93 -2.47
N ALA C 208 -21.18 20.56 -3.73
CA ALA C 208 -21.62 19.20 -4.03
C ALA C 208 -20.50 18.18 -3.91
N ALA C 209 -19.24 18.62 -4.00
CA ALA C 209 -18.12 17.71 -3.82
C ALA C 209 -17.98 17.25 -2.38
N LYS C 210 -18.62 17.93 -1.43
CA LYS C 210 -18.56 17.50 -0.04
C LYS C 210 -19.36 16.21 0.16
N SER C 211 -20.54 16.12 -0.45
CA SER C 211 -21.37 14.93 -0.31
C SER C 211 -20.88 13.81 -1.21
N LYS C 212 -20.93 14.01 -2.53
CA LYS C 212 -20.59 12.95 -3.47
C LYS C 212 -19.09 12.75 -3.64
N GLY C 213 -18.28 13.73 -3.24
CA GLY C 213 -16.84 13.65 -3.44
C GLY C 213 -16.42 14.27 -4.77
N SER C 214 -15.10 14.34 -4.95
CA SER C 214 -14.56 14.97 -6.16
C SER C 214 -14.97 14.17 -7.40
N LEU C 215 -15.00 14.87 -8.54
CA LEU C 215 -15.37 14.22 -9.79
C LEU C 215 -14.39 13.11 -10.15
N GLU C 216 -13.09 13.35 -9.96
CA GLU C 216 -12.12 12.31 -10.32
C GLU C 216 -12.33 11.06 -9.47
N ASP C 217 -12.70 11.23 -8.20
CA ASP C 217 -12.96 10.07 -7.35
C ASP C 217 -14.23 9.35 -7.78
N GLN C 218 -15.24 10.09 -8.23
CA GLN C 218 -16.46 9.45 -8.74
C GLN C 218 -16.15 8.58 -9.94
N VAL C 219 -15.36 9.11 -10.88
CA VAL C 219 -15.05 8.38 -12.10
C VAL C 219 -14.25 7.12 -11.79
N VAL C 220 -13.20 7.24 -10.98
CA VAL C 220 -12.36 6.08 -10.71
C VAL C 220 -13.10 5.01 -9.92
N GLN C 221 -14.13 5.38 -9.16
CA GLN C 221 -14.91 4.38 -8.45
C GLN C 221 -15.63 3.44 -9.41
N THR C 222 -15.79 3.82 -10.68
CA THR C 222 -16.36 2.92 -11.67
C THR C 222 -15.34 1.94 -12.26
N ASN C 223 -14.04 2.16 -12.02
CA ASN C 223 -13.01 1.35 -12.66
C ASN C 223 -13.12 -0.14 -12.33
N PRO C 224 -13.32 -0.54 -11.07
CA PRO C 224 -13.37 -2.00 -10.79
C PRO C 224 -14.46 -2.71 -11.55
N VAL C 225 -15.58 -2.05 -11.81
CA VAL C 225 -16.69 -2.68 -12.52
C VAL C 225 -16.40 -2.78 -14.01
N LEU C 226 -15.95 -1.67 -14.62
CA LEU C 226 -15.68 -1.69 -16.05
C LEU C 226 -14.45 -2.51 -16.37
N GLU C 227 -13.45 -2.53 -15.49
CA GLU C 227 -12.28 -3.37 -15.71
C GLU C 227 -12.61 -4.85 -15.54
N ALA C 228 -13.45 -5.18 -14.57
CA ALA C 228 -13.82 -6.58 -14.35
C ALA C 228 -14.48 -7.17 -15.60
N PHE C 229 -15.41 -6.42 -16.19
CA PHE C 229 -16.18 -6.93 -17.32
C PHE C 229 -15.60 -6.55 -18.67
N GLY C 230 -14.62 -5.65 -18.71
CA GLY C 230 -14.11 -5.16 -19.98
C GLY C 230 -12.61 -5.35 -20.21
N ASN C 231 -11.87 -5.76 -19.18
CA ASN C 231 -10.43 -5.97 -19.27
C ASN C 231 -10.09 -7.44 -19.21
N ALA C 232 -8.96 -7.81 -19.81
CA ALA C 232 -8.53 -9.19 -19.85
C ALA C 232 -7.01 -9.26 -19.96
N LYS C 233 -6.46 -10.39 -19.57
CA LYS C 233 -5.04 -10.67 -19.74
C LYS C 233 -4.81 -11.15 -21.16
N THR C 234 -4.06 -10.37 -21.94
CA THR C 234 -3.65 -10.76 -23.28
C THR C 234 -2.24 -11.35 -23.22
N VAL C 235 -1.68 -11.63 -24.39
CA VAL C 235 -0.35 -12.24 -24.44
C VAL C 235 0.67 -11.33 -23.78
N ARG C 236 0.56 -10.02 -24.01
CA ARG C 236 1.58 -9.08 -23.57
C ARG C 236 1.11 -8.06 -22.56
N ASN C 237 -0.18 -8.07 -22.19
CA ASN C 237 -0.71 -7.12 -21.21
C ASN C 237 -1.60 -7.86 -20.24
N ASP C 238 -1.22 -7.83 -18.96
CA ASP C 238 -2.00 -8.52 -17.94
C ASP C 238 -3.35 -7.88 -17.68
N ASN C 239 -3.51 -6.60 -18.02
CA ASN C 239 -4.72 -5.86 -17.70
C ASN C 239 -5.08 -4.94 -18.87
N SER C 240 -5.35 -5.54 -20.03
CA SER C 240 -5.68 -4.79 -21.24
C SER C 240 -7.18 -4.50 -21.30
N SER C 241 -7.52 -3.27 -21.68
CA SER C 241 -8.90 -2.88 -21.88
C SER C 241 -9.34 -3.34 -23.27
N ARG C 242 -10.35 -4.21 -23.32
CA ARG C 242 -10.86 -4.74 -24.58
C ARG C 242 -12.05 -3.95 -25.09
N PHE C 243 -12.13 -2.67 -24.71
CA PHE C 243 -13.15 -1.77 -25.21
C PHE C 243 -12.54 -0.37 -25.22
N GLY C 244 -13.10 0.49 -26.05
CA GLY C 244 -12.72 1.88 -26.05
C GLY C 244 -13.55 2.64 -25.03
N LYS C 245 -12.90 3.32 -24.09
CA LYS C 245 -13.59 4.10 -23.08
C LYS C 245 -13.40 5.57 -23.38
N PHE C 246 -14.50 6.31 -23.43
CA PHE C 246 -14.50 7.73 -23.75
C PHE C 246 -15.19 8.46 -22.59
N ILE C 247 -14.37 8.98 -21.67
CA ILE C 247 -14.87 9.70 -20.50
C ILE C 247 -15.05 11.15 -20.90
N ARG C 248 -16.29 11.60 -20.97
CA ARG C 248 -16.62 12.95 -21.40
C ARG C 248 -16.85 13.81 -20.16
N ILE C 249 -16.01 14.83 -19.99
CA ILE C 249 -16.13 15.79 -18.90
C ILE C 249 -16.92 16.97 -19.45
N HIS C 250 -18.14 17.18 -18.97
CA HIS C 250 -19.02 18.19 -19.51
C HIS C 250 -18.83 19.53 -18.79
N PHE C 251 -19.00 20.61 -19.55
CA PHE C 251 -18.92 21.96 -19.02
C PHE C 251 -20.16 22.74 -19.43
N GLY C 252 -20.57 23.66 -18.56
CA GLY C 252 -21.78 24.43 -18.76
C GLY C 252 -21.57 25.66 -19.60
N PRO C 253 -22.63 26.45 -19.79
CA PRO C 253 -22.52 27.66 -20.63
C PRO C 253 -21.47 28.64 -20.13
N THR C 254 -21.13 28.62 -18.84
CA THR C 254 -20.15 29.53 -18.27
C THR C 254 -18.78 28.90 -18.11
N GLY C 255 -18.59 27.67 -18.60
CA GLY C 255 -17.30 27.01 -18.53
C GLY C 255 -17.02 26.27 -17.23
N LYS C 256 -18.03 26.05 -16.39
CA LYS C 256 -17.85 25.30 -15.16
C LYS C 256 -18.29 23.84 -15.38
N LEU C 257 -17.83 22.98 -14.47
CA LEU C 257 -18.18 21.56 -14.54
C LEU C 257 -19.69 21.37 -14.64
N ALA C 258 -20.08 20.40 -15.45
CA ALA C 258 -21.47 19.99 -15.59
C ALA C 258 -21.59 18.47 -15.54
N GLY C 259 -20.79 17.84 -14.68
CA GLY C 259 -20.83 16.41 -14.54
C GLY C 259 -20.02 15.70 -15.61
N ALA C 260 -20.20 14.37 -15.65
CA ALA C 260 -19.48 13.52 -16.58
C ALA C 260 -20.34 12.32 -16.94
N ASP C 261 -19.98 11.68 -18.06
CA ASP C 261 -20.55 10.39 -18.43
C ASP C 261 -19.51 9.63 -19.24
N ILE C 262 -19.79 8.34 -19.46
CA ILE C 262 -18.85 7.43 -20.10
C ILE C 262 -19.53 6.82 -21.31
N GLU C 263 -18.84 6.85 -22.44
CA GLU C 263 -19.24 6.11 -23.64
C GLU C 263 -18.25 4.98 -23.87
N THR C 264 -18.77 3.83 -24.29
CA THR C 264 -17.94 2.68 -24.61
C THR C 264 -18.16 2.27 -26.05
N TYR C 265 -17.09 1.79 -26.68
CA TYR C 265 -17.10 1.36 -28.07
C TYR C 265 -16.30 0.07 -28.19
N LEU C 266 -16.69 -0.75 -29.18
CA LEU C 266 -15.85 -1.83 -29.69
C LEU C 266 -15.45 -2.84 -28.60
N LEU C 267 -16.43 -3.25 -27.80
CA LEU C 267 -16.16 -4.32 -26.85
C LEU C 267 -15.81 -5.59 -27.64
N GLU C 268 -14.75 -6.27 -27.21
CA GLU C 268 -14.27 -7.46 -27.93
C GLU C 268 -15.12 -8.65 -27.54
N LYS C 269 -16.19 -8.87 -28.30
CA LYS C 269 -17.14 -9.92 -27.97
C LYS C 269 -16.53 -11.31 -28.16
N ALA C 270 -15.57 -11.46 -29.08
CA ALA C 270 -14.99 -12.77 -29.31
C ALA C 270 -14.31 -13.32 -28.06
N ARG C 271 -13.80 -12.45 -27.20
CA ARG C 271 -13.08 -12.89 -26.02
C ARG C 271 -13.98 -13.58 -24.99
N VAL C 272 -15.30 -13.45 -25.11
CA VAL C 272 -16.19 -14.12 -24.18
C VAL C 272 -16.11 -15.63 -24.36
N ILE C 273 -15.75 -16.11 -25.56
CA ILE C 273 -15.82 -17.54 -25.84
C ILE C 273 -14.55 -18.06 -26.50
N SER C 274 -13.49 -17.23 -26.56
CA SER C 274 -12.27 -17.66 -27.22
C SER C 274 -11.05 -17.00 -26.57
N GLN C 275 -10.02 -17.80 -26.34
CA GLN C 275 -8.74 -17.31 -25.84
C GLN C 275 -7.60 -18.00 -26.55
N GLN C 276 -6.54 -17.25 -26.84
CA GLN C 276 -5.27 -17.86 -27.19
C GLN C 276 -4.73 -18.63 -25.98
N SER C 277 -3.72 -19.46 -26.24
CA SER C 277 -3.21 -20.35 -25.19
C SER C 277 -2.64 -19.57 -24.02
N LEU C 278 -2.10 -18.37 -24.28
CA LEU C 278 -1.47 -17.57 -23.23
C LEU C 278 -2.36 -16.43 -22.73
N GLU C 279 -3.66 -16.50 -22.97
CA GLU C 279 -4.58 -15.42 -22.65
C GLU C 279 -5.70 -15.90 -21.73
N ARG C 280 -6.42 -14.94 -21.17
CA ARG C 280 -7.62 -15.19 -20.40
C ARG C 280 -8.80 -14.49 -21.07
N SER C 281 -10.00 -14.85 -20.62
CA SER C 281 -11.19 -14.07 -20.93
C SER C 281 -11.23 -12.86 -20.00
N TYR C 282 -12.41 -12.26 -19.83
CA TYR C 282 -12.52 -11.08 -19.00
C TYR C 282 -12.30 -11.44 -17.52
N HIS C 283 -11.75 -10.48 -16.78
CA HIS C 283 -11.38 -10.72 -15.38
C HIS C 283 -12.55 -11.27 -14.57
N ILE C 284 -13.76 -10.75 -14.82
CA ILE C 284 -14.89 -11.04 -13.93
C ILE C 284 -15.09 -12.55 -13.74
N PHE C 285 -14.91 -13.33 -14.81
CA PHE C 285 -15.17 -14.76 -14.71
C PHE C 285 -14.29 -15.40 -13.64
N TYR C 286 -13.02 -14.98 -13.56
CA TYR C 286 -12.11 -15.56 -12.58
C TYR C 286 -12.28 -14.89 -11.22
N GLN C 287 -12.73 -13.64 -11.20
CA GLN C 287 -13.07 -12.99 -9.94
C GLN C 287 -14.21 -13.73 -9.23
N ILE C 288 -15.30 -14.01 -9.95
CA ILE C 288 -16.44 -14.69 -9.34
C ILE C 288 -16.04 -16.07 -8.84
N MET C 289 -15.18 -16.77 -9.60
CA MET C 289 -14.77 -18.11 -9.21
C MET C 289 -13.80 -18.13 -8.04
N SER C 290 -13.30 -16.97 -7.59
CA SER C 290 -12.31 -16.95 -6.51
C SER C 290 -12.92 -17.33 -5.17
N GLY C 291 -14.21 -17.06 -4.98
CA GLY C 291 -14.87 -17.35 -3.73
C GLY C 291 -14.64 -16.32 -2.63
N SER C 292 -14.04 -15.18 -2.95
CA SER C 292 -13.71 -14.19 -1.92
C SER C 292 -14.92 -13.45 -1.40
N VAL C 293 -16.07 -13.53 -2.08
CA VAL C 293 -17.30 -12.89 -1.64
C VAL C 293 -18.27 -13.99 -1.23
N PRO C 294 -18.67 -14.09 0.04
CA PRO C 294 -19.47 -15.24 0.48
C PRO C 294 -20.81 -15.32 -0.23
N GLY C 295 -21.20 -16.55 -0.59
CA GLY C 295 -22.50 -16.83 -1.14
C GLY C 295 -22.62 -16.70 -2.64
N VAL C 296 -21.68 -16.02 -3.29
CA VAL C 296 -21.82 -15.73 -4.72
C VAL C 296 -21.76 -17.01 -5.54
N LYS C 297 -20.79 -17.88 -5.26
CA LYS C 297 -20.67 -19.08 -6.07
C LYS C 297 -21.86 -20.01 -5.88
N ASP C 298 -22.47 -20.02 -4.69
CA ASP C 298 -23.66 -20.82 -4.47
C ASP C 298 -24.84 -20.28 -5.27
N ILE C 299 -25.05 -18.97 -5.22
CA ILE C 299 -26.08 -18.34 -6.05
C ILE C 299 -25.85 -18.68 -7.52
N CYS C 300 -24.58 -18.71 -7.93
CA CYS C 300 -24.23 -18.86 -9.33
C CYS C 300 -24.15 -20.31 -9.80
N LEU C 301 -24.34 -21.27 -8.90
CA LEU C 301 -24.29 -22.69 -9.25
C LEU C 301 -22.93 -23.07 -9.84
N LEU C 302 -21.86 -22.44 -9.35
CA LEU C 302 -20.53 -22.64 -9.89
C LEU C 302 -19.77 -23.67 -9.07
N THR C 303 -18.95 -24.47 -9.77
CA THR C 303 -18.04 -25.39 -9.12
C THR C 303 -16.75 -24.67 -8.72
N ASP C 304 -15.79 -25.43 -8.19
CA ASP C 304 -14.48 -24.91 -7.85
C ASP C 304 -13.42 -25.29 -8.88
N ASN C 305 -13.83 -25.55 -10.12
CA ASN C 305 -12.90 -25.91 -11.19
C ASN C 305 -13.21 -25.07 -12.42
N ILE C 306 -12.38 -24.06 -12.67
CA ILE C 306 -12.59 -23.16 -13.80
C ILE C 306 -12.67 -23.94 -15.11
N TYR C 307 -12.02 -25.10 -15.17
CA TYR C 307 -11.99 -25.87 -16.41
C TYR C 307 -13.31 -26.58 -16.71
N ASP C 308 -14.28 -26.54 -15.80
CA ASP C 308 -15.64 -26.97 -16.14
C ASP C 308 -16.30 -26.04 -17.14
N TYR C 309 -15.72 -24.88 -17.41
CA TYR C 309 -16.36 -23.87 -18.26
C TYR C 309 -15.43 -23.60 -19.44
N HIS C 310 -15.69 -24.30 -20.54
CA HIS C 310 -14.79 -24.31 -21.68
C HIS C 310 -14.62 -22.93 -22.30
N ILE C 311 -15.67 -22.10 -22.31
CA ILE C 311 -15.58 -20.84 -23.04
C ILE C 311 -14.61 -19.85 -22.43
N VAL C 312 -14.16 -20.05 -21.19
CA VAL C 312 -13.25 -19.09 -20.55
C VAL C 312 -12.00 -19.79 -20.02
N SER C 313 -11.76 -21.04 -20.44
CA SER C 313 -10.63 -21.80 -19.93
C SER C 313 -9.82 -22.44 -21.06
N GLN C 314 -9.79 -21.78 -22.23
CA GLN C 314 -9.03 -22.29 -23.36
C GLN C 314 -7.54 -21.91 -23.28
N GLY C 315 -7.21 -20.87 -22.52
CA GLY C 315 -5.82 -20.48 -22.35
C GLY C 315 -5.41 -20.49 -20.89
N LYS C 316 -4.94 -19.34 -20.40
CA LYS C 316 -4.58 -19.21 -19.00
C LYS C 316 -5.83 -19.00 -18.16
N VAL C 317 -5.73 -19.32 -16.87
CA VAL C 317 -6.83 -19.13 -15.94
C VAL C 317 -6.38 -18.35 -14.72
N THR C 318 -5.07 -18.18 -14.55
CA THR C 318 -4.51 -17.35 -13.48
C THR C 318 -3.41 -16.48 -14.05
N VAL C 319 -3.16 -15.36 -13.39
CA VAL C 319 -2.13 -14.42 -13.78
C VAL C 319 -1.32 -14.04 -12.55
N ALA C 320 0.01 -14.19 -12.65
CA ALA C 320 0.86 -14.03 -11.48
C ALA C 320 0.65 -12.67 -10.82
N SER C 321 0.47 -11.61 -11.61
CA SER C 321 0.36 -10.26 -11.08
C SER C 321 -1.04 -9.90 -10.60
N ILE C 322 -2.03 -10.81 -10.71
CA ILE C 322 -3.42 -10.50 -10.40
C ILE C 322 -3.90 -11.43 -9.31
N ASP C 323 -4.41 -10.85 -8.22
CA ASP C 323 -5.08 -11.61 -7.17
C ASP C 323 -6.57 -11.49 -7.42
N ASP C 324 -7.13 -12.48 -8.12
CA ASP C 324 -8.55 -12.44 -8.48
C ASP C 324 -9.44 -12.37 -7.25
N ALA C 325 -8.99 -12.93 -6.13
CA ALA C 325 -9.79 -12.89 -4.90
C ALA C 325 -9.90 -11.46 -4.38
N GLU C 326 -8.78 -10.75 -4.30
CA GLU C 326 -8.81 -9.38 -3.82
C GLU C 326 -9.55 -8.48 -4.81
N GLU C 327 -9.40 -8.73 -6.11
CA GLU C 327 -10.07 -7.89 -7.09
C GLU C 327 -11.58 -8.06 -7.04
N PHE C 328 -12.06 -9.30 -6.89
CA PHE C 328 -13.50 -9.50 -6.80
C PHE C 328 -14.08 -8.83 -5.57
N SER C 329 -13.38 -8.90 -4.44
CA SER C 329 -13.84 -8.18 -3.25
C SER C 329 -13.99 -6.68 -3.54
N LEU C 330 -13.04 -6.11 -4.28
CA LEU C 330 -13.13 -4.69 -4.63
C LEU C 330 -14.23 -4.44 -5.65
N THR C 331 -14.47 -5.39 -6.56
CA THR C 331 -15.56 -5.23 -7.52
C THR C 331 -16.90 -5.24 -6.81
N ASP C 332 -17.06 -6.15 -5.84
CA ASP C 332 -18.31 -6.22 -5.09
C ASP C 332 -18.53 -4.95 -4.27
N GLN C 333 -17.49 -4.46 -3.60
CA GLN C 333 -17.59 -3.20 -2.88
C GLN C 333 -17.98 -2.06 -3.81
N ALA C 334 -17.37 -2.02 -5.00
CA ALA C 334 -17.68 -0.96 -5.96
C ALA C 334 -19.16 -0.98 -6.33
N PHE C 335 -19.73 -2.16 -6.55
CA PHE C 335 -21.15 -2.24 -6.83
C PHE C 335 -21.97 -1.62 -5.71
N ASP C 336 -21.62 -1.92 -4.45
CA ASP C 336 -22.32 -1.33 -3.31
C ASP C 336 -22.21 0.19 -3.35
N ILE C 337 -20.99 0.71 -3.47
CA ILE C 337 -20.77 2.16 -3.43
C ILE C 337 -21.48 2.85 -4.60
N LEU C 338 -21.58 2.19 -5.75
CA LEU C 338 -22.19 2.79 -6.93
C LEU C 338 -23.71 2.74 -6.91
N GLY C 339 -24.32 2.25 -5.84
CA GLY C 339 -25.76 2.29 -5.69
C GLY C 339 -26.53 1.13 -6.26
N PHE C 340 -25.86 0.06 -6.69
CA PHE C 340 -26.56 -1.14 -7.11
C PHE C 340 -27.29 -1.75 -5.91
N THR C 341 -28.53 -2.19 -6.15
CA THR C 341 -29.23 -2.91 -5.11
C THR C 341 -28.63 -4.31 -4.96
N LYS C 342 -28.90 -4.93 -3.80
CA LYS C 342 -28.47 -6.30 -3.59
C LYS C 342 -29.00 -7.22 -4.69
N GLN C 343 -30.27 -7.05 -5.05
CA GLN C 343 -30.87 -7.89 -6.10
C GLN C 343 -30.20 -7.64 -7.44
N GLU C 344 -29.98 -6.36 -7.79
CA GLU C 344 -29.29 -6.05 -9.03
C GLU C 344 -27.90 -6.67 -9.06
N LYS C 345 -27.12 -6.44 -8.00
CA LYS C 345 -25.77 -6.99 -7.94
C LYS C 345 -25.77 -8.50 -8.08
N GLU C 346 -26.68 -9.18 -7.38
CA GLU C 346 -26.69 -10.64 -7.44
C GLU C 346 -27.17 -11.14 -8.79
N ASP C 347 -28.07 -10.41 -9.45
CA ASP C 347 -28.48 -10.77 -10.81
C ASP C 347 -27.33 -10.57 -11.80
N VAL C 348 -26.51 -9.53 -11.61
CA VAL C 348 -25.30 -9.41 -12.43
C VAL C 348 -24.48 -10.68 -12.33
N TYR C 349 -24.25 -11.16 -11.11
CA TYR C 349 -23.47 -12.39 -10.93
C TYR C 349 -24.18 -13.59 -11.55
N ARG C 350 -25.50 -13.69 -11.37
CA ARG C 350 -26.26 -14.78 -11.98
C ARG C 350 -26.07 -14.81 -13.49
N ILE C 351 -26.21 -13.65 -14.14
CA ILE C 351 -26.11 -13.59 -15.59
C ILE C 351 -24.68 -13.90 -16.03
N THR C 352 -23.70 -13.33 -15.35
CA THR C 352 -22.30 -13.63 -15.67
C THR C 352 -22.06 -15.13 -15.61
N ALA C 353 -22.54 -15.78 -14.54
CA ALA C 353 -22.38 -17.22 -14.43
C ALA C 353 -23.19 -17.97 -15.47
N ALA C 354 -24.39 -17.48 -15.79
CA ALA C 354 -25.21 -18.15 -16.80
C ALA C 354 -24.49 -18.20 -18.14
N VAL C 355 -23.74 -17.16 -18.47
CA VAL C 355 -22.94 -17.19 -19.69
C VAL C 355 -21.94 -18.34 -19.64
N MET C 356 -21.28 -18.52 -18.49
CA MET C 356 -20.34 -19.63 -18.34
C MET C 356 -21.04 -20.97 -18.55
N HIS C 357 -22.16 -21.19 -17.84
CA HIS C 357 -22.91 -22.43 -17.97
C HIS C 357 -23.39 -22.62 -19.41
N MET C 358 -23.95 -21.56 -20.00
CA MET C 358 -24.52 -21.68 -21.35
C MET C 358 -23.46 -22.12 -22.35
N GLY C 359 -22.21 -21.68 -22.17
CA GLY C 359 -21.13 -22.11 -23.04
C GLY C 359 -20.87 -23.60 -22.97
N GLY C 360 -21.28 -24.26 -21.88
CA GLY C 360 -21.14 -25.69 -21.75
C GLY C 360 -22.32 -26.50 -22.25
N MET C 361 -23.33 -25.86 -22.83
CA MET C 361 -24.46 -26.59 -23.41
C MET C 361 -24.00 -27.19 -24.74
N LYS C 362 -23.94 -28.51 -24.79
CA LYS C 362 -23.42 -29.21 -25.95
C LYS C 362 -24.56 -29.82 -26.78
N PHE C 363 -24.26 -30.04 -28.06
CA PHE C 363 -25.18 -30.63 -29.01
C PHE C 363 -24.40 -31.54 -29.94
N LYS C 364 -25.10 -32.47 -30.59
CA LYS C 364 -24.46 -33.43 -31.46
C LYS C 364 -25.38 -33.80 -32.60
N GLN C 365 -24.80 -34.46 -33.61
CA GLN C 365 -25.54 -34.99 -34.74
C GLN C 365 -25.53 -36.51 -34.67
N ARG C 366 -26.71 -37.12 -34.77
CA ARG C 366 -26.87 -38.57 -34.74
C ARG C 366 -26.99 -39.08 -36.17
N GLY C 367 -25.94 -39.76 -36.64
CA GLY C 367 -25.95 -40.26 -38.00
C GLY C 367 -26.04 -39.13 -39.01
N ARG C 368 -26.65 -39.44 -40.16
CA ARG C 368 -26.82 -38.47 -41.23
C ARG C 368 -28.04 -37.57 -41.03
N GLU C 369 -28.71 -37.66 -39.87
CA GLU C 369 -29.84 -36.78 -39.58
C GLU C 369 -29.31 -35.37 -39.29
N GLU C 370 -29.71 -34.41 -40.12
CA GLU C 370 -29.15 -33.07 -40.04
C GLU C 370 -29.65 -32.30 -38.82
N GLN C 371 -30.88 -32.59 -38.37
CA GLN C 371 -31.41 -31.90 -37.20
C GLN C 371 -30.60 -32.23 -35.96
N ALA C 372 -30.10 -31.18 -35.30
CA ALA C 372 -29.28 -31.38 -34.11
C ALA C 372 -30.13 -31.80 -32.92
N GLU C 373 -29.49 -32.48 -31.97
CA GLU C 373 -30.11 -32.84 -30.70
C GLU C 373 -29.16 -32.45 -29.58
N GLN C 374 -29.73 -32.25 -28.39
CA GLN C 374 -28.91 -31.89 -27.25
C GLN C 374 -28.09 -33.07 -26.77
N ASP C 375 -26.92 -32.76 -26.21
CA ASP C 375 -26.03 -33.76 -25.61
C ASP C 375 -25.95 -33.45 -24.13
N GLY C 376 -26.94 -33.89 -23.37
CA GLY C 376 -27.07 -33.56 -21.97
C GLY C 376 -27.87 -32.28 -21.76
N GLU C 377 -28.39 -32.14 -20.54
CA GLU C 377 -29.20 -30.99 -20.17
C GLU C 377 -28.80 -30.37 -18.83
N GLU C 378 -27.73 -30.85 -18.19
CA GLU C 378 -27.35 -30.30 -16.89
C GLU C 378 -26.96 -28.84 -17.01
N GLU C 379 -26.17 -28.49 -18.02
CA GLU C 379 -25.77 -27.11 -18.21
C GLU C 379 -26.98 -26.22 -18.52
N GLY C 380 -27.86 -26.69 -19.39
CA GLY C 380 -29.06 -25.92 -19.71
C GLY C 380 -29.96 -25.74 -18.50
N GLY C 381 -30.05 -26.77 -17.65
CA GLY C 381 -30.83 -26.63 -16.43
C GLY C 381 -30.29 -25.54 -15.52
N ARG C 382 -28.96 -25.42 -15.43
CA ARG C 382 -28.38 -24.38 -14.60
C ARG C 382 -28.60 -22.99 -15.22
N VAL C 383 -28.46 -22.87 -16.54
CA VAL C 383 -28.79 -21.61 -17.20
C VAL C 383 -30.23 -21.21 -16.92
N SER C 384 -31.15 -22.17 -17.07
CA SER C 384 -32.57 -21.89 -16.89
C SER C 384 -32.88 -21.42 -15.48
N LYS C 385 -32.20 -22.00 -14.48
CA LYS C 385 -32.39 -21.54 -13.11
C LYS C 385 -31.93 -20.09 -12.95
N LEU C 386 -30.74 -19.77 -13.47
CA LEU C 386 -30.19 -18.43 -13.31
C LEU C 386 -30.98 -17.40 -14.09
N PHE C 387 -31.45 -17.76 -15.30
CA PHE C 387 -32.24 -16.86 -16.12
C PHE C 387 -33.72 -16.88 -15.78
N GLY C 388 -34.16 -17.78 -14.89
CA GLY C 388 -35.58 -17.86 -14.57
C GLY C 388 -36.45 -18.21 -15.75
N CYS C 389 -36.04 -19.18 -16.56
CA CYS C 389 -36.81 -19.64 -17.70
C CYS C 389 -36.93 -21.16 -17.65
N ASP C 390 -37.72 -21.71 -18.57
CA ASP C 390 -38.04 -23.14 -18.57
C ASP C 390 -37.00 -23.90 -19.39
N THR C 391 -36.44 -24.95 -18.79
CA THR C 391 -35.36 -25.69 -19.44
C THR C 391 -35.80 -26.30 -20.76
N ALA C 392 -36.90 -27.07 -20.73
CA ALA C 392 -37.36 -27.74 -21.95
C ALA C 392 -37.66 -26.71 -23.05
N GLU C 393 -38.28 -25.60 -22.69
CA GLU C 393 -38.55 -24.54 -23.66
C GLU C 393 -37.25 -24.00 -24.26
N LEU C 394 -36.22 -23.81 -23.43
CA LEU C 394 -34.95 -23.29 -23.93
C LEU C 394 -34.38 -24.20 -25.01
N TYR C 395 -34.36 -25.51 -24.76
CA TYR C 395 -33.81 -26.44 -25.74
C TYR C 395 -34.67 -26.50 -26.99
N LYS C 396 -35.99 -26.41 -26.83
CA LYS C 396 -36.87 -26.32 -27.99
C LYS C 396 -36.53 -25.10 -28.84
N ASN C 397 -36.42 -23.94 -28.20
CA ASN C 397 -36.14 -22.72 -28.95
C ASN C 397 -34.76 -22.75 -29.60
N LEU C 398 -33.81 -23.48 -29.02
CA LEU C 398 -32.48 -23.57 -29.61
C LEU C 398 -32.45 -24.55 -30.78
N LEU C 399 -33.14 -25.68 -30.65
CA LEU C 399 -33.09 -26.73 -31.66
C LEU C 399 -34.07 -26.48 -32.80
N LYS C 400 -35.24 -25.91 -32.50
CA LYS C 400 -36.29 -25.68 -33.49
C LYS C 400 -36.91 -24.31 -33.27
N PRO C 401 -36.18 -23.25 -33.59
CA PRO C 401 -36.73 -21.91 -33.45
C PRO C 401 -37.83 -21.64 -34.47
N ARG C 402 -38.54 -20.54 -34.26
CA ARG C 402 -39.61 -20.14 -35.14
C ARG C 402 -39.28 -18.78 -35.75
N ILE C 403 -39.81 -18.53 -36.95
CA ILE C 403 -39.64 -17.25 -37.61
C ILE C 403 -41.02 -16.61 -37.76
N LYS C 404 -41.04 -15.29 -37.73
CA LYS C 404 -42.28 -14.52 -37.78
C LYS C 404 -42.66 -14.30 -39.23
N VAL C 405 -43.74 -14.97 -39.67
CA VAL C 405 -44.29 -14.76 -41.01
C VAL C 405 -45.60 -14.01 -40.89
N GLY C 406 -45.53 -12.68 -40.94
CA GLY C 406 -46.71 -11.84 -40.83
C GLY C 406 -47.56 -12.16 -39.62
N ASN C 407 -48.50 -13.10 -39.79
CA ASN C 407 -49.46 -13.42 -38.75
C ASN C 407 -49.05 -14.60 -37.88
N GLU C 408 -48.34 -15.58 -38.43
CA GLU C 408 -48.09 -16.85 -37.77
C GLU C 408 -46.61 -17.04 -37.50
N PHE C 409 -46.31 -18.07 -36.71
CA PHE C 409 -44.96 -18.56 -36.51
C PHE C 409 -44.80 -19.89 -37.22
N VAL C 410 -43.68 -20.09 -37.91
CA VAL C 410 -43.34 -21.35 -38.53
C VAL C 410 -42.04 -21.86 -37.92
N THR C 411 -42.02 -23.14 -37.60
CA THR C 411 -40.84 -23.77 -37.02
C THR C 411 -39.77 -23.99 -38.09
N GLN C 412 -38.51 -23.86 -37.68
CA GLN C 412 -37.37 -24.16 -38.53
C GLN C 412 -36.50 -25.20 -37.85
N GLY C 413 -35.68 -25.87 -38.65
CA GLY C 413 -34.71 -26.82 -38.15
C GLY C 413 -33.33 -26.20 -38.05
N ARG C 414 -32.47 -26.83 -37.26
CA ARG C 414 -31.10 -26.38 -37.08
C ARG C 414 -30.17 -27.58 -37.02
N ASN C 415 -29.02 -27.48 -37.68
CA ASN C 415 -28.01 -28.51 -37.58
C ASN C 415 -27.05 -28.19 -36.43
N VAL C 416 -26.14 -29.13 -36.17
CA VAL C 416 -25.29 -29.02 -34.98
C VAL C 416 -24.43 -27.77 -35.04
N GLN C 417 -23.87 -27.47 -36.22
CA GLN C 417 -23.02 -26.28 -36.34
C GLN C 417 -23.82 -25.02 -36.08
N GLN C 418 -25.04 -24.95 -36.60
CA GLN C 418 -25.86 -23.75 -36.41
C GLN C 418 -26.20 -23.54 -34.94
N VAL C 419 -26.60 -24.61 -34.24
CA VAL C 419 -26.95 -24.47 -32.83
C VAL C 419 -25.72 -24.13 -32.00
N THR C 420 -24.60 -24.81 -32.27
CA THR C 420 -23.36 -24.51 -31.54
C THR C 420 -23.00 -23.03 -31.70
N ASN C 421 -23.05 -22.52 -32.94
CA ASN C 421 -22.77 -21.11 -33.18
C ASN C 421 -23.78 -20.21 -32.48
N SER C 422 -25.04 -20.67 -32.33
CA SER C 422 -26.02 -19.83 -31.68
C SER C 422 -25.75 -19.74 -30.17
N ILE C 423 -25.18 -20.79 -29.58
CA ILE C 423 -24.77 -20.72 -28.17
C ILE C 423 -23.72 -19.64 -27.99
N GLY C 424 -22.71 -19.63 -28.86
CA GLY C 424 -21.69 -18.60 -28.78
C GLY C 424 -22.26 -17.21 -28.98
N ALA C 425 -23.16 -17.05 -29.96
CA ALA C 425 -23.80 -15.76 -30.16
C ALA C 425 -24.55 -15.33 -28.91
N LEU C 426 -25.22 -16.26 -28.23
CA LEU C 426 -25.97 -15.91 -27.03
C LEU C 426 -25.03 -15.58 -25.88
N CYS C 427 -23.95 -16.35 -25.72
CA CYS C 427 -22.95 -16.02 -24.70
C CYS C 427 -22.40 -14.61 -24.92
N LYS C 428 -21.96 -14.33 -26.15
CA LYS C 428 -21.42 -13.01 -26.46
C LYS C 428 -22.47 -11.92 -26.34
N GLY C 429 -23.70 -12.20 -26.78
CA GLY C 429 -24.72 -11.17 -26.81
C GLY C 429 -25.20 -10.78 -25.43
N VAL C 430 -25.44 -11.76 -24.56
CA VAL C 430 -25.82 -11.47 -23.19
C VAL C 430 -24.74 -10.66 -22.49
N PHE C 431 -23.48 -11.07 -22.65
CA PHE C 431 -22.39 -10.38 -21.98
C PHE C 431 -22.27 -8.95 -22.49
N ASP C 432 -22.33 -8.76 -23.80
CA ASP C 432 -22.28 -7.42 -24.37
C ASP C 432 -23.39 -6.55 -23.79
N ARG C 433 -24.61 -7.08 -23.73
N ARG C 433 -24.61 -7.08 -23.73
CA ARG C 433 -25.73 -6.28 -23.24
CA ARG C 433 -25.73 -6.28 -23.24
C ARG C 433 -25.64 -6.04 -21.74
C ARG C 433 -25.62 -6.03 -21.74
N LEU C 434 -25.06 -6.98 -20.99
CA LEU C 434 -24.81 -6.75 -19.57
C LEU C 434 -23.82 -5.61 -19.39
N PHE C 435 -22.74 -5.62 -20.17
CA PHE C 435 -21.71 -4.58 -20.06
C PHE C 435 -22.30 -3.21 -20.35
N LYS C 436 -23.11 -3.10 -21.40
CA LYS C 436 -23.71 -1.81 -21.72
C LYS C 436 -24.63 -1.35 -20.60
N TRP C 437 -25.30 -2.28 -19.92
CA TRP C 437 -26.14 -1.90 -18.79
C TRP C 437 -25.27 -1.42 -17.62
N LEU C 438 -24.14 -2.08 -17.38
CA LEU C 438 -23.24 -1.63 -16.32
C LEU C 438 -22.75 -0.22 -16.57
N VAL C 439 -22.43 0.11 -17.83
CA VAL C 439 -22.01 1.46 -18.17
C VAL C 439 -23.11 2.46 -17.86
N LYS C 440 -24.36 2.11 -18.18
CA LYS C 440 -25.48 3.00 -17.92
C LYS C 440 -25.65 3.25 -16.43
N LYS C 441 -25.51 2.21 -15.61
CA LYS C 441 -25.61 2.37 -14.17
C LYS C 441 -24.47 3.24 -13.64
N CYS C 442 -23.27 3.06 -14.16
CA CYS C 442 -22.17 3.94 -13.76
C CYS C 442 -22.47 5.38 -14.10
N ASN C 443 -23.06 5.63 -15.27
CA ASN C 443 -23.36 7.00 -15.66
C ASN C 443 -24.41 7.63 -14.76
N GLU C 444 -25.31 6.83 -14.18
CA GLU C 444 -26.32 7.39 -13.28
C GLU C 444 -25.67 8.04 -12.06
N THR C 445 -24.56 7.48 -11.58
CA THR C 445 -23.87 8.07 -10.43
C THR C 445 -23.13 9.35 -10.79
N LEU C 446 -22.84 9.58 -12.07
CA LEU C 446 -22.08 10.74 -12.51
C LEU C 446 -22.97 11.88 -13.01
N ASP C 447 -24.26 11.64 -13.19
CA ASP C 447 -25.15 12.64 -13.76
C ASP C 447 -25.48 13.68 -12.70
N THR C 448 -25.33 14.96 -13.06
CA THR C 448 -25.65 16.07 -12.18
C THR C 448 -26.91 16.83 -12.59
N GLN C 449 -27.48 16.51 -13.75
CA GLN C 449 -28.65 17.21 -14.28
C GLN C 449 -28.39 18.69 -14.52
N GLN C 450 -27.13 19.07 -14.72
CA GLN C 450 -26.78 20.43 -15.07
C GLN C 450 -26.85 20.62 -16.58
N LYS C 451 -26.97 21.88 -16.98
CA LYS C 451 -26.96 22.22 -18.40
C LYS C 451 -25.58 21.94 -18.98
N ARG C 452 -25.54 21.11 -20.01
CA ARG C 452 -24.28 20.75 -20.67
C ARG C 452 -24.16 21.50 -21.99
N GLN C 453 -23.02 22.16 -22.19
CA GLN C 453 -22.75 22.89 -23.42
C GLN C 453 -21.69 22.20 -24.26
N HIS C 454 -20.49 22.00 -23.72
CA HIS C 454 -19.41 21.30 -24.41
C HIS C 454 -18.78 20.30 -23.46
N PHE C 455 -17.94 19.42 -24.02
CA PHE C 455 -17.24 18.44 -23.22
C PHE C 455 -15.82 18.28 -23.73
N ILE C 456 -14.97 17.77 -22.85
CA ILE C 456 -13.63 17.30 -23.19
C ILE C 456 -13.60 15.81 -22.88
N GLY C 457 -13.38 14.99 -23.92
CA GLY C 457 -13.45 13.55 -23.78
C GLY C 457 -12.07 12.92 -23.76
N VAL C 458 -11.87 12.00 -22.82
CA VAL C 458 -10.61 11.26 -22.69
C VAL C 458 -10.83 9.87 -23.27
N LEU C 459 -10.10 9.56 -24.34
CA LEU C 459 -10.24 8.28 -25.02
C LEU C 459 -9.17 7.30 -24.54
N ASP C 460 -9.61 6.12 -24.09
CA ASP C 460 -8.73 5.05 -23.65
C ASP C 460 -9.13 3.79 -24.41
N ILE C 461 -8.24 3.30 -25.28
CA ILE C 461 -8.52 2.10 -26.07
C ILE C 461 -7.21 1.36 -26.29
N ALA C 462 -7.31 0.04 -26.48
CA ALA C 462 -6.12 -0.79 -26.61
C ALA C 462 -5.25 -0.33 -27.78
N GLY C 463 -3.94 -0.37 -27.59
CA GLY C 463 -3.02 0.08 -28.61
C GLY C 463 -2.72 -1.00 -29.64
N PHE C 464 -1.97 -0.59 -30.66
CA PHE C 464 -1.56 -1.53 -31.70
C PHE C 464 -0.92 -2.76 -31.07
N GLU C 465 -1.22 -3.92 -31.65
CA GLU C 465 -0.99 -5.22 -31.01
C GLU C 465 -0.23 -6.14 -31.95
N ILE C 466 0.98 -6.52 -31.57
CA ILE C 466 1.79 -7.46 -32.35
C ILE C 466 2.23 -8.58 -31.41
N PHE C 467 1.66 -9.76 -31.59
CA PHE C 467 2.05 -10.96 -30.86
C PHE C 467 2.75 -11.92 -31.82
N GLU C 468 3.31 -12.98 -31.25
CA GLU C 468 3.84 -14.07 -32.07
C GLU C 468 2.73 -14.68 -32.92
N TYR C 469 1.54 -14.83 -32.36
CA TYR C 469 0.37 -15.34 -33.08
C TYR C 469 -0.67 -14.23 -33.13
N ASN C 470 -0.97 -13.76 -34.34
CA ASN C 470 -1.91 -12.66 -34.55
C ASN C 470 -3.15 -13.19 -35.25
N GLY C 471 -4.26 -13.22 -34.52
CA GLY C 471 -5.51 -13.75 -35.02
C GLY C 471 -6.52 -12.67 -35.33
N PHE C 472 -7.80 -13.07 -35.36
CA PHE C 472 -8.87 -12.15 -35.70
C PHE C 472 -8.90 -10.95 -34.76
N GLU C 473 -8.69 -11.16 -33.46
CA GLU C 473 -8.69 -10.07 -32.51
C GLU C 473 -7.61 -9.03 -32.83
N GLN C 474 -6.45 -9.49 -33.31
CA GLN C 474 -5.36 -8.57 -33.60
C GLN C 474 -5.64 -7.74 -34.85
N LEU C 475 -6.16 -8.37 -35.90
CA LEU C 475 -6.51 -7.62 -37.11
C LEU C 475 -7.48 -6.50 -36.77
N CYS C 476 -8.49 -6.78 -35.94
CA CYS C 476 -9.49 -5.77 -35.61
C CYS C 476 -8.87 -4.60 -34.88
N ILE C 477 -8.10 -4.86 -33.82
CA ILE C 477 -7.56 -3.75 -33.05
C ILE C 477 -6.48 -3.01 -33.83
N ASN C 478 -5.74 -3.70 -34.69
CA ASN C 478 -4.76 -3.02 -35.53
C ASN C 478 -5.43 -2.22 -36.62
N PHE C 479 -6.57 -2.71 -37.13
CA PHE C 479 -7.39 -1.92 -38.04
C PHE C 479 -7.88 -0.64 -37.36
N THR C 480 -8.31 -0.75 -36.10
CA THR C 480 -8.76 0.42 -35.36
C THR C 480 -7.63 1.42 -35.18
N ASN C 481 -6.45 0.94 -34.78
CA ASN C 481 -5.34 1.85 -34.53
C ASN C 481 -4.79 2.44 -35.81
N GLU C 482 -4.90 1.73 -36.94
CA GLU C 482 -4.55 2.32 -38.22
C GLU C 482 -5.39 3.57 -38.48
N LYS C 483 -6.70 3.51 -38.18
CA LYS C 483 -7.56 4.66 -38.38
C LYS C 483 -7.28 5.75 -37.36
N LEU C 484 -6.93 5.37 -36.13
CA LEU C 484 -6.59 6.37 -35.13
C LEU C 484 -5.28 7.08 -35.47
N GLN C 485 -4.33 6.37 -36.08
CA GLN C 485 -3.08 7.02 -36.48
C GLN C 485 -3.29 7.89 -37.71
N GLN C 486 -4.15 7.46 -38.63
CA GLN C 486 -4.54 8.33 -39.74
C GLN C 486 -5.19 9.60 -39.22
N PHE C 487 -6.08 9.45 -38.24
CA PHE C 487 -6.69 10.60 -37.57
C PHE C 487 -5.62 11.57 -37.07
N PHE C 488 -4.57 11.04 -36.44
CA PHE C 488 -3.49 11.91 -35.98
C PHE C 488 -2.76 12.55 -37.15
N ASN C 489 -2.37 11.74 -38.14
CA ASN C 489 -1.58 12.26 -39.26
C ASN C 489 -2.32 13.38 -39.97
N HIS C 490 -3.60 13.18 -40.26
CA HIS C 490 -4.37 14.23 -40.92
C HIS C 490 -4.43 15.49 -40.06
N HIS C 491 -4.70 15.33 -38.77
CA HIS C 491 -4.72 16.47 -37.87
C HIS C 491 -3.40 17.24 -37.95
N MET C 492 -2.29 16.51 -37.86
CA MET C 492 -0.98 17.15 -37.97
C MET C 492 -0.82 17.81 -39.33
N PHE C 493 -1.32 17.17 -40.39
CA PHE C 493 -1.25 17.76 -41.72
C PHE C 493 -1.98 19.11 -41.76
N VAL C 494 -3.18 19.16 -41.18
CA VAL C 494 -3.97 20.40 -41.20
C VAL C 494 -3.24 21.51 -40.45
N LEU C 495 -2.68 21.19 -39.28
CA LEU C 495 -1.98 22.20 -38.49
C LEU C 495 -0.71 22.67 -39.19
N GLU C 496 -0.03 21.78 -39.91
CA GLU C 496 1.16 22.18 -40.66
C GLU C 496 0.81 23.10 -41.81
N GLN C 497 -0.25 22.78 -42.56
CA GLN C 497 -0.71 23.68 -43.61
C GLN C 497 -1.01 25.06 -43.05
N GLU C 498 -1.68 25.13 -41.90
CA GLU C 498 -2.04 26.42 -41.31
C GLU C 498 -0.80 27.17 -40.85
N GLU C 499 0.21 26.46 -40.34
CA GLU C 499 1.44 27.12 -39.93
C GLU C 499 2.16 27.69 -41.15
N TYR C 500 2.30 26.90 -42.22
CA TYR C 500 2.97 27.40 -43.42
C TYR C 500 2.22 28.58 -44.01
N LYS C 501 0.89 28.51 -44.07
CA LYS C 501 0.12 29.65 -44.55
C LYS C 501 0.30 30.86 -43.66
N ARG C 502 0.25 30.67 -42.35
CA ARG C 502 0.41 31.77 -41.41
C ARG C 502 1.80 32.42 -41.53
N GLU C 503 2.80 31.63 -41.92
CA GLU C 503 4.16 32.14 -42.08
C GLU C 503 4.47 32.57 -43.50
N GLY C 504 3.50 32.49 -44.41
CA GLY C 504 3.72 32.89 -45.79
C GLY C 504 4.71 32.02 -46.53
N ILE C 505 4.72 30.71 -46.27
CA ILE C 505 5.61 29.76 -46.93
C ILE C 505 4.76 28.81 -47.77
N ASP C 506 5.28 28.44 -48.93
CA ASP C 506 4.55 27.54 -49.82
C ASP C 506 4.51 26.14 -49.24
N TRP C 507 3.38 25.47 -49.44
CA TRP C 507 3.13 24.16 -48.84
C TRP C 507 3.72 23.05 -49.71
N ALA C 508 2.89 22.45 -50.57
CA ALA C 508 3.34 21.37 -51.45
C ALA C 508 3.76 20.13 -50.65
N PHE C 509 2.84 19.59 -49.87
CA PHE C 509 2.98 18.29 -49.23
C PHE C 509 1.63 17.60 -49.27
N ILE C 510 1.64 16.28 -49.45
CA ILE C 510 0.41 15.51 -49.53
C ILE C 510 -0.11 15.23 -48.12
N ASP C 511 -1.42 15.04 -48.02
CA ASP C 511 -2.05 14.66 -46.75
C ASP C 511 -1.31 13.51 -46.10
N PHE C 512 -0.74 13.76 -44.92
CA PHE C 512 -0.01 12.73 -44.20
C PHE C 512 -0.87 11.51 -43.94
N GLY C 513 -2.20 11.71 -43.83
CA GLY C 513 -3.09 10.59 -43.55
C GLY C 513 -3.26 9.63 -44.71
N MET C 514 -2.93 10.06 -45.93
CA MET C 514 -3.04 9.17 -47.08
C MET C 514 -1.97 8.08 -47.10
N ASP C 515 -0.92 8.22 -46.30
CA ASP C 515 0.10 7.17 -46.24
C ASP C 515 -0.49 5.87 -45.68
N LEU C 516 -1.49 5.98 -44.80
CA LEU C 516 -2.13 4.83 -44.18
C LEU C 516 -3.39 4.40 -44.91
N LEU C 517 -3.83 5.16 -45.91
CA LEU C 517 -5.07 4.85 -46.60
C LEU C 517 -5.01 3.50 -47.30
N ALA C 518 -3.86 3.16 -47.88
CA ALA C 518 -3.73 1.89 -48.59
C ALA C 518 -3.99 0.72 -47.65
N CYS C 519 -3.40 0.74 -46.45
CA CYS C 519 -3.62 -0.34 -45.49
C CYS C 519 -5.07 -0.40 -45.06
N ILE C 520 -5.70 0.77 -44.85
CA ILE C 520 -7.09 0.80 -44.40
C ILE C 520 -8.00 0.24 -45.49
N ASP C 521 -7.79 0.66 -46.74
CA ASP C 521 -8.63 0.19 -47.84
C ASP C 521 -8.50 -1.32 -48.02
N LEU C 522 -7.28 -1.86 -47.87
CA LEU C 522 -7.09 -3.30 -47.96
C LEU C 522 -7.99 -4.04 -46.97
N ILE C 523 -8.29 -3.43 -45.83
CA ILE C 523 -9.01 -4.13 -44.77
C ILE C 523 -10.52 -3.97 -44.93
N GLU C 524 -11.00 -2.77 -45.29
CA GLU C 524 -12.42 -2.46 -45.20
C GLU C 524 -13.13 -2.33 -46.54
N LYS C 525 -12.42 -2.00 -47.62
CA LYS C 525 -13.08 -1.79 -48.89
C LYS C 525 -13.69 -3.09 -49.41
N PRO C 526 -14.59 -3.01 -50.39
CA PRO C 526 -15.16 -4.22 -50.98
C PRO C 526 -14.07 -5.12 -51.56
N MET C 527 -14.27 -6.42 -51.42
CA MET C 527 -13.29 -7.45 -51.80
C MET C 527 -12.00 -7.34 -50.99
N GLY C 528 -12.00 -6.55 -49.92
CA GLY C 528 -10.88 -6.51 -49.01
C GLY C 528 -10.90 -7.70 -48.07
N ILE C 529 -10.07 -7.61 -47.03
CA ILE C 529 -9.93 -8.73 -46.10
C ILE C 529 -11.24 -9.02 -45.39
N LEU C 530 -11.86 -8.00 -44.80
CA LEU C 530 -13.09 -8.22 -44.04
C LEU C 530 -14.26 -8.59 -44.95
N SER C 531 -14.31 -8.03 -46.16
CA SER C 531 -15.38 -8.38 -47.08
C SER C 531 -15.27 -9.84 -47.54
N ILE C 532 -14.05 -10.30 -47.84
CA ILE C 532 -13.86 -11.70 -48.20
C ILE C 532 -14.23 -12.61 -47.04
N LEU C 533 -13.88 -12.20 -45.81
CA LEU C 533 -14.22 -13.01 -44.64
C LEU C 533 -15.73 -13.15 -44.50
N GLU C 534 -16.47 -12.06 -44.72
CA GLU C 534 -17.91 -12.09 -44.52
C GLU C 534 -18.62 -12.90 -45.61
N GLU C 535 -18.14 -12.79 -46.85
CA GLU C 535 -18.73 -13.57 -47.93
C GLU C 535 -18.37 -15.05 -47.80
N GLU C 536 -17.10 -15.35 -47.54
CA GLU C 536 -16.68 -16.74 -47.41
C GLU C 536 -17.40 -17.43 -46.26
N SER C 537 -17.73 -16.69 -45.21
CA SER C 537 -18.43 -17.29 -44.07
C SER C 537 -19.88 -17.64 -44.40
N MET C 538 -20.43 -17.09 -45.48
CA MET C 538 -21.78 -17.45 -45.91
C MET C 538 -21.86 -18.82 -46.56
N PHE C 539 -20.71 -19.44 -46.85
CA PHE C 539 -20.69 -20.75 -47.49
C PHE C 539 -20.32 -21.81 -46.45
N PRO C 540 -21.22 -22.72 -46.08
CA PRO C 540 -20.87 -23.72 -45.06
C PRO C 540 -19.69 -24.60 -45.47
N LYS C 541 -19.51 -24.88 -46.76
CA LYS C 541 -18.42 -25.73 -47.21
C LYS C 541 -17.08 -25.00 -47.27
N ALA C 542 -17.06 -23.68 -47.05
CA ALA C 542 -15.81 -22.94 -47.02
C ALA C 542 -14.95 -23.39 -45.85
N THR C 543 -13.64 -23.37 -46.06
CA THR C 543 -12.68 -23.80 -45.04
C THR C 543 -11.68 -22.69 -44.78
N ASP C 544 -10.86 -22.89 -43.75
CA ASP C 544 -9.76 -21.97 -43.51
C ASP C 544 -8.87 -21.83 -44.74
N GLN C 545 -8.73 -22.91 -45.51
CA GLN C 545 -7.83 -22.87 -46.66
C GLN C 545 -8.44 -22.11 -47.83
N THR C 546 -9.72 -22.31 -48.11
CA THR C 546 -10.36 -21.55 -49.18
C THR C 546 -10.37 -20.07 -48.85
N PHE C 547 -10.65 -19.72 -47.59
CA PHE C 547 -10.58 -18.33 -47.17
C PHE C 547 -9.18 -17.77 -47.40
N SER C 548 -8.15 -18.51 -46.96
CA SER C 548 -6.77 -18.05 -47.13
C SER C 548 -6.41 -17.92 -48.61
N GLU C 549 -6.81 -18.89 -49.42
CA GLU C 549 -6.47 -18.85 -50.84
C GLU C 549 -7.15 -17.67 -51.53
N LYS C 550 -8.38 -17.35 -51.14
CA LYS C 550 -9.08 -16.23 -51.77
C LYS C 550 -8.43 -14.90 -51.42
N LEU C 551 -7.94 -14.77 -50.17
CA LEU C 551 -7.19 -13.57 -49.80
C LEU C 551 -5.96 -13.40 -50.69
N THR C 552 -5.13 -14.45 -50.80
CA THR C 552 -3.93 -14.38 -51.61
C THR C 552 -4.27 -14.17 -53.08
N ASN C 553 -5.19 -14.98 -53.61
CA ASN C 553 -5.54 -14.90 -55.02
C ASN C 553 -6.14 -13.53 -55.38
N THR C 554 -6.62 -12.79 -54.39
CA THR C 554 -7.22 -11.48 -54.66
C THR C 554 -6.27 -10.32 -54.49
N HIS C 555 -5.30 -10.43 -53.56
CA HIS C 555 -4.52 -9.26 -53.16
C HIS C 555 -3.02 -9.42 -53.29
N LEU C 556 -2.48 -10.63 -53.28
CA LEU C 556 -1.03 -10.78 -53.33
C LEU C 556 -0.49 -10.28 -54.67
N GLY C 557 0.45 -9.35 -54.62
CA GLY C 557 0.96 -8.72 -55.82
C GLY C 557 0.01 -7.73 -56.47
N LYS C 558 -1.14 -7.45 -55.86
CA LYS C 558 -2.12 -6.55 -56.45
C LYS C 558 -2.51 -5.45 -55.48
N SER C 559 -2.43 -5.74 -54.17
CA SER C 559 -2.60 -4.74 -53.13
C SER C 559 -1.27 -4.60 -52.39
N ALA C 560 -0.66 -3.42 -52.50
CA ALA C 560 0.69 -3.23 -51.97
C ALA C 560 0.82 -3.62 -50.50
N PRO C 561 -0.09 -3.25 -49.60
CA PRO C 561 0.09 -3.61 -48.19
C PRO C 561 -0.03 -5.10 -47.91
N PHE C 562 -0.62 -5.87 -48.82
CA PHE C 562 -0.80 -7.31 -48.63
C PHE C 562 0.48 -8.02 -49.03
N GLN C 563 1.05 -8.80 -48.10
CA GLN C 563 2.35 -9.43 -48.30
C GLN C 563 2.29 -10.89 -47.86
N LYS C 564 3.29 -11.64 -48.30
CA LYS C 564 3.45 -13.01 -47.82
C LYS C 564 3.74 -13.00 -46.33
N PRO C 565 3.31 -14.03 -45.60
CA PRO C 565 3.59 -14.06 -44.16
C PRO C 565 5.06 -14.33 -43.88
N LYS C 566 5.53 -13.77 -42.77
CA LYS C 566 6.88 -14.06 -42.30
C LYS C 566 7.00 -15.56 -42.03
N PRO C 567 8.07 -16.22 -42.51
CA PRO C 567 8.20 -17.65 -42.25
C PRO C 567 8.20 -17.93 -40.77
N PRO C 568 7.65 -19.07 -40.35
CA PRO C 568 7.49 -19.33 -38.91
C PRO C 568 8.79 -19.75 -38.24
N LYS C 569 8.81 -19.59 -36.93
CA LYS C 569 9.92 -20.05 -36.11
C LYS C 569 9.77 -21.54 -35.84
N PRO C 570 10.82 -22.20 -35.34
CA PRO C 570 10.70 -23.60 -34.98
C PRO C 570 9.64 -23.82 -33.91
N GLY C 571 8.73 -24.76 -34.16
CA GLY C 571 7.67 -25.04 -33.22
C GLY C 571 6.49 -24.11 -33.31
N GLN C 572 6.31 -23.41 -34.43
CA GLN C 572 5.19 -22.50 -34.62
C GLN C 572 4.51 -22.82 -35.93
N GLN C 573 3.18 -22.67 -35.94
CA GLN C 573 2.42 -22.83 -37.17
C GLN C 573 2.65 -21.63 -38.09
N ALA C 574 2.65 -21.90 -39.38
CA ALA C 574 2.83 -20.82 -40.35
C ALA C 574 1.59 -19.94 -40.39
N ALA C 575 1.81 -18.65 -40.66
CA ALA C 575 0.74 -17.70 -40.88
C ALA C 575 0.33 -17.71 -42.35
N HIS C 576 -0.71 -16.95 -42.69
CA HIS C 576 -1.29 -17.01 -44.03
C HIS C 576 -1.11 -15.74 -44.85
N PHE C 577 -0.98 -14.58 -44.19
CA PHE C 577 -0.71 -13.34 -44.92
C PHE C 577 -0.16 -12.32 -43.93
N ALA C 578 0.30 -11.20 -44.48
CA ALA C 578 0.84 -10.11 -43.68
C ALA C 578 0.33 -8.78 -44.21
N ILE C 579 0.35 -7.78 -43.35
CA ILE C 579 -0.08 -6.43 -43.69
C ILE C 579 1.02 -5.45 -43.31
N ALA C 580 1.22 -4.46 -44.17
CA ALA C 580 2.20 -3.39 -43.90
C ALA C 580 1.47 -2.27 -43.17
N HIS C 581 1.42 -2.39 -41.84
CA HIS C 581 0.86 -1.34 -41.01
C HIS C 581 1.91 -0.27 -40.75
N TYR C 582 1.44 0.90 -40.30
CA TYR C 582 2.37 1.96 -39.91
C TYR C 582 3.31 1.47 -38.80
N ALA C 583 2.83 0.59 -37.92
CA ALA C 583 3.60 0.13 -36.78
C ALA C 583 4.43 -1.11 -37.08
N GLY C 584 4.40 -1.62 -38.32
CA GLY C 584 5.19 -2.77 -38.67
C GLY C 584 4.46 -3.74 -39.57
N CYS C 585 5.19 -4.74 -40.06
CA CYS C 585 4.63 -5.81 -40.88
C CYS C 585 4.12 -6.91 -39.95
N VAL C 586 2.82 -7.17 -40.00
CA VAL C 586 2.16 -8.10 -39.07
C VAL C 586 1.68 -9.31 -39.87
N SER C 587 2.11 -10.50 -39.44
CA SER C 587 1.65 -11.73 -40.05
C SER C 587 0.45 -12.27 -39.30
N TYR C 588 -0.63 -12.56 -40.03
CA TYR C 588 -1.89 -13.01 -39.45
C TYR C 588 -2.15 -14.47 -39.79
N ASN C 589 -2.66 -15.20 -38.80
CA ASN C 589 -3.08 -16.59 -38.94
C ASN C 589 -4.60 -16.64 -38.91
N ILE C 590 -5.21 -17.16 -39.97
CA ILE C 590 -6.65 -17.07 -40.17
C ILE C 590 -7.38 -18.31 -39.65
N THR C 591 -6.69 -19.21 -38.95
CA THR C 591 -7.32 -20.42 -38.45
C THR C 591 -8.52 -20.05 -37.57
N GLY C 592 -9.68 -20.58 -37.92
CA GLY C 592 -10.88 -20.42 -37.13
C GLY C 592 -11.64 -19.14 -37.37
N TRP C 593 -11.17 -18.24 -38.25
CA TRP C 593 -11.84 -16.96 -38.44
C TRP C 593 -13.26 -17.15 -38.96
N LEU C 594 -13.45 -18.07 -39.90
CA LEU C 594 -14.77 -18.26 -40.50
C LEU C 594 -15.85 -18.50 -39.45
N GLU C 595 -15.54 -19.33 -38.45
CA GLU C 595 -16.53 -19.61 -37.41
C GLU C 595 -16.56 -18.52 -36.36
N LYS C 596 -15.40 -17.98 -35.99
CA LYS C 596 -15.36 -16.91 -35.00
C LYS C 596 -16.18 -15.71 -35.45
N ASN C 597 -16.25 -15.46 -36.76
CA ASN C 597 -16.95 -14.29 -37.27
C ASN C 597 -18.46 -14.46 -37.30
N LYS C 598 -18.96 -15.67 -37.11
CA LYS C 598 -20.41 -15.90 -37.13
C LYS C 598 -21.05 -15.40 -35.83
N ASP C 599 -22.21 -14.77 -35.96
CA ASP C 599 -22.90 -14.21 -34.81
C ASP C 599 -24.40 -14.33 -34.98
N PRO C 600 -24.93 -15.53 -35.20
CA PRO C 600 -26.37 -15.69 -35.40
C PRO C 600 -27.14 -15.68 -34.09
N LEU C 601 -27.76 -14.57 -33.75
CA LEU C 601 -28.54 -14.48 -32.53
C LEU C 601 -29.92 -15.10 -32.74
N ASN C 602 -30.35 -15.90 -31.76
CA ASN C 602 -31.61 -16.64 -31.85
C ASN C 602 -32.71 -15.78 -31.25
N ASP C 603 -33.53 -15.16 -32.11
CA ASP C 603 -34.55 -14.23 -31.63
C ASP C 603 -35.63 -14.95 -30.84
N THR C 604 -35.87 -16.23 -31.12
CA THR C 604 -36.82 -16.99 -30.31
C THR C 604 -36.32 -17.15 -28.89
N VAL C 605 -35.02 -17.43 -28.71
CA VAL C 605 -34.46 -17.51 -27.37
C VAL C 605 -34.50 -16.16 -26.69
N VAL C 606 -34.12 -15.10 -27.41
CA VAL C 606 -34.18 -13.75 -26.85
C VAL C 606 -35.59 -13.44 -26.37
N ASP C 607 -36.60 -13.76 -27.17
CA ASP C 607 -37.97 -13.53 -26.74
C ASP C 607 -38.27 -14.26 -25.45
N GLN C 608 -37.76 -15.48 -25.30
CA GLN C 608 -37.93 -16.21 -24.04
C GLN C 608 -37.24 -15.48 -22.89
N PHE C 609 -36.05 -14.93 -23.14
CA PHE C 609 -35.35 -14.17 -22.10
C PHE C 609 -36.17 -12.97 -21.65
N LYS C 610 -36.80 -12.28 -22.60
CA LYS C 610 -37.58 -11.08 -22.28
C LYS C 610 -38.83 -11.39 -21.47
N LYS C 611 -39.24 -12.65 -21.41
CA LYS C 611 -40.41 -13.07 -20.63
C LYS C 611 -40.03 -13.96 -19.45
N SER C 612 -38.76 -13.96 -19.06
CA SER C 612 -38.27 -14.82 -17.99
C SER C 612 -38.58 -14.19 -16.63
N GLN C 613 -38.07 -14.79 -15.56
CA GLN C 613 -38.26 -14.28 -14.21
C GLN C 613 -37.07 -13.46 -13.70
N ASN C 614 -35.96 -13.43 -14.43
CA ASN C 614 -34.81 -12.62 -14.06
C ASN C 614 -35.04 -11.19 -14.57
N LYS C 615 -35.29 -10.27 -13.65
CA LYS C 615 -35.66 -8.91 -14.04
C LYS C 615 -34.52 -8.21 -14.77
N LEU C 616 -33.28 -8.47 -14.37
CA LEU C 616 -32.15 -7.82 -15.04
C LEU C 616 -31.99 -8.34 -16.46
N LEU C 617 -32.17 -9.65 -16.66
CA LEU C 617 -32.10 -10.20 -18.02
C LEU C 617 -33.12 -9.54 -18.93
N ILE C 618 -34.32 -9.28 -18.41
CA ILE C 618 -35.34 -8.55 -19.17
C ILE C 618 -34.82 -7.15 -19.50
N GLU C 619 -34.28 -6.46 -18.50
CA GLU C 619 -33.87 -5.07 -18.67
C GLU C 619 -32.77 -4.95 -19.72
N ILE C 620 -31.74 -5.81 -19.65
CA ILE C 620 -30.61 -5.69 -20.57
C ILE C 620 -30.96 -6.06 -22.00
N PHE C 621 -32.12 -6.69 -22.21
CA PHE C 621 -32.62 -6.99 -23.55
C PHE C 621 -33.79 -6.09 -23.94
N ALA C 622 -33.99 -4.99 -23.21
CA ALA C 622 -35.17 -4.15 -23.40
C ALA C 622 -35.22 -3.53 -24.80
N ASP C 623 -34.07 -3.21 -25.37
CA ASP C 623 -34.03 -2.59 -26.71
C ASP C 623 -34.05 -3.61 -27.84
N HIS C 624 -34.23 -4.89 -27.54
CA HIS C 624 -34.36 -5.93 -28.54
C HIS C 624 -35.84 -6.22 -28.76
N ALA C 625 -36.25 -6.32 -30.03
CA ALA C 625 -37.68 -6.41 -30.35
C ALA C 625 -38.30 -7.74 -29.96
N GLY C 626 -37.51 -8.80 -29.83
CA GLY C 626 -38.08 -10.10 -29.52
C GLY C 626 -38.85 -10.63 -30.70
N GLN C 627 -40.06 -11.14 -30.44
CA GLN C 627 -40.92 -11.67 -31.49
C GLN C 627 -42.37 -11.25 -31.29
N PHE C 645 -26.42 -9.85 -42.81
CA PHE C 645 -25.33 -9.41 -41.94
C PHE C 645 -25.15 -10.40 -40.79
N ALA C 646 -25.13 -9.91 -39.56
CA ALA C 646 -25.02 -10.76 -38.37
C ALA C 646 -23.65 -11.45 -38.31
N THR C 647 -22.60 -10.65 -38.42
CA THR C 647 -21.23 -11.12 -38.24
C THR C 647 -20.53 -10.24 -37.21
N VAL C 648 -19.46 -10.78 -36.62
CA VAL C 648 -18.63 -9.98 -35.73
C VAL C 648 -17.96 -8.86 -36.52
N SER C 649 -17.48 -9.17 -37.73
CA SER C 649 -16.82 -8.18 -38.57
C SER C 649 -17.72 -6.98 -38.84
N SER C 650 -18.94 -7.24 -39.33
CA SER C 650 -19.81 -6.15 -39.75
C SER C 650 -20.16 -5.25 -38.56
N ALA C 651 -20.42 -5.84 -37.39
CA ALA C 651 -20.71 -5.04 -36.22
C ALA C 651 -19.48 -4.26 -35.75
N TYR C 652 -18.28 -4.83 -35.91
CA TYR C 652 -17.07 -4.12 -35.51
C TYR C 652 -16.87 -2.86 -36.35
N LYS C 653 -17.03 -2.98 -37.67
CA LYS C 653 -16.88 -1.82 -38.54
C LYS C 653 -17.88 -0.72 -38.18
N GLU C 654 -19.11 -1.10 -37.86
CA GLU C 654 -20.11 -0.10 -37.49
C GLU C 654 -19.71 0.61 -36.20
N GLN C 655 -19.24 -0.15 -35.20
CA GLN C 655 -18.77 0.46 -33.97
C GLN C 655 -17.57 1.36 -34.23
N LEU C 656 -16.66 0.93 -35.10
CA LEU C 656 -15.47 1.73 -35.37
C LEU C 656 -15.83 3.04 -36.07
N ASN C 657 -16.71 2.97 -37.07
CA ASN C 657 -17.14 4.21 -37.73
C ASN C 657 -17.84 5.14 -36.75
N SER C 658 -18.56 4.59 -35.76
CA SER C 658 -19.18 5.42 -34.75
C SER C 658 -18.13 6.13 -33.89
N LEU C 659 -17.08 5.42 -33.48
CA LEU C 659 -16.01 6.04 -32.71
C LEU C 659 -15.32 7.13 -33.51
N MET C 660 -14.99 6.84 -34.78
CA MET C 660 -14.28 7.81 -35.60
C MET C 660 -15.17 9.02 -35.90
N THR C 661 -16.47 8.81 -36.08
CA THR C 661 -17.38 9.94 -36.23
C THR C 661 -17.33 10.84 -35.01
N THR C 662 -17.36 10.26 -33.81
CA THR C 662 -17.25 11.04 -32.59
C THR C 662 -15.94 11.82 -32.55
N LEU C 663 -14.82 11.16 -32.84
CA LEU C 663 -13.52 11.82 -32.74
C LEU C 663 -13.40 12.94 -33.76
N ARG C 664 -13.85 12.71 -34.98
CA ARG C 664 -13.76 13.72 -36.04
C ARG C 664 -14.65 14.92 -35.79
N SER C 665 -15.60 14.85 -34.86
CA SER C 665 -16.40 16.01 -34.48
C SER C 665 -15.76 16.81 -33.35
N THR C 666 -14.58 16.39 -32.88
CA THR C 666 -13.88 17.07 -31.81
C THR C 666 -12.54 17.60 -32.31
N GLN C 667 -11.94 18.47 -31.52
CA GLN C 667 -10.58 18.91 -31.77
C GLN C 667 -9.65 18.10 -30.88
N PRO C 668 -8.75 17.29 -31.43
CA PRO C 668 -8.04 16.29 -30.62
C PRO C 668 -6.74 16.78 -30.00
N HIS C 669 -6.33 16.05 -28.97
CA HIS C 669 -5.03 16.20 -28.31
C HIS C 669 -4.52 14.80 -28.00
N PHE C 670 -3.20 14.66 -27.91
CA PHE C 670 -2.57 13.34 -27.90
C PHE C 670 -1.54 13.22 -26.78
N VAL C 671 -1.77 12.26 -25.88
CA VAL C 671 -0.89 11.98 -24.76
C VAL C 671 -0.42 10.53 -24.87
N ARG C 672 0.88 10.31 -24.65
CA ARG C 672 1.51 9.00 -24.82
C ARG C 672 2.13 8.59 -23.49
N CYS C 673 1.41 7.78 -22.72
CA CYS C 673 1.95 7.22 -21.49
C CYS C 673 2.84 6.03 -21.80
N ILE C 674 3.98 5.96 -21.12
CA ILE C 674 5.04 4.99 -21.41
C ILE C 674 5.33 4.17 -20.16
N ILE C 675 5.39 2.85 -20.31
CA ILE C 675 5.93 1.98 -19.29
C ILE C 675 7.43 1.89 -19.50
N PRO C 676 8.26 2.37 -18.56
CA PRO C 676 9.71 2.40 -18.82
C PRO C 676 10.38 1.04 -18.76
N ASN C 677 9.89 0.14 -17.90
CA ASN C 677 10.45 -1.20 -17.78
C ASN C 677 9.37 -2.10 -17.23
N GLU C 678 9.58 -3.41 -17.35
CA GLU C 678 8.59 -4.39 -16.94
C GLU C 678 8.75 -4.84 -15.49
N MET C 679 9.67 -4.22 -14.74
CA MET C 679 9.97 -4.62 -13.38
C MET C 679 9.48 -3.60 -12.36
N LYS C 680 8.77 -2.56 -12.80
CA LYS C 680 8.31 -1.50 -11.90
C LYS C 680 9.47 -0.83 -11.18
N GLN C 681 10.62 -0.74 -11.84
CA GLN C 681 11.81 -0.16 -11.24
C GLN C 681 11.87 1.34 -11.55
N PRO C 682 11.87 2.22 -10.54
CA PRO C 682 12.02 3.65 -10.84
C PRO C 682 13.36 3.93 -11.50
N GLY C 683 13.37 4.94 -12.36
CA GLY C 683 14.60 5.42 -12.96
C GLY C 683 15.30 4.47 -13.91
N VAL C 684 14.63 3.40 -14.34
CA VAL C 684 15.23 2.42 -15.24
C VAL C 684 14.45 2.44 -16.55
N VAL C 685 15.17 2.52 -17.66
CA VAL C 685 14.58 2.54 -18.99
C VAL C 685 14.98 1.26 -19.72
N ASP C 686 13.99 0.46 -20.10
CA ASP C 686 14.18 -0.70 -20.96
C ASP C 686 14.06 -0.20 -22.40
N ALA C 687 15.21 -0.09 -23.09
CA ALA C 687 15.25 0.58 -24.38
C ALA C 687 14.33 -0.10 -25.40
N HIS C 688 14.46 -1.43 -25.55
CA HIS C 688 13.64 -2.14 -26.53
C HIS C 688 12.15 -2.03 -26.19
N LEU C 689 11.81 -2.08 -24.90
CA LEU C 689 10.41 -1.95 -24.51
C LEU C 689 9.85 -0.59 -24.92
N VAL C 690 10.61 0.48 -24.67
CA VAL C 690 10.14 1.82 -25.00
C VAL C 690 10.07 2.01 -26.51
N MET C 691 11.09 1.54 -27.24
CA MET C 691 11.09 1.69 -28.69
C MET C 691 9.84 1.07 -29.31
N HIS C 692 9.46 -0.13 -28.83
CA HIS C 692 8.28 -0.78 -29.38
C HIS C 692 7.02 0.03 -29.12
N GLN C 693 6.93 0.66 -27.94
CA GLN C 693 5.81 1.53 -27.64
C GLN C 693 5.81 2.75 -28.56
N LEU C 694 6.96 3.40 -28.71
CA LEU C 694 7.03 4.57 -29.59
C LEU C 694 6.72 4.20 -31.03
N THR C 695 6.96 2.95 -31.40
CA THR C 695 6.58 2.46 -32.72
C THR C 695 5.07 2.25 -32.82
N CYS C 696 4.45 1.75 -31.74
CA CYS C 696 3.03 1.44 -31.77
C CYS C 696 2.15 2.65 -31.53
N ASN C 697 2.63 3.65 -30.77
CA ASN C 697 1.78 4.74 -30.33
C ASN C 697 1.85 5.97 -31.22
N GLY C 698 2.57 5.91 -32.35
CA GLY C 698 2.56 6.97 -33.32
C GLY C 698 3.66 8.00 -33.18
N VAL C 699 4.44 7.95 -32.09
CA VAL C 699 5.51 8.94 -31.89
C VAL C 699 6.53 8.86 -33.03
N LEU C 700 6.98 7.65 -33.36
CA LEU C 700 7.96 7.52 -34.42
C LEU C 700 7.35 7.80 -35.79
N GLU C 701 6.05 7.53 -35.96
CA GLU C 701 5.37 7.93 -37.18
C GLU C 701 5.38 9.45 -37.34
N GLY C 702 5.14 10.17 -36.24
CA GLY C 702 5.22 11.63 -36.31
C GLY C 702 6.62 12.11 -36.61
N ILE C 703 7.63 11.47 -36.03
CA ILE C 703 9.02 11.78 -36.36
C ILE C 703 9.26 11.56 -37.85
N ARG C 704 8.85 10.40 -38.35
CA ARG C 704 9.06 10.07 -39.76
C ARG C 704 8.52 11.18 -40.66
N ILE C 705 7.36 11.74 -40.32
CA ILE C 705 6.72 12.73 -41.17
C ILE C 705 7.45 14.06 -41.08
N CYS C 706 7.61 14.58 -39.86
CA CYS C 706 8.10 15.96 -39.73
C CYS C 706 9.53 16.10 -40.23
N ARG C 707 10.32 15.03 -40.20
CA ARG C 707 11.71 15.13 -40.65
C ARG C 707 11.84 15.14 -42.17
N LYS C 708 10.75 14.92 -42.91
CA LYS C 708 10.81 15.00 -44.36
C LYS C 708 10.75 16.44 -44.87
N GLY C 709 10.31 17.38 -44.05
CA GLY C 709 10.17 18.75 -44.48
C GLY C 709 11.15 19.70 -43.83
N PHE C 710 10.65 20.61 -43.01
CA PHE C 710 11.46 21.61 -42.31
C PHE C 710 11.06 21.60 -40.84
N PRO C 711 11.50 20.60 -40.08
CA PRO C 711 10.98 20.42 -38.72
C PRO C 711 11.43 21.47 -37.72
N ASN C 712 12.66 22.00 -37.83
CA ASN C 712 13.20 22.89 -36.82
C ASN C 712 12.87 24.34 -37.19
N ARG C 713 12.29 25.08 -36.24
CA ARG C 713 11.87 26.45 -36.47
C ARG C 713 12.32 27.32 -35.31
N MET C 714 12.88 28.49 -35.65
CA MET C 714 13.39 29.42 -34.66
C MET C 714 12.85 30.82 -34.94
N MET C 715 12.37 31.48 -33.89
N MET C 715 12.37 31.48 -33.89
CA MET C 715 12.02 32.89 -34.02
CA MET C 715 12.02 32.89 -34.02
C MET C 715 13.26 33.68 -34.41
C MET C 715 13.26 33.68 -34.41
N TYR C 716 13.09 34.66 -35.30
CA TYR C 716 14.23 35.43 -35.79
C TYR C 716 15.06 36.06 -34.68
N PRO C 717 14.48 36.62 -33.62
CA PRO C 717 15.33 37.13 -32.52
C PRO C 717 16.21 36.05 -31.92
N ASP C 718 15.68 34.83 -31.78
CA ASP C 718 16.47 33.75 -31.18
C ASP C 718 17.61 33.32 -32.09
N PHE C 719 17.38 33.30 -33.41
CA PHE C 719 18.46 32.93 -34.32
C PHE C 719 19.58 33.96 -34.30
N LYS C 720 19.23 35.25 -34.44
CA LYS C 720 20.23 36.31 -34.34
C LYS C 720 21.01 36.20 -33.04
N MET C 721 20.27 36.10 -31.92
CA MET C 721 20.91 35.93 -30.61
C MET C 721 21.90 34.77 -30.62
N ARG C 722 21.53 33.65 -31.23
CA ARG C 722 22.34 32.44 -31.12
C ARG C 722 23.57 32.50 -32.01
N TYR C 723 23.41 32.96 -33.26
CA TYR C 723 24.45 32.81 -34.27
C TYR C 723 25.04 34.13 -34.75
N GLN C 724 24.77 35.24 -34.05
CA GLN C 724 25.37 36.52 -34.44
C GLN C 724 26.89 36.44 -34.48
N ILE C 725 27.50 35.63 -33.62
CA ILE C 725 28.96 35.57 -33.56
C ILE C 725 29.56 35.12 -34.88
N LEU C 726 28.77 34.53 -35.77
CA LEU C 726 29.30 34.06 -37.04
C LEU C 726 29.57 35.20 -38.02
N ASN C 727 28.95 36.36 -37.83
CA ASN C 727 29.24 37.50 -38.68
C ASN C 727 28.82 38.79 -37.99
N PRO C 728 29.49 39.19 -36.90
CA PRO C 728 29.10 40.43 -36.22
C PRO C 728 29.25 41.65 -37.09
N LYS C 729 30.32 41.71 -37.91
CA LYS C 729 30.51 42.83 -38.81
C LYS C 729 29.38 42.92 -39.83
N GLY C 730 28.92 41.77 -40.32
CA GLY C 730 27.89 41.78 -41.34
C GLY C 730 26.58 42.36 -40.87
N ILE C 731 26.21 42.10 -39.61
CA ILE C 731 24.93 42.52 -39.08
C ILE C 731 25.02 43.81 -38.27
N LYS C 732 26.19 44.43 -38.21
CA LYS C 732 26.33 45.67 -37.46
C LYS C 732 25.40 46.74 -38.02
N GLY C 733 24.64 47.39 -37.14
CA GLY C 733 23.75 48.44 -37.55
C GLY C 733 22.42 47.99 -38.11
N ILE C 734 22.18 46.68 -38.19
CA ILE C 734 20.91 46.15 -38.67
C ILE C 734 20.04 45.81 -37.46
N GLU C 735 18.91 46.51 -37.35
CA GLU C 735 18.02 46.33 -36.20
C GLU C 735 17.05 45.17 -36.38
N ASP C 736 16.69 44.85 -37.62
CA ASP C 736 15.67 43.84 -37.87
C ASP C 736 16.26 42.44 -37.74
N PRO C 737 15.76 41.61 -36.81
CA PRO C 737 16.35 40.27 -36.64
C PRO C 737 16.15 39.35 -37.83
N LYS C 738 15.16 39.61 -38.70
CA LYS C 738 14.99 38.80 -39.89
C LYS C 738 16.06 39.11 -40.92
N LYS C 739 16.37 40.39 -41.13
CA LYS C 739 17.46 40.76 -42.02
C LYS C 739 18.79 40.27 -41.47
N CYS C 740 18.97 40.31 -40.15
CA CYS C 740 20.16 39.73 -39.54
C CYS C 740 20.24 38.24 -39.84
N THR C 741 19.13 37.52 -39.65
CA THR C 741 19.10 36.10 -39.95
C THR C 741 19.48 35.83 -41.39
N LYS C 742 19.01 36.67 -42.31
CA LYS C 742 19.36 36.48 -43.71
C LYS C 742 20.85 36.69 -43.94
N VAL C 743 21.43 37.74 -43.33
CA VAL C 743 22.86 37.99 -43.49
C VAL C 743 23.68 36.83 -42.93
N LEU C 744 23.33 36.36 -41.73
CA LEU C 744 24.07 35.28 -41.11
C LEU C 744 24.02 34.01 -41.94
N ILE C 745 22.83 33.66 -42.42
CA ILE C 745 22.68 32.43 -43.22
C ILE C 745 23.48 32.54 -44.51
N GLU C 746 23.45 33.70 -45.15
CA GLU C 746 24.17 33.86 -46.41
C GLU C 746 25.68 33.82 -46.19
N SER C 747 26.15 34.25 -45.03
CA SER C 747 27.58 34.19 -44.75
C SER C 747 28.05 32.79 -44.44
N THR C 748 27.16 31.89 -44.04
CA THR C 748 27.50 30.48 -43.88
C THR C 748 27.31 29.70 -45.18
N GLU C 749 26.83 30.34 -46.23
CA GLU C 749 26.68 29.71 -47.53
C GLU C 749 25.78 28.48 -47.46
N LEU C 750 24.66 28.62 -46.76
CA LEU C 750 23.69 27.53 -46.70
C LEU C 750 22.96 27.40 -48.02
N ASN C 751 22.67 26.16 -48.38
CA ASN C 751 21.98 25.85 -49.62
C ASN C 751 20.55 26.40 -49.59
N ASP C 752 20.04 26.76 -50.78
CA ASP C 752 18.69 27.30 -50.87
C ASP C 752 17.65 26.30 -50.39
N ASP C 753 17.90 25.00 -50.55
CA ASP C 753 16.94 23.98 -50.17
C ASP C 753 16.97 23.64 -48.69
N GLN C 754 17.87 24.25 -47.91
CA GLN C 754 18.06 23.86 -46.52
C GLN C 754 17.25 24.69 -45.53
N TYR C 755 16.52 25.71 -45.98
CA TYR C 755 15.78 26.56 -45.06
C TYR C 755 14.68 27.30 -45.81
N ARG C 756 13.71 27.80 -45.03
CA ARG C 756 12.65 28.65 -45.53
C ARG C 756 12.49 29.83 -44.57
N LEU C 757 12.36 31.03 -45.13
CA LEU C 757 12.18 32.24 -44.34
C LEU C 757 10.70 32.57 -44.26
N GLY C 758 10.15 32.55 -43.04
CA GLY C 758 8.77 32.91 -42.81
C GLY C 758 8.62 34.33 -42.31
N ASN C 759 7.35 34.68 -42.01
CA ASN C 759 7.04 36.01 -41.50
C ASN C 759 7.67 36.26 -40.13
N THR C 760 7.62 35.27 -39.25
CA THR C 760 8.12 35.44 -37.89
C THR C 760 9.20 34.45 -37.49
N LYS C 761 9.44 33.41 -38.27
CA LYS C 761 10.41 32.40 -37.88
C LYS C 761 11.06 31.81 -39.12
N VAL C 762 12.24 31.22 -38.93
CA VAL C 762 12.97 30.56 -40.00
C VAL C 762 12.83 29.05 -39.83
N PHE C 763 12.55 28.35 -40.93
CA PHE C 763 12.38 26.91 -40.95
C PHE C 763 13.66 26.25 -41.47
N PHE C 764 14.06 25.14 -40.85
CA PHE C 764 15.28 24.43 -41.23
C PHE C 764 15.00 22.96 -41.47
N ARG C 765 15.68 22.39 -42.46
CA ARG C 765 15.66 20.95 -42.63
C ARG C 765 16.44 20.28 -41.51
N ALA C 766 16.18 18.99 -41.32
CA ALA C 766 16.91 18.23 -40.33
C ALA C 766 18.42 18.31 -40.60
N GLY C 767 19.19 18.39 -39.53
CA GLY C 767 20.64 18.41 -39.61
C GLY C 767 21.25 19.78 -39.81
N VAL C 768 20.49 20.74 -40.33
CA VAL C 768 21.07 22.03 -40.68
C VAL C 768 21.49 22.79 -39.43
N LEU C 769 20.66 22.79 -38.38
CA LEU C 769 21.03 23.46 -37.14
C LEU C 769 22.23 22.80 -36.49
N GLY C 770 22.40 21.49 -36.69
CA GLY C 770 23.62 20.83 -36.23
C GLY C 770 24.86 21.46 -36.87
N GLN C 771 24.81 21.70 -38.18
CA GLN C 771 25.91 22.38 -38.84
C GLN C 771 26.11 23.79 -38.28
N MET C 772 25.00 24.49 -38.03
CA MET C 772 25.11 25.82 -37.43
C MET C 772 25.79 25.74 -36.06
N GLU C 773 25.49 24.70 -35.29
CA GLU C 773 26.11 24.55 -33.97
C GLU C 773 27.60 24.26 -34.09
N GLU C 774 28.02 23.51 -35.11
CA GLU C 774 29.45 23.32 -35.36
C GLU C 774 30.15 24.64 -35.60
N PHE C 775 29.59 25.47 -36.47
CA PHE C 775 30.15 26.79 -36.72
C PHE C 775 30.24 27.59 -35.43
N ARG C 776 29.17 27.57 -34.64
CA ARG C 776 29.12 28.37 -33.41
C ARG C 776 30.13 27.85 -32.39
N ASP C 777 30.23 26.53 -32.23
CA ASP C 777 31.19 25.96 -31.29
C ASP C 777 32.63 26.35 -31.65
N GLU C 778 32.98 26.26 -32.93
CA GLU C 778 34.34 26.56 -33.35
C GLU C 778 34.69 28.03 -33.09
N ARG C 779 33.79 28.94 -33.47
CA ARG C 779 34.07 30.35 -33.27
C ARG C 779 34.05 30.71 -31.79
N LEU C 780 33.10 30.15 -31.04
CA LEU C 780 33.03 30.42 -29.60
C LEU C 780 34.25 29.88 -28.87
N GLY C 781 34.67 28.66 -29.20
CA GLY C 781 35.82 28.07 -28.52
C GLY C 781 37.10 28.82 -28.79
N LYS C 782 37.26 29.32 -30.02
CA LYS C 782 38.45 30.08 -30.37
C LYS C 782 38.50 31.39 -29.60
N ILE C 783 37.41 32.16 -29.63
CA ILE C 783 37.41 33.47 -28.97
C ILE C 783 37.52 33.31 -27.47
N MET C 784 36.88 32.30 -26.89
CA MET C 784 37.03 32.05 -25.46
C MET C 784 38.48 31.76 -25.10
N SER C 785 39.19 31.00 -25.95
CA SER C 785 40.60 30.73 -25.68
C SER C 785 41.42 32.01 -25.73
N TRP C 786 41.14 32.88 -26.71
CA TRP C 786 41.77 34.20 -26.72
C TRP C 786 41.47 34.95 -25.43
N MET C 787 40.19 34.96 -25.02
CA MET C 787 39.78 35.68 -23.82
C MET C 787 40.51 35.13 -22.60
N GLN C 788 40.64 33.80 -22.53
CA GLN C 788 41.38 33.18 -21.42
C GLN C 788 42.88 33.45 -21.53
N ALA C 789 43.39 33.65 -22.75
CA ALA C 789 44.79 34.01 -22.90
C ALA C 789 45.04 35.42 -22.38
N TRP C 790 44.13 36.35 -22.67
CA TRP C 790 44.22 37.71 -22.14
C TRP C 790 44.06 37.72 -20.62
N ALA C 791 43.19 36.86 -20.09
CA ALA C 791 43.06 36.74 -18.64
C ALA C 791 44.37 36.26 -18.02
N ARG C 792 44.96 35.21 -18.59
CA ARG C 792 46.29 34.77 -18.15
C ARG C 792 47.31 35.88 -18.36
N GLY C 793 47.20 36.61 -19.46
CA GLY C 793 48.06 37.77 -19.66
C GLY C 793 47.88 38.80 -18.56
N TYR C 794 46.62 39.09 -18.20
CA TYR C 794 46.36 40.08 -17.15
C TYR C 794 46.95 39.62 -15.83
N LEU C 795 46.70 38.37 -15.45
CA LEU C 795 47.22 37.86 -14.19
C LEU C 795 48.73 37.78 -14.20
N SER C 796 49.32 37.35 -15.33
CA SER C 796 50.76 37.24 -15.42
C SER C 796 51.42 38.61 -15.29
N ARG C 797 50.91 39.61 -16.01
CA ARG C 797 51.50 40.94 -15.93
C ARG C 797 51.34 41.55 -14.54
N LYS C 798 50.25 41.22 -13.84
CA LYS C 798 50.11 41.67 -12.46
C LYS C 798 51.24 41.14 -11.60
N GLY C 799 51.54 39.85 -11.73
CA GLY C 799 52.66 39.29 -10.99
C GLY C 799 53.98 39.91 -11.38
N PHE C 800 54.19 40.14 -12.67
CA PHE C 800 55.45 40.73 -13.14
C PHE C 800 55.66 42.11 -12.53
N LYS C 801 54.60 42.91 -12.42
CA LYS C 801 54.72 44.23 -11.80
C LYS C 801 55.15 44.13 -10.34
N LYS C 802 54.76 43.05 -9.65
CA LYS C 802 55.22 42.85 -8.28
C LYS C 802 56.74 42.75 -8.23
N LEU C 803 57.32 41.98 -9.15
CA LEU C 803 58.76 41.75 -9.14
C LEU C 803 59.52 43.04 -9.43
N GLN C 804 59.13 43.77 -10.47
CA GLN C 804 59.89 44.93 -10.92
C GLN C 804 59.62 46.19 -10.09
N GLU C 805 58.72 46.13 -9.11
CA GLU C 805 58.39 47.29 -8.29
C GLU C 805 58.97 47.23 -6.89
N GLN C 806 59.45 46.07 -6.44
CA GLN C 806 59.96 45.92 -5.08
C GLN C 806 61.24 46.74 -4.92
N ARG C 807 61.13 47.87 -4.23
CA ARG C 807 62.26 48.73 -3.91
C ARG C 807 62.59 48.60 -2.41
N VAL C 808 63.69 49.23 -2.01
CA VAL C 808 64.11 49.23 -0.62
C VAL C 808 64.78 50.57 -0.32
N ALA C 809 64.83 50.92 0.97
CA ALA C 809 65.27 52.26 1.38
C ALA C 809 66.78 52.42 1.32
N LEU C 810 67.55 51.36 1.59
CA LEU C 810 69.00 51.45 1.60
C LEU C 810 69.62 50.92 0.32
N PRO D 5 62.43 56.20 -22.45
CA PRO D 5 61.26 55.36 -22.14
C PRO D 5 61.38 53.94 -22.68
N LYS D 6 62.62 53.44 -22.75
CA LYS D 6 62.90 52.04 -23.08
C LYS D 6 62.42 51.64 -24.45
N ARG D 7 63.35 51.23 -25.32
CA ARG D 7 63.04 50.65 -26.61
C ARG D 7 62.55 49.21 -26.45
N GLU D 8 62.00 48.67 -27.53
CA GLU D 8 61.46 47.32 -27.51
C GLU D 8 62.50 46.32 -27.03
N VAL D 9 63.69 46.34 -27.63
CA VAL D 9 64.72 45.37 -27.29
C VAL D 9 65.12 45.52 -25.82
N GLU D 10 65.04 46.74 -25.28
CA GLU D 10 65.36 46.93 -23.87
C GLU D 10 64.33 46.26 -22.98
N ASN D 11 63.05 46.36 -23.34
CA ASN D 11 62.02 45.64 -22.60
C ASN D 11 62.27 44.13 -22.61
N VAL D 12 62.65 43.59 -23.78
CA VAL D 12 62.94 42.16 -23.86
C VAL D 12 64.10 41.80 -22.94
N GLU D 13 65.20 42.56 -23.03
CA GLU D 13 66.34 42.29 -22.17
C GLU D 13 65.95 42.36 -20.70
N PHE D 14 65.11 43.34 -20.34
CA PHE D 14 64.69 43.44 -18.95
C PHE D 14 63.91 42.21 -18.51
N VAL D 15 63.06 41.67 -19.38
CA VAL D 15 62.31 40.46 -19.02
C VAL D 15 63.26 39.30 -18.78
N PHE D 16 64.39 39.25 -19.50
CA PHE D 16 65.40 38.23 -19.24
C PHE D 16 66.20 38.51 -17.98
N GLU D 17 66.43 39.78 -17.66
CA GLU D 17 67.08 40.10 -16.39
C GLU D 17 66.23 39.65 -15.21
N VAL D 18 64.91 39.86 -15.29
CA VAL D 18 64.04 39.54 -14.17
C VAL D 18 63.75 38.05 -14.11
N MET D 19 63.57 37.41 -15.27
CA MET D 19 62.96 36.10 -15.33
C MET D 19 63.95 34.97 -15.58
N GLY D 20 65.13 35.27 -16.12
CA GLY D 20 66.10 34.27 -16.47
C GLY D 20 67.41 34.42 -15.71
N SER D 21 68.35 33.57 -16.07
CA SER D 21 69.69 33.60 -15.52
C SER D 21 70.68 34.12 -16.56
N PRO D 22 71.76 34.78 -16.15
CA PRO D 22 72.70 35.35 -17.13
C PRO D 22 73.18 34.33 -18.16
N GLY D 23 73.48 33.11 -17.72
CA GLY D 23 73.97 32.09 -18.63
C GLY D 23 72.88 31.37 -19.40
N GLU D 24 71.95 30.76 -18.67
CA GLU D 24 70.98 29.86 -19.29
C GLU D 24 69.90 30.62 -20.08
N GLY D 25 69.58 31.83 -19.65
CA GLY D 25 68.41 32.50 -20.18
C GLY D 25 67.19 32.19 -19.33
N ILE D 26 66.02 32.10 -19.96
CA ILE D 26 64.78 31.79 -19.24
C ILE D 26 64.51 30.30 -19.37
N ASP D 27 63.79 29.77 -18.39
CA ASP D 27 63.32 28.40 -18.46
C ASP D 27 62.08 28.34 -19.35
N ALA D 28 61.99 27.29 -20.16
CA ALA D 28 60.90 27.20 -21.12
C ALA D 28 59.53 27.08 -20.45
N VAL D 29 59.49 26.76 -19.15
CA VAL D 29 58.22 26.73 -18.45
C VAL D 29 57.69 28.15 -18.23
N ASP D 30 58.57 29.15 -18.30
CA ASP D 30 58.21 30.55 -18.13
C ASP D 30 58.06 31.28 -19.46
N LEU D 31 58.12 30.57 -20.58
CA LEU D 31 58.02 31.22 -21.88
C LEU D 31 56.72 32.03 -21.99
N GLY D 32 55.60 31.42 -21.61
CA GLY D 32 54.33 32.13 -21.66
C GLY D 32 54.36 33.41 -20.85
N ASP D 33 54.88 33.35 -19.63
CA ASP D 33 54.88 34.53 -18.77
C ASP D 33 55.87 35.57 -19.28
N ALA D 34 56.95 35.15 -19.94
CA ALA D 34 57.87 36.10 -20.54
C ALA D 34 57.18 36.88 -21.65
N LEU D 35 56.45 36.17 -22.52
CA LEU D 35 55.73 36.83 -23.60
C LEU D 35 54.63 37.73 -23.06
N ARG D 36 53.93 37.29 -22.02
CA ARG D 36 52.88 38.11 -21.42
C ARG D 36 53.47 39.38 -20.82
N ALA D 37 54.65 39.28 -20.21
CA ALA D 37 55.29 40.45 -19.63
C ALA D 37 55.60 41.52 -20.67
N LEU D 38 55.73 41.13 -21.93
CA LEU D 38 55.92 42.05 -23.04
C LEU D 38 54.61 42.43 -23.70
N ASN D 39 53.49 42.26 -23.01
CA ASN D 39 52.16 42.69 -23.45
C ASN D 39 51.60 41.84 -24.58
N LEU D 40 52.04 40.61 -24.71
CA LEU D 40 51.41 39.66 -25.61
C LEU D 40 50.45 38.78 -24.82
N ASN D 41 49.55 38.11 -25.54
CA ASN D 41 48.53 37.26 -24.93
C ASN D 41 48.36 35.98 -25.73
N PRO D 42 49.43 35.19 -25.84
CA PRO D 42 49.33 33.93 -26.60
C PRO D 42 48.48 32.91 -25.85
N THR D 43 47.77 32.09 -26.63
CA THR D 43 47.08 30.94 -26.07
C THR D 43 48.09 29.88 -25.61
N LEU D 44 47.60 28.95 -24.78
CA LEU D 44 48.43 27.84 -24.34
C LEU D 44 48.90 27.00 -25.52
N ALA D 45 48.05 26.84 -26.54
CA ALA D 45 48.43 26.06 -27.70
C ALA D 45 49.56 26.73 -28.48
N LEU D 46 49.50 28.05 -28.61
CA LEU D 46 50.56 28.77 -29.32
C LEU D 46 51.87 28.72 -28.55
N ILE D 47 51.79 28.80 -27.21
CA ILE D 47 53.00 28.70 -26.39
C ILE D 47 53.66 27.34 -26.59
N GLU D 48 52.85 26.28 -26.54
CA GLU D 48 53.40 24.93 -26.68
C GLU D 48 53.97 24.72 -28.08
N LYS D 49 53.28 25.23 -29.10
CA LYS D 49 53.75 25.08 -30.47
C LYS D 49 55.14 25.68 -30.65
N LEU D 50 55.46 26.73 -29.90
CA LEU D 50 56.73 27.44 -30.05
C LEU D 50 57.76 27.03 -29.01
N GLY D 51 57.55 25.93 -28.29
CA GLY D 51 58.57 25.34 -27.45
C GLY D 51 58.33 25.45 -25.96
N GLY D 52 57.18 25.97 -25.55
CA GLY D 52 56.90 26.04 -24.12
C GLY D 52 56.85 24.66 -23.51
N THR D 53 57.32 24.55 -22.27
CA THR D 53 57.29 23.31 -21.51
C THR D 53 56.39 23.46 -20.30
N LYS D 54 56.14 22.35 -19.63
CA LYS D 54 55.24 22.32 -18.48
C LYS D 54 55.93 21.95 -17.17
N LYS D 55 57.14 21.41 -17.21
CA LYS D 55 57.92 21.18 -16.01
C LYS D 55 59.25 21.92 -16.12
N ARG D 56 59.65 22.54 -15.01
CA ARG D 56 60.85 23.35 -14.98
C ARG D 56 62.09 22.50 -15.23
N ASN D 57 63.14 23.15 -15.76
CA ASN D 57 64.47 22.57 -15.94
C ASN D 57 64.51 21.50 -17.01
N GLU D 58 63.51 21.43 -17.89
CA GLU D 58 63.60 20.56 -19.07
C GLU D 58 64.25 21.26 -20.25
N LYS D 59 64.14 22.58 -20.34
CA LYS D 59 64.58 23.31 -21.51
C LYS D 59 64.84 24.76 -21.12
N LYS D 60 65.94 25.31 -21.63
CA LYS D 60 66.29 26.71 -21.44
C LYS D 60 66.26 27.42 -22.79
N ILE D 61 65.94 28.72 -22.75
CA ILE D 61 65.78 29.53 -23.95
C ILE D 61 66.67 30.76 -23.83
N LYS D 62 67.66 30.88 -24.71
CA LYS D 62 68.52 32.04 -24.73
C LYS D 62 67.81 33.21 -25.42
N LEU D 63 68.34 34.41 -25.21
CA LEU D 63 67.77 35.62 -25.82
C LEU D 63 67.65 35.46 -27.33
N ASP D 64 68.74 35.04 -27.99
CA ASP D 64 68.73 34.91 -29.44
C ASP D 64 67.76 33.84 -29.92
N GLU D 65 67.40 32.89 -29.05
CA GLU D 65 66.34 31.95 -29.39
C GLU D 65 64.97 32.53 -29.07
N PHE D 66 64.89 33.42 -28.08
CA PHE D 66 63.62 34.00 -27.70
C PHE D 66 63.14 35.01 -28.74
N LEU D 67 64.05 35.83 -29.27
CA LEU D 67 63.65 36.90 -30.19
C LEU D 67 62.81 36.41 -31.36
N PRO D 68 63.16 35.34 -32.07
CA PRO D 68 62.29 34.88 -33.16
C PRO D 68 60.95 34.35 -32.67
N ILE D 69 60.90 33.77 -31.48
CA ILE D 69 59.62 33.35 -30.90
C ILE D 69 58.77 34.58 -30.60
N TYR D 70 59.35 35.55 -29.89
CA TYR D 70 58.66 36.79 -29.60
C TYR D 70 58.13 37.45 -30.87
N SER D 71 59.00 37.57 -31.88
CA SER D 71 58.61 38.22 -33.13
C SER D 71 57.41 37.52 -33.79
N GLN D 72 57.42 36.18 -33.79
CA GLN D 72 56.32 35.45 -34.42
C GLN D 72 55.00 35.70 -33.71
N VAL D 73 55.01 35.62 -32.37
CA VAL D 73 53.78 35.88 -31.61
C VAL D 73 53.30 37.30 -31.87
N LYS D 74 54.23 38.25 -31.93
CA LYS D 74 53.83 39.67 -32.05
C LYS D 74 53.23 39.97 -33.41
N LYS D 75 53.67 39.26 -34.47
CA LYS D 75 53.16 39.47 -35.81
C LYS D 75 51.91 38.65 -36.12
N GLU D 76 51.58 37.66 -35.30
CA GLU D 76 50.35 36.90 -35.52
C GLU D 76 49.15 37.76 -35.15
N LYS D 77 48.28 38.02 -36.13
CA LYS D 77 47.24 39.02 -35.95
C LYS D 77 46.04 38.48 -35.16
N GLU D 78 45.61 37.26 -35.46
CA GLU D 78 44.36 36.72 -34.91
C GLU D 78 44.64 36.13 -33.53
N GLN D 79 44.57 37.00 -32.51
CA GLN D 79 44.73 36.55 -31.13
C GLN D 79 43.75 37.23 -30.19
N GLY D 80 42.72 37.89 -30.70
CA GLY D 80 41.68 38.45 -29.87
C GLY D 80 41.98 39.87 -29.43
N CYS D 81 40.93 40.53 -28.95
CA CYS D 81 41.03 41.89 -28.45
C CYS D 81 39.72 42.20 -27.73
N TYR D 82 39.67 43.38 -27.11
CA TYR D 82 38.47 43.83 -26.42
C TYR D 82 37.24 43.68 -27.30
N GLU D 83 37.30 44.19 -28.53
CA GLU D 83 36.13 44.19 -29.40
C GLU D 83 35.63 42.78 -29.68
N ASP D 84 36.56 41.84 -29.89
CA ASP D 84 36.17 40.45 -30.12
C ASP D 84 35.44 39.87 -28.91
N PHE D 85 35.92 40.21 -27.71
CA PHE D 85 35.30 39.67 -26.51
C PHE D 85 33.93 40.29 -26.24
N ILE D 86 33.74 41.54 -26.65
CA ILE D 86 32.41 42.15 -26.57
C ILE D 86 31.42 41.34 -27.42
N GLU D 87 31.78 41.06 -28.66
CA GLU D 87 30.90 40.29 -29.54
C GLU D 87 30.65 38.90 -28.97
N CYS D 88 31.67 38.29 -28.38
CA CYS D 88 31.51 36.95 -27.83
C CYS D 88 30.50 36.92 -26.70
N LEU D 89 30.58 37.88 -25.78
CA LEU D 89 29.68 37.89 -24.64
C LEU D 89 28.28 38.39 -24.97
N LYS D 90 28.09 39.01 -26.14
CA LYS D 90 26.74 39.31 -26.58
C LYS D 90 25.90 38.04 -26.72
N LEU D 91 26.55 36.89 -26.95
CA LEU D 91 25.85 35.62 -27.02
C LEU D 91 25.11 35.30 -25.73
N TYR D 92 25.50 35.91 -24.61
CA TYR D 92 24.84 35.71 -23.33
C TYR D 92 24.01 36.93 -22.94
N ASP D 93 23.85 37.90 -23.84
CA ASP D 93 23.21 39.17 -23.55
C ASP D 93 21.81 39.14 -24.17
N LYS D 94 20.88 38.50 -23.45
CA LYS D 94 19.52 38.33 -23.97
C LYS D 94 18.86 39.67 -24.24
N GLU D 95 18.97 40.60 -23.29
CA GLU D 95 18.31 41.90 -23.40
C GLU D 95 19.06 42.87 -24.31
N GLU D 96 20.24 42.50 -24.81
CA GLU D 96 21.05 43.40 -25.63
C GLU D 96 21.29 44.72 -24.90
N ASN D 97 21.56 44.65 -23.60
CA ASN D 97 21.80 45.82 -22.78
C ASN D 97 23.17 45.80 -22.11
N GLY D 98 24.11 45.03 -22.65
CA GLY D 98 25.45 45.00 -22.12
C GLY D 98 25.61 44.28 -20.80
N THR D 99 24.66 43.43 -20.42
CA THR D 99 24.72 42.68 -19.18
C THR D 99 24.60 41.19 -19.48
N MET D 100 25.06 40.38 -18.52
CA MET D 100 24.92 38.94 -18.59
C MET D 100 24.95 38.41 -17.17
N LEU D 101 24.63 37.14 -17.02
CA LEU D 101 24.68 36.51 -15.71
C LEU D 101 26.13 36.21 -15.33
N LEU D 102 26.55 36.70 -14.16
CA LEU D 102 27.89 36.41 -13.69
C LEU D 102 28.17 34.91 -13.72
N ALA D 103 27.17 34.11 -13.34
CA ALA D 103 27.36 32.65 -13.33
C ALA D 103 27.63 32.11 -14.73
N GLU D 104 27.03 32.71 -15.76
CA GLU D 104 27.30 32.27 -17.12
C GLU D 104 28.75 32.55 -17.52
N LEU D 105 29.26 33.73 -17.20
CA LEU D 105 30.64 34.05 -17.54
C LEU D 105 31.61 33.17 -16.77
N GLN D 106 31.35 32.96 -15.47
CA GLN D 106 32.23 32.12 -14.68
C GLN D 106 32.29 30.71 -15.24
N HIS D 107 31.14 30.17 -15.67
CA HIS D 107 31.13 28.82 -16.22
C HIS D 107 31.90 28.75 -17.54
N ALA D 108 31.66 29.71 -18.44
CA ALA D 108 32.35 29.71 -19.72
C ALA D 108 33.86 29.71 -19.54
N LEU D 109 34.36 30.57 -18.64
CA LEU D 109 35.80 30.63 -18.40
C LEU D 109 36.34 29.33 -17.83
N LEU D 110 35.51 28.58 -17.09
CA LEU D 110 35.94 27.36 -16.43
C LEU D 110 35.64 26.10 -17.23
N ALA D 111 34.91 26.19 -18.34
CA ALA D 111 34.46 25.01 -19.07
C ALA D 111 34.73 25.03 -20.55
N LEU D 112 34.97 26.19 -21.16
CA LEU D 112 35.20 26.29 -22.60
C LEU D 112 36.66 26.63 -22.89
N GLY D 113 37.02 26.47 -24.16
CA GLY D 113 38.33 26.91 -24.63
C GLY D 113 39.47 26.26 -23.88
N GLU D 114 40.37 27.10 -23.37
CA GLU D 114 41.49 26.68 -22.53
C GLU D 114 41.14 27.12 -21.11
N SER D 115 40.33 26.31 -20.44
CA SER D 115 39.65 26.74 -19.23
C SER D 115 40.64 27.14 -18.14
N LEU D 116 40.30 28.21 -17.43
CA LEU D 116 41.04 28.63 -16.24
C LEU D 116 40.64 27.75 -15.06
N ASP D 117 41.27 27.98 -13.91
CA ASP D 117 40.88 27.32 -12.66
C ASP D 117 40.14 28.31 -11.77
N ASP D 118 39.56 27.76 -10.70
CA ASP D 118 38.71 28.55 -9.82
C ASP D 118 39.47 29.75 -9.24
N GLU D 119 40.73 29.54 -8.85
CA GLU D 119 41.50 30.61 -8.24
C GLU D 119 41.77 31.74 -9.23
N GLN D 120 42.11 31.38 -10.48
CA GLN D 120 42.35 32.40 -11.50
C GLN D 120 41.11 33.26 -11.70
N VAL D 121 39.95 32.63 -11.88
CA VAL D 121 38.71 33.38 -12.08
C VAL D 121 38.41 34.23 -10.86
N GLU D 122 38.61 33.69 -9.66
CA GLU D 122 38.37 34.44 -8.44
C GLU D 122 39.20 35.71 -8.41
N THR D 123 40.51 35.59 -8.64
CA THR D 123 41.36 36.78 -8.69
C THR D 123 40.94 37.69 -9.83
N LEU D 124 40.60 37.12 -10.98
CA LEU D 124 40.25 37.93 -12.14
C LEU D 124 39.00 38.77 -11.88
N PHE D 125 37.98 38.17 -11.27
CA PHE D 125 36.75 38.93 -10.97
C PHE D 125 36.98 39.94 -9.87
N ALA D 126 37.73 39.57 -8.84
CA ALA D 126 38.01 40.49 -7.75
C ALA D 126 38.66 41.77 -8.25
N ASP D 127 39.52 41.67 -9.26
CA ASP D 127 40.22 42.83 -9.79
C ASP D 127 39.42 43.59 -10.84
N CYS D 128 38.60 42.91 -11.63
CA CYS D 128 38.03 43.52 -12.82
C CYS D 128 36.50 43.53 -12.86
N MET D 129 35.82 42.75 -12.04
CA MET D 129 34.37 42.57 -12.15
C MET D 129 33.65 43.50 -11.18
N ASP D 130 32.62 44.17 -11.67
CA ASP D 130 31.77 44.99 -10.82
C ASP D 130 30.82 44.10 -10.03
N PRO D 131 30.23 44.63 -8.94
CA PRO D 131 29.27 43.83 -8.17
C PRO D 131 28.02 43.49 -8.98
N GLU D 132 27.47 42.31 -8.72
CA GLU D 132 26.33 41.81 -9.47
C GLU D 132 25.02 42.38 -8.93
N ASP D 133 23.95 42.18 -9.70
CA ASP D 133 22.60 42.54 -9.28
C ASP D 133 22.09 41.58 -8.20
N ASP D 134 20.87 41.83 -7.74
CA ASP D 134 20.14 40.80 -7.02
C ASP D 134 19.77 39.64 -7.93
N GLU D 135 19.53 39.93 -9.22
CA GLU D 135 19.26 38.92 -10.22
C GLU D 135 20.51 38.18 -10.67
N GLY D 136 21.69 38.61 -10.25
CA GLY D 136 22.93 37.94 -10.60
C GLY D 136 23.58 38.42 -11.88
N PHE D 137 23.17 39.57 -12.39
CA PHE D 137 23.73 40.12 -13.63
C PHE D 137 24.89 41.06 -13.34
N ILE D 138 25.77 41.19 -14.31
CA ILE D 138 26.88 42.14 -14.25
C ILE D 138 27.02 42.82 -15.61
N PRO D 139 27.64 44.00 -15.64
CA PRO D 139 28.01 44.59 -16.93
C PRO D 139 29.37 44.04 -17.37
N TYR D 140 29.43 43.44 -18.56
CA TYR D 140 30.66 42.78 -18.99
C TYR D 140 31.62 43.69 -19.73
N SER D 141 31.14 44.82 -20.25
CA SER D 141 32.04 45.74 -20.94
C SER D 141 33.10 46.33 -20.01
N PRO D 142 32.76 46.82 -18.81
CA PRO D 142 33.83 47.33 -17.93
C PRO D 142 34.78 46.24 -17.47
N PHE D 143 34.28 45.02 -17.26
CA PHE D 143 35.16 43.90 -16.91
C PHE D 143 36.18 43.68 -18.02
N LEU D 144 35.73 43.67 -19.27
CA LEU D 144 36.64 43.43 -20.39
C LEU D 144 37.61 44.58 -20.58
N ALA D 145 37.14 45.81 -20.35
CA ALA D 145 38.02 46.97 -20.51
C ALA D 145 39.16 46.93 -19.50
N ARG D 146 38.85 46.51 -18.27
CA ARG D 146 39.91 46.38 -17.26
C ARG D 146 40.83 45.22 -17.59
N MET D 147 40.28 44.08 -18.01
CA MET D 147 41.11 42.90 -18.25
C MET D 147 42.05 43.13 -19.43
N CYS D 148 41.60 43.88 -20.45
CA CYS D 148 42.36 44.09 -21.67
C CYS D 148 43.17 45.38 -21.64
N ASP D 149 43.22 46.06 -20.51
CA ASP D 149 43.89 47.36 -20.40
C ASP D 149 43.42 48.30 -21.51
N ARG D 150 42.10 48.47 -21.58
CA ARG D 150 41.46 49.38 -22.52
C ARG D 150 40.70 50.46 -21.75
N PRO D 151 41.42 51.30 -21.00
CA PRO D 151 40.74 52.36 -20.24
C PRO D 151 40.00 53.35 -21.13
N ASP D 152 40.32 53.41 -22.41
CA ASP D 152 39.56 54.26 -23.33
C ASP D 152 38.09 53.86 -23.39
N GLN D 153 37.75 52.64 -22.97
CA GLN D 153 36.38 52.14 -23.05
C GLN D 153 35.66 52.13 -21.71
N LEU D 154 36.32 52.59 -20.64
CA LEU D 154 35.68 52.66 -19.32
C LEU D 154 34.80 53.91 -19.23
N LYS D 155 33.82 53.97 -20.13
CA LYS D 155 32.89 55.09 -20.20
C LYS D 155 31.60 54.74 -19.50
#